data_5TUK
#
_entry.id   5TUK
#
_cell.length_a   83.490
_cell.length_b   81.690
_cell.length_c   127.130
_cell.angle_alpha   90.00
_cell.angle_beta   96.79
_cell.angle_gamma   90.00
#
_symmetry.space_group_name_H-M   'P 1 21 1'
#
loop_
_entity.id
_entity.type
_entity.pdbx_description
1 polymer 'Tetracycline destructase Tet(51)'
2 non-polymer GLYCEROL
3 non-polymer 'FLAVIN-ADENINE DINUCLEOTIDE'
4 water water
#
_entity_poly.entity_id   1
_entity_poly.type   'polypeptide(L)'
_entity_poly.pdbx_seq_one_letter_code
;MGSSHHHHHHSSGLVPRGSHMMPIINKILVIGAGIAGPAVCYWLRRFGFSPILVERCANLRKGGHAVDIRGVAIDLAKSM
GIYKKICNMRTQVELGRYVDAEGNILHEEKGERFGFREGDDIEILRGDLVQILIDAMGDVPCHFNQWVESIKQRDNDVEV
QFKDGRTELYDLVIGADGLHSTTRRMVFDKDEYKLTNLGAYFSAFSIPNYLNLNHTDVQFEANQKLISMASDKNPKIAIT
GFCFRAQNVLNNLRDENEQRRFLRDTFQDFGWETSKILELMSDSNDFYFDSFTQVKMKSWTKGRVALVGDAGYCASPFPG
QGSNQALVGAYIFAGELKQAEGNYHRAFNRYNELLQPFVEANQKFGVLVNESFLVRDEVSKEVAEERSNKIMQEIKIVSN
MISLPNYE
;
_entity_poly.pdbx_strand_id   A,B,C,D
#
loop_
_chem_comp.id
_chem_comp.type
_chem_comp.name
_chem_comp.formula
FAD non-polymer 'FLAVIN-ADENINE DINUCLEOTIDE' 'C27 H33 N9 O15 P2'
GOL non-polymer GLYCEROL 'C3 H8 O3'
#
# COMPACT_ATOMS: atom_id res chain seq x y z
N MET A 22 -21.69 21.53 17.09
CA MET A 22 -20.87 22.63 17.65
C MET A 22 -21.32 23.95 16.97
N PRO A 23 -20.58 25.07 17.15
CA PRO A 23 -21.11 26.35 16.66
C PRO A 23 -21.62 26.34 15.23
N ILE A 24 -22.79 26.91 15.01
CA ILE A 24 -23.40 26.91 13.67
C ILE A 24 -22.55 27.76 12.73
N ILE A 25 -22.33 27.22 11.54
CA ILE A 25 -21.70 27.93 10.44
C ILE A 25 -22.81 28.52 9.60
N ASN A 26 -22.76 29.83 9.36
CA ASN A 26 -23.73 30.47 8.50
C ASN A 26 -23.13 31.43 7.48
N LYS A 27 -22.47 32.49 7.96
CA LYS A 27 -21.96 33.54 7.08
C LYS A 27 -20.65 33.13 6.40
N ILE A 28 -20.65 33.06 5.07
CA ILE A 28 -19.50 32.57 4.31
C ILE A 28 -19.17 33.53 3.17
N LEU A 29 -17.91 33.95 3.10
CA LEU A 29 -17.44 34.80 2.01
C LEU A 29 -16.93 33.91 0.90
N VAL A 30 -17.40 34.21 -0.32
CA VAL A 30 -16.98 33.51 -1.51
C VAL A 30 -16.34 34.51 -2.43
N ILE A 31 -15.07 34.28 -2.74
CA ILE A 31 -14.28 35.22 -3.52
C ILE A 31 -14.11 34.74 -4.95
N GLY A 32 -14.72 35.51 -5.86
CA GLY A 32 -14.69 35.37 -7.31
C GLY A 32 -15.98 34.88 -7.95
N ALA A 33 -16.41 35.58 -8.98
CA ALA A 33 -17.65 35.18 -9.64
C ALA A 33 -17.38 34.73 -11.05
N GLY A 34 -16.91 33.50 -11.09
CA GLY A 34 -16.61 32.73 -12.28
C GLY A 34 -17.67 31.67 -12.38
N ILE A 35 -17.22 30.44 -12.59
CA ILE A 35 -18.05 29.24 -12.50
C ILE A 35 -18.18 28.73 -11.07
N ALA A 36 -17.03 28.43 -10.46
CA ALA A 36 -16.98 27.86 -9.12
C ALA A 36 -17.68 28.72 -8.04
N GLY A 37 -17.47 30.03 -8.09
CA GLY A 37 -18.03 30.90 -7.06
C GLY A 37 -19.55 30.92 -7.08
N PRO A 38 -20.14 31.24 -8.22
CA PRO A 38 -21.60 31.24 -8.27
C PRO A 38 -22.20 29.85 -8.01
N ALA A 39 -21.54 28.78 -8.45
CA ALA A 39 -22.04 27.43 -8.20
C ALA A 39 -22.02 27.11 -6.72
N VAL A 40 -20.93 27.44 -6.03
CA VAL A 40 -20.85 27.08 -4.63
C VAL A 40 -21.79 27.98 -3.82
N CYS A 41 -22.05 29.21 -4.28
CA CYS A 41 -23.04 30.04 -3.61
C CYS A 41 -24.43 29.41 -3.73
N TYR A 42 -24.75 28.94 -4.92
CA TYR A 42 -26.03 28.27 -5.16
C TYR A 42 -26.24 27.18 -4.14
N TRP A 43 -25.26 26.27 -4.01
CA TRP A 43 -25.45 25.10 -3.17
C TRP A 43 -25.40 25.43 -1.68
N LEU A 44 -24.51 26.35 -1.30
CA LEU A 44 -24.46 26.82 0.08
C LEU A 44 -25.79 27.43 0.52
N ARG A 45 -26.38 28.26 -0.32
CA ARG A 45 -27.65 28.89 0.02
C ARG A 45 -28.77 27.84 0.05
N ARG A 46 -28.77 26.95 -0.92
CA ARG A 46 -29.79 25.90 -0.97
C ARG A 46 -29.74 25.00 0.27
N PHE A 47 -28.54 24.73 0.77
CA PHE A 47 -28.32 23.84 1.90
C PHE A 47 -28.36 24.57 3.25
N GLY A 48 -28.76 25.84 3.23
CA GLY A 48 -29.08 26.57 4.45
C GLY A 48 -28.02 27.50 5.02
N PHE A 49 -26.99 27.83 4.24
CA PHE A 49 -25.99 28.78 4.71
C PHE A 49 -26.25 30.14 4.08
N SER A 50 -25.43 31.12 4.43
CA SER A 50 -25.59 32.48 3.96
C SER A 50 -24.35 32.97 3.26
N PRO A 51 -24.14 32.49 2.03
CA PRO A 51 -22.95 32.93 1.31
C PRO A 51 -23.09 34.36 0.82
N ILE A 52 -21.95 35.02 0.69
CA ILE A 52 -21.84 36.37 0.17
C ILE A 52 -20.77 36.36 -0.92
N LEU A 53 -21.14 36.74 -2.14
CA LEU A 53 -20.21 36.68 -3.27
C LEU A 53 -19.57 38.05 -3.54
N VAL A 54 -18.24 38.07 -3.64
CA VAL A 54 -17.54 39.29 -4.01
C VAL A 54 -16.67 39.05 -5.25
N GLU A 55 -16.60 40.07 -6.09
CA GLU A 55 -15.84 40.04 -7.33
C GLU A 55 -14.98 41.30 -7.39
N ARG A 56 -13.76 41.14 -7.89
CA ARG A 56 -12.78 42.23 -7.97
C ARG A 56 -13.12 43.15 -9.14
N CYS A 57 -13.51 42.55 -10.26
CA CYS A 57 -13.92 43.31 -11.43
C CYS A 57 -15.19 44.14 -11.14
N ALA A 58 -15.40 45.19 -11.92
CA ALA A 58 -16.54 46.11 -11.74
C ALA A 58 -17.88 45.52 -12.20
N ASN A 59 -17.82 44.43 -12.94
CA ASN A 59 -19.01 43.75 -13.41
C ASN A 59 -18.69 42.29 -13.64
N LEU A 60 -19.70 41.50 -14.00
CA LEU A 60 -19.50 40.09 -14.27
C LEU A 60 -18.62 39.95 -15.49
N ARG A 61 -17.63 39.07 -15.40
CA ARG A 61 -16.76 38.81 -16.54
C ARG A 61 -17.27 37.61 -17.30
N LYS A 62 -17.88 37.88 -18.45
CA LYS A 62 -18.53 36.86 -19.26
C LYS A 62 -17.78 36.48 -20.53
N GLY A 63 -16.55 36.93 -20.67
CA GLY A 63 -15.73 36.50 -21.79
C GLY A 63 -15.43 35.02 -21.71
N GLY A 64 -14.77 34.49 -22.75
CA GLY A 64 -14.33 33.11 -22.79
C GLY A 64 -15.03 32.22 -23.79
N HIS A 65 -14.32 31.16 -24.15
CA HIS A 65 -14.77 30.21 -25.15
C HIS A 65 -15.84 29.30 -24.61
N ALA A 66 -16.39 28.47 -25.48
CA ALA A 66 -17.37 27.48 -25.11
C ALA A 66 -16.77 26.50 -24.10
N VAL A 67 -17.57 26.04 -23.17
CA VAL A 67 -17.17 24.99 -22.24
C VAL A 67 -18.07 23.77 -22.40
N ASP A 68 -17.57 22.62 -21.98
CA ASP A 68 -18.30 21.35 -22.11
C ASP A 68 -18.77 20.85 -20.75
N ILE A 69 -20.08 20.73 -20.61
CA ILE A 69 -20.66 20.19 -19.39
C ILE A 69 -20.94 18.72 -19.65
N ARG A 70 -20.25 17.87 -18.89
CA ARG A 70 -20.23 16.42 -19.12
C ARG A 70 -20.63 15.61 -17.90
N GLY A 71 -21.14 14.41 -18.14
CA GLY A 71 -21.29 13.43 -17.07
C GLY A 71 -22.17 13.87 -15.91
N VAL A 72 -21.70 13.66 -14.68
CA VAL A 72 -22.51 13.92 -13.51
C VAL A 72 -22.83 15.41 -13.32
N ALA A 73 -22.07 16.28 -13.98
CA ALA A 73 -22.32 17.71 -13.89
C ALA A 73 -23.64 18.05 -14.58
N ILE A 74 -24.05 17.21 -15.52
CA ILE A 74 -25.34 17.37 -16.18
C ILE A 74 -26.47 17.05 -15.21
N ASP A 75 -26.31 15.98 -14.42
CA ASP A 75 -27.27 15.67 -13.37
C ASP A 75 -27.34 16.81 -12.35
N LEU A 76 -26.20 17.41 -12.01
CA LEU A 76 -26.23 18.58 -11.13
C LEU A 76 -27.03 19.71 -11.77
N ALA A 77 -26.84 19.96 -13.07
CA ALA A 77 -27.57 21.03 -13.76
C ALA A 77 -29.08 20.80 -13.69
N LYS A 78 -29.47 19.54 -13.80
CA LYS A 78 -30.88 19.17 -13.68
C LYS A 78 -31.40 19.48 -12.28
N SER A 79 -30.68 19.04 -11.25
CA SER A 79 -31.05 19.32 -9.87
C SER A 79 -31.11 20.82 -9.57
N MET A 80 -30.26 21.58 -10.25
CA MET A 80 -30.17 23.01 -10.06
C MET A 80 -31.26 23.78 -10.82
N GLY A 81 -32.04 23.06 -11.62
CA GLY A 81 -33.07 23.64 -12.44
C GLY A 81 -32.54 24.48 -13.58
N ILE A 82 -31.24 24.35 -13.91
CA ILE A 82 -30.67 25.10 -15.04
C ILE A 82 -30.45 24.30 -16.33
N TYR A 83 -30.79 23.02 -16.34
CA TYR A 83 -30.48 22.16 -17.49
C TYR A 83 -31.17 22.60 -18.78
N LYS A 84 -32.45 22.91 -18.69
CA LYS A 84 -33.17 23.40 -19.85
C LYS A 84 -32.59 24.73 -20.35
N LYS A 85 -32.21 25.63 -19.44
CA LYS A 85 -31.63 26.91 -19.85
C LYS A 85 -30.32 26.66 -20.59
N ILE A 86 -29.49 25.78 -20.04
CA ILE A 86 -28.22 25.45 -20.66
C ILE A 86 -28.42 24.80 -22.02
N CYS A 87 -29.38 23.89 -22.13
CA CYS A 87 -29.69 23.31 -23.44
C CYS A 87 -30.14 24.37 -24.44
N ASN A 88 -30.97 25.31 -23.97
CA ASN A 88 -31.44 26.40 -24.81
C ASN A 88 -30.31 27.30 -25.31
N MET A 89 -29.26 27.42 -24.52
CA MET A 89 -28.13 28.30 -24.86
C MET A 89 -26.96 27.55 -25.49
N ARG A 90 -27.13 26.27 -25.79
CA ARG A 90 -26.02 25.48 -26.29
C ARG A 90 -25.54 26.03 -27.64
N THR A 91 -24.26 25.78 -27.98
CA THR A 91 -23.70 26.28 -29.22
C THR A 91 -24.33 25.57 -30.42
N GLN A 92 -24.61 26.35 -31.46
CA GLN A 92 -25.19 25.89 -32.73
C GLN A 92 -24.26 25.95 -33.95
N VAL A 93 -22.95 25.93 -33.78
CA VAL A 93 -22.03 25.99 -34.92
C VAL A 93 -22.33 24.89 -35.95
N GLU A 94 -22.60 25.28 -37.19
CA GLU A 94 -22.92 24.31 -38.24
C GLU A 94 -21.74 23.90 -39.12
N LEU A 95 -20.72 24.74 -39.16
CA LEU A 95 -19.60 24.55 -40.09
C LEU A 95 -18.26 24.87 -39.43
N GLY A 96 -17.40 23.86 -39.29
CA GLY A 96 -16.01 24.08 -38.95
C GLY A 96 -15.20 24.24 -40.22
N ARG A 97 -14.31 25.20 -40.26
CA ARG A 97 -13.56 25.51 -41.46
C ARG A 97 -12.10 25.69 -41.09
N TYR A 98 -11.23 25.03 -41.84
CA TYR A 98 -9.78 25.11 -41.65
C TYR A 98 -9.15 25.73 -42.87
N VAL A 99 -8.35 26.78 -42.66
CA VAL A 99 -7.76 27.52 -43.77
C VAL A 99 -6.25 27.65 -43.63
N ASP A 100 -5.60 28.01 -44.73
CA ASP A 100 -4.18 28.29 -44.72
C ASP A 100 -3.99 29.81 -44.62
N ALA A 101 -2.74 30.26 -44.68
CA ALA A 101 -2.40 31.64 -44.41
C ALA A 101 -3.00 32.62 -45.41
N GLU A 102 -3.40 32.13 -46.58
CA GLU A 102 -4.08 32.95 -47.59
C GLU A 102 -5.60 32.78 -47.61
N GLY A 103 -6.13 31.98 -46.69
CA GLY A 103 -7.58 31.80 -46.63
C GLY A 103 -8.14 30.67 -47.49
N ASN A 104 -7.28 29.92 -48.18
CA ASN A 104 -7.74 28.73 -48.90
C ASN A 104 -8.31 27.71 -47.94
N ILE A 105 -9.41 27.07 -48.30
CA ILE A 105 -10.02 26.08 -47.43
C ILE A 105 -9.29 24.74 -47.54
N LEU A 106 -8.72 24.31 -46.43
CA LEU A 106 -8.03 23.04 -46.34
C LEU A 106 -8.98 21.90 -46.07
N HIS A 107 -9.95 22.15 -45.20
CA HIS A 107 -10.89 21.13 -44.78
C HIS A 107 -12.13 21.80 -44.21
N GLU A 108 -13.27 21.10 -44.24
CA GLU A 108 -14.50 21.55 -43.60
C GLU A 108 -15.17 20.39 -42.91
N GLU A 109 -15.74 20.62 -41.72
CA GLU A 109 -16.48 19.62 -40.98
C GLU A 109 -17.94 20.03 -40.79
N LYS A 110 -18.81 19.02 -40.70
CA LYS A 110 -20.25 19.20 -40.64
C LYS A 110 -20.72 20.20 -41.68
N ASP A 121 -23.94 15.46 -23.22
CA ASP A 121 -22.97 16.52 -22.93
C ASP A 121 -23.32 17.80 -23.70
N ILE A 122 -23.15 18.94 -23.05
CA ILE A 122 -23.60 20.22 -23.59
C ILE A 122 -22.46 21.21 -23.73
N GLU A 123 -22.35 21.83 -24.90
CA GLU A 123 -21.36 22.86 -25.14
C GLU A 123 -22.04 24.24 -25.13
N ILE A 124 -21.52 25.12 -24.29
CA ILE A 124 -22.16 26.41 -24.01
C ILE A 124 -21.07 27.46 -23.79
N LEU A 125 -21.28 28.66 -24.31
CA LEU A 125 -20.30 29.74 -24.09
C LEU A 125 -20.13 29.97 -22.59
N ARG A 126 -18.87 30.13 -22.16
CA ARG A 126 -18.56 30.36 -20.77
C ARG A 126 -19.43 31.46 -20.11
N GLY A 127 -19.55 32.61 -20.77
CA GLY A 127 -20.29 33.73 -20.22
C GLY A 127 -21.77 33.43 -20.03
N ASP A 128 -22.32 32.59 -20.89
CA ASP A 128 -23.72 32.19 -20.79
C ASP A 128 -23.92 31.31 -19.55
N LEU A 129 -22.96 30.43 -19.28
CA LEU A 129 -23.02 29.60 -18.08
C LEU A 129 -22.86 30.44 -16.81
N VAL A 130 -21.92 31.40 -16.82
CA VAL A 130 -21.74 32.30 -15.69
C VAL A 130 -23.07 32.98 -15.38
N GLN A 131 -23.74 33.48 -16.41
CA GLN A 131 -24.95 34.27 -16.18
C GLN A 131 -26.06 33.37 -15.64
N ILE A 132 -26.17 32.17 -16.18
CA ILE A 132 -27.14 31.19 -15.73
C ILE A 132 -26.93 30.84 -14.26
N LEU A 133 -25.68 30.64 -13.84
CA LEU A 133 -25.38 30.32 -12.45
C LEU A 133 -25.69 31.50 -11.52
N ILE A 134 -25.29 32.69 -11.94
CA ILE A 134 -25.61 33.90 -11.17
C ILE A 134 -27.13 34.01 -11.00
N ASP A 135 -27.85 33.84 -12.11
CA ASP A 135 -29.31 33.94 -12.11
C ASP A 135 -29.95 32.91 -11.16
N ALA A 136 -29.38 31.71 -11.10
CA ALA A 136 -29.95 30.61 -10.31
C ALA A 136 -29.67 30.77 -8.82
N MET A 137 -28.68 31.59 -8.51
CA MET A 137 -28.21 31.82 -7.15
C MET A 137 -29.28 32.28 -6.18
N GLY A 138 -30.26 33.04 -6.66
CA GLY A 138 -31.33 33.49 -5.80
C GLY A 138 -30.86 34.66 -4.97
N ASP A 139 -31.20 34.71 -3.69
CA ASP A 139 -30.79 35.87 -2.92
C ASP A 139 -29.49 35.50 -2.24
N VAL A 140 -28.46 35.77 -3.02
CA VAL A 140 -27.10 35.73 -2.58
C VAL A 140 -26.58 37.10 -2.94
N PRO A 141 -26.16 37.88 -1.95
CA PRO A 141 -25.62 39.20 -2.32
C PRO A 141 -24.39 39.05 -3.20
N CYS A 142 -24.32 39.83 -4.27
CA CYS A 142 -23.16 39.82 -5.15
C CYS A 142 -22.60 41.23 -5.22
N HIS A 143 -21.34 41.37 -4.83
CA HIS A 143 -20.66 42.65 -4.75
C HIS A 143 -19.51 42.72 -5.76
N PHE A 144 -19.39 43.87 -6.41
CA PHE A 144 -18.38 44.08 -7.44
C PHE A 144 -17.40 45.15 -6.99
N ASN A 145 -16.25 45.24 -7.65
CA ASN A 145 -15.23 46.24 -7.33
C ASN A 145 -14.73 46.07 -5.89
N GLN A 146 -14.67 44.82 -5.44
CA GLN A 146 -14.24 44.49 -4.08
C GLN A 146 -12.82 43.96 -4.07
N TRP A 147 -11.96 44.52 -3.22
CA TRP A 147 -10.57 44.13 -3.19
C TRP A 147 -10.15 43.63 -1.81
N VAL A 148 -10.00 42.31 -1.66
CA VAL A 148 -9.51 41.76 -0.41
C VAL A 148 -8.04 42.05 -0.26
N GLU A 149 -7.69 42.68 0.86
CA GLU A 149 -6.30 42.97 1.22
C GLU A 149 -5.61 41.89 2.06
N SER A 150 -6.33 41.31 3.02
CA SER A 150 -5.75 40.31 3.91
C SER A 150 -6.83 39.42 4.49
N ILE A 151 -6.43 38.21 4.84
CA ILE A 151 -7.31 37.24 5.45
C ILE A 151 -6.62 36.73 6.71
N LYS A 152 -7.28 36.91 7.84
CA LYS A 152 -6.73 36.58 9.15
C LYS A 152 -7.65 35.60 9.85
N GLN A 153 -7.13 34.41 10.08
CA GLN A 153 -7.89 33.41 10.81
C GLN A 153 -7.79 33.62 12.30
N ARG A 154 -8.95 33.67 12.96
CA ARG A 154 -9.02 33.86 14.40
C ARG A 154 -9.61 32.60 15.01
N ASP A 155 -9.83 32.61 16.31
CA ASP A 155 -10.27 31.41 17.00
C ASP A 155 -11.58 30.90 16.44
N ASN A 156 -12.61 31.76 16.46
CA ASN A 156 -13.95 31.40 16.03
C ASN A 156 -14.42 31.93 14.67
N ASP A 157 -13.57 32.65 13.96
CA ASP A 157 -13.99 33.22 12.68
C ASP A 157 -12.79 33.62 11.83
N VAL A 158 -13.06 34.24 10.68
CA VAL A 158 -12.03 34.73 9.81
C VAL A 158 -12.28 36.21 9.62
N GLU A 159 -11.21 36.99 9.83
CA GLU A 159 -11.27 38.43 9.67
C GLU A 159 -10.67 38.82 8.34
N VAL A 160 -11.50 39.44 7.49
CA VAL A 160 -11.10 39.83 6.16
C VAL A 160 -11.01 41.35 6.11
N GLN A 161 -9.85 41.85 5.69
CA GLN A 161 -9.73 43.28 5.44
C GLN A 161 -9.69 43.55 3.95
N PHE A 162 -10.34 44.64 3.56
CA PHE A 162 -10.46 45.03 2.17
C PHE A 162 -9.56 46.26 1.99
N LYS A 163 -9.11 46.52 0.76
CA LYS A 163 -8.15 47.59 0.53
C LYS A 163 -8.69 48.98 0.85
N ASP A 164 -10.01 49.10 1.08
CA ASP A 164 -10.57 50.38 1.52
C ASP A 164 -10.53 50.50 3.03
N GLY A 165 -9.93 49.51 3.70
CA GLY A 165 -9.76 49.55 5.14
C GLY A 165 -10.86 48.86 5.92
N ARG A 166 -11.95 48.51 5.24
CA ARG A 166 -13.05 47.80 5.89
C ARG A 166 -12.59 46.46 6.42
N THR A 167 -13.10 46.06 7.58
CA THR A 167 -12.89 44.72 8.08
C THR A 167 -14.25 44.07 8.29
N GLU A 168 -14.33 42.80 7.93
CA GLU A 168 -15.56 42.03 8.04
C GLU A 168 -15.23 40.65 8.59
N LEU A 169 -16.17 40.07 9.32
CA LEU A 169 -16.01 38.76 9.93
C LEU A 169 -16.89 37.74 9.23
N TYR A 170 -16.32 36.57 8.97
CA TYR A 170 -17.06 35.46 8.39
C TYR A 170 -16.74 34.18 9.14
N ASP A 171 -17.66 33.22 9.09
CA ASP A 171 -17.43 31.92 9.67
C ASP A 171 -16.41 31.15 8.85
N LEU A 172 -16.53 31.24 7.53
CA LEU A 172 -15.60 30.62 6.60
C LEU A 172 -15.35 31.55 5.42
N VAL A 173 -14.23 31.33 4.72
CA VAL A 173 -13.94 32.04 3.50
C VAL A 173 -13.55 31.03 2.43
N ILE A 174 -14.08 31.22 1.23
CA ILE A 174 -13.82 30.34 0.09
C ILE A 174 -13.13 31.12 -1.02
N GLY A 175 -11.93 30.69 -1.42
CA GLY A 175 -11.35 31.15 -2.67
C GLY A 175 -11.90 30.44 -3.89
N ALA A 176 -12.66 31.19 -4.69
CA ALA A 176 -13.21 30.78 -5.98
C ALA A 176 -12.59 31.61 -7.10
N ASP A 177 -11.42 32.17 -6.84
CA ASP A 177 -10.84 33.22 -7.64
C ASP A 177 -9.86 32.76 -8.76
N GLY A 178 -9.88 31.49 -9.13
CA GLY A 178 -9.27 31.09 -10.39
C GLY A 178 -7.82 30.69 -10.26
N LEU A 179 -7.19 30.42 -11.40
CA LEU A 179 -5.81 29.88 -11.44
C LEU A 179 -4.82 30.69 -10.59
N HIS A 180 -4.93 32.01 -10.68
CA HIS A 180 -3.99 32.96 -10.07
C HIS A 180 -4.42 33.41 -8.69
N SER A 181 -5.25 32.59 -8.06
CA SER A 181 -5.95 32.92 -6.84
C SER A 181 -5.18 33.72 -5.80
N THR A 182 -5.70 34.92 -5.58
CA THR A 182 -5.24 35.82 -4.53
C THR A 182 -5.41 35.17 -3.17
N THR A 183 -6.55 34.50 -3.00
CA THR A 183 -6.86 33.87 -1.73
C THR A 183 -5.85 32.80 -1.37
N ARG A 184 -5.50 31.97 -2.35
CA ARG A 184 -4.53 30.91 -2.12
C ARG A 184 -3.21 31.52 -1.65
N ARG A 185 -2.81 32.61 -2.30
CA ARG A 185 -1.54 33.28 -1.99
C ARG A 185 -1.53 33.88 -0.58
N MET A 186 -2.68 34.33 -0.11
CA MET A 186 -2.76 34.95 1.20
C MET A 186 -2.82 33.94 2.32
N VAL A 187 -3.48 32.82 2.05
CA VAL A 187 -3.75 31.82 3.07
C VAL A 187 -2.73 30.70 3.20
N PHE A 188 -2.18 30.25 2.07
CA PHE A 188 -1.27 29.11 2.02
C PHE A 188 0.17 29.58 1.84
N ASP A 189 1.10 28.84 2.43
CA ASP A 189 2.53 29.08 2.20
C ASP A 189 2.90 28.64 0.81
N LYS A 190 3.97 29.19 0.26
CA LYS A 190 4.39 28.83 -1.09
C LYS A 190 4.70 27.34 -1.25
N ASP A 191 5.08 26.66 -0.17
CA ASP A 191 5.39 25.24 -0.28
C ASP A 191 4.15 24.35 -0.09
N GLU A 192 2.98 24.97 0.06
CA GLU A 192 1.70 24.26 0.16
C GLU A 192 0.91 24.23 -1.18
N TYR A 193 1.49 24.77 -2.25
CA TYR A 193 0.92 24.64 -3.58
C TYR A 193 2.00 24.72 -4.66
N LYS A 194 1.73 24.08 -5.78
CA LYS A 194 2.65 24.10 -6.89
C LYS A 194 1.92 24.36 -8.20
N LEU A 195 2.29 25.42 -8.89
CA LEU A 195 1.82 25.68 -10.23
C LEU A 195 2.81 25.15 -11.26
N THR A 196 2.34 24.24 -12.10
CA THR A 196 3.14 23.76 -13.23
C THR A 196 2.61 24.33 -14.53
N ASN A 197 3.38 25.26 -15.09
CA ASN A 197 3.09 25.88 -16.37
C ASN A 197 3.52 24.92 -17.47
N LEU A 198 2.59 24.55 -18.36
CA LEU A 198 2.86 23.51 -19.37
C LEU A 198 3.45 24.09 -20.67
N GLY A 199 3.69 25.39 -20.69
CA GLY A 199 4.41 26.01 -21.79
C GLY A 199 3.54 26.50 -22.93
N ALA A 200 2.23 26.58 -22.71
CA ALA A 200 1.33 27.08 -23.74
C ALA A 200 0.49 28.22 -23.15
N TYR A 201 -0.02 29.09 -24.01
CA TYR A 201 -0.88 30.21 -23.63
C TYR A 201 -2.07 30.31 -24.57
N PHE A 202 -3.15 30.91 -24.06
CA PHE A 202 -4.34 31.14 -24.89
C PHE A 202 -4.93 32.51 -24.60
N SER A 203 -5.71 32.99 -25.56
CA SER A 203 -6.45 34.22 -25.41
C SER A 203 -7.83 34.04 -26.01
N ALA A 204 -8.80 34.77 -25.47
CA ALA A 204 -10.16 34.80 -25.99
C ALA A 204 -10.62 36.25 -25.94
N PHE A 205 -11.19 36.74 -27.03
CA PHE A 205 -11.84 38.04 -27.01
C PHE A 205 -12.79 38.17 -28.19
N SER A 206 -13.77 39.06 -28.04
CA SER A 206 -14.82 39.27 -29.04
C SER A 206 -14.61 40.54 -29.87
N ILE A 207 -14.99 40.44 -31.13
CA ILE A 207 -14.91 41.51 -32.10
C ILE A 207 -16.16 41.49 -32.96
N PRO A 208 -16.41 42.59 -33.68
CA PRO A 208 -17.51 42.56 -34.65
C PRO A 208 -17.31 41.41 -35.65
N ASN A 209 -18.40 40.78 -36.10
CA ASN A 209 -18.24 39.67 -37.01
C ASN A 209 -18.14 40.27 -38.40
N TYR A 210 -16.92 40.65 -38.78
CA TYR A 210 -16.72 41.49 -39.94
C TYR A 210 -16.61 40.64 -41.20
N LEU A 211 -16.37 39.33 -41.02
CA LEU A 211 -16.38 38.41 -42.16
C LEU A 211 -17.75 37.77 -42.38
N ASN A 212 -18.74 38.18 -41.60
CA ASN A 212 -20.10 37.69 -41.73
C ASN A 212 -20.18 36.19 -41.64
N LEU A 213 -19.43 35.61 -40.70
CA LEU A 213 -19.54 34.19 -40.42
C LEU A 213 -20.94 33.87 -39.94
N ASN A 214 -21.48 32.77 -40.47
CA ASN A 214 -22.82 32.35 -40.10
C ASN A 214 -22.79 30.96 -39.48
N HIS A 215 -22.93 30.91 -38.15
CA HIS A 215 -22.78 29.67 -37.42
C HIS A 215 -21.56 28.90 -37.88
N THR A 216 -20.46 29.61 -38.00
CA THR A 216 -19.24 29.06 -38.60
C THR A 216 -18.04 29.39 -37.73
N ASP A 217 -17.15 28.41 -37.61
CA ASP A 217 -15.91 28.51 -36.86
C ASP A 217 -14.79 28.33 -37.87
N VAL A 218 -13.91 29.33 -37.97
CA VAL A 218 -12.76 29.26 -38.88
C VAL A 218 -11.47 29.28 -38.10
N GLN A 219 -10.56 28.39 -38.47
CA GLN A 219 -9.31 28.19 -37.76
C GLN A 219 -8.11 28.14 -38.71
N PHE A 220 -7.02 28.82 -38.34
CA PHE A 220 -5.76 28.81 -39.09
C PHE A 220 -4.61 28.40 -38.16
N GLU A 221 -3.90 27.33 -38.53
CA GLU A 221 -2.81 26.81 -37.70
C GLU A 221 -1.52 26.72 -38.49
N ALA A 222 -0.45 27.28 -37.94
CA ALA A 222 0.89 27.11 -38.51
C ALA A 222 1.96 27.30 -37.44
N ASN A 223 3.07 26.59 -37.59
CA ASN A 223 4.24 26.79 -36.74
C ASN A 223 3.93 26.80 -35.24
N GLN A 224 3.14 25.83 -34.80
CA GLN A 224 2.83 25.67 -33.38
C GLN A 224 2.10 26.89 -32.81
N LYS A 225 1.36 27.57 -33.69
CA LYS A 225 0.46 28.64 -33.27
C LYS A 225 -0.87 28.44 -33.95
N LEU A 226 -1.92 28.97 -33.33
CA LEU A 226 -3.28 28.80 -33.78
C LEU A 226 -4.09 30.06 -33.58
N ILE A 227 -4.89 30.44 -34.56
CA ILE A 227 -5.88 31.50 -34.40
C ILE A 227 -7.23 31.00 -34.90
N SER A 228 -8.31 31.41 -34.23
CA SER A 228 -9.65 30.98 -34.62
C SER A 228 -10.62 32.14 -34.47
N MET A 229 -11.69 32.09 -35.25
CA MET A 229 -12.78 33.06 -35.15
C MET A 229 -14.10 32.37 -35.44
N ALA A 230 -15.10 32.62 -34.60
CA ALA A 230 -16.39 31.98 -34.73
C ALA A 230 -17.55 32.93 -34.42
N SER A 231 -18.59 32.91 -35.25
CA SER A 231 -19.85 33.59 -34.94
C SER A 231 -20.95 32.55 -34.91
N ASP A 232 -21.71 32.52 -33.83
CA ASP A 232 -22.79 31.54 -33.69
C ASP A 232 -24.05 32.12 -33.04
N LYS A 233 -23.96 32.36 -31.74
CA LYS A 233 -25.09 32.81 -30.93
C LYS A 233 -25.54 34.20 -31.35
N ASN A 234 -24.56 35.07 -31.60
CA ASN A 234 -24.81 36.45 -32.00
C ASN A 234 -24.24 36.76 -33.39
N PRO A 235 -25.10 36.99 -34.38
CA PRO A 235 -24.56 37.17 -35.74
C PRO A 235 -23.74 38.45 -35.92
N LYS A 236 -23.83 39.38 -34.97
CA LYS A 236 -23.08 40.63 -35.07
C LYS A 236 -21.68 40.53 -34.48
N ILE A 237 -21.41 39.45 -33.77
CA ILE A 237 -20.18 39.31 -33.01
C ILE A 237 -19.50 37.98 -33.28
N ALA A 238 -18.16 38.03 -33.37
CA ALA A 238 -17.36 36.83 -33.47
C ALA A 238 -16.44 36.77 -32.25
N ILE A 239 -16.32 35.57 -31.67
CA ILE A 239 -15.33 35.33 -30.64
C ILE A 239 -14.07 34.74 -31.27
N THR A 240 -12.92 35.24 -30.85
CA THR A 240 -11.63 34.81 -31.38
C THR A 240 -10.88 34.01 -30.33
N GLY A 241 -9.93 33.22 -30.80
CA GLY A 241 -9.04 32.56 -29.88
C GLY A 241 -7.67 32.46 -30.49
N PHE A 242 -6.68 32.46 -29.61
CA PHE A 242 -5.27 32.34 -29.96
C PHE A 242 -4.69 31.25 -29.09
N CYS A 243 -3.82 30.43 -29.66
CA CYS A 243 -3.07 29.45 -28.86
C CYS A 243 -1.65 29.39 -29.36
N PHE A 244 -0.71 29.32 -28.42
CA PHE A 244 0.69 29.22 -28.79
C PHE A 244 1.56 28.69 -27.66
N ARG A 245 2.76 28.26 -28.00
CA ARG A 245 3.75 27.86 -27.00
C ARG A 245 4.82 28.90 -26.83
N ALA A 246 5.28 29.06 -25.60
CA ALA A 246 6.39 29.95 -25.30
C ALA A 246 7.08 29.52 -24.01
N GLN A 247 8.37 29.83 -23.93
CA GLN A 247 9.20 29.48 -22.78
C GLN A 247 10.02 30.69 -22.35
N ASN A 248 10.32 30.76 -21.05
CA ASN A 248 11.12 31.84 -20.49
C ASN A 248 10.60 33.21 -20.84
N VAL A 249 9.31 33.44 -20.60
CA VAL A 249 8.70 34.70 -20.99
C VAL A 249 9.29 35.84 -20.18
N LEU A 250 9.81 36.85 -20.89
CA LEU A 250 10.44 38.01 -20.24
C LEU A 250 9.40 39.01 -19.75
N ASN A 251 8.28 39.07 -20.46
CA ASN A 251 7.26 40.06 -20.16
C ASN A 251 6.54 39.78 -18.85
N ASN A 252 5.97 40.80 -18.24
CA ASN A 252 5.14 40.61 -17.05
C ASN A 252 3.69 40.44 -17.49
N LEU A 253 3.21 39.21 -17.37
CA LEU A 253 1.92 38.81 -17.93
C LEU A 253 0.73 38.92 -16.96
N ARG A 254 0.96 39.52 -15.79
CA ARG A 254 -0.12 39.75 -14.84
C ARG A 254 -0.97 40.96 -15.24
N ASP A 255 -0.44 41.81 -16.11
CA ASP A 255 -1.11 43.03 -16.54
C ASP A 255 -1.79 42.87 -17.92
N GLU A 256 -3.03 43.35 -18.07
CA GLU A 256 -3.77 43.12 -19.33
C GLU A 256 -3.08 43.76 -20.53
N ASN A 257 -2.51 44.95 -20.34
CA ASN A 257 -1.79 45.61 -21.43
C ASN A 257 -0.53 44.83 -21.85
N GLU A 258 0.16 44.25 -20.87
CA GLU A 258 1.32 43.44 -21.20
C GLU A 258 0.90 42.13 -21.89
N GLN A 259 -0.25 41.59 -21.49
CA GLN A 259 -0.79 40.40 -22.16
C GLN A 259 -1.09 40.73 -23.62
N ARG A 260 -1.77 41.84 -23.86
CA ARG A 260 -2.12 42.27 -25.22
C ARG A 260 -0.84 42.45 -26.02
N ARG A 261 0.14 43.10 -25.40
CA ARG A 261 1.39 43.37 -26.07
C ARG A 261 2.10 42.08 -26.47
N PHE A 262 2.16 41.13 -25.55
CA PHE A 262 2.84 39.86 -25.81
C PHE A 262 2.11 39.12 -26.93
N LEU A 263 0.78 39.19 -26.93
CA LEU A 263 0.02 38.52 -27.98
C LEU A 263 0.28 39.18 -29.33
N ARG A 264 0.24 40.51 -29.37
CA ARG A 264 0.48 41.24 -30.62
C ARG A 264 1.86 40.91 -31.18
N ASP A 265 2.86 40.91 -30.31
CA ASP A 265 4.24 40.63 -30.73
C ASP A 265 4.42 39.19 -31.21
N THR A 266 3.81 38.26 -30.50
CA THR A 266 3.88 36.83 -30.87
C THR A 266 3.25 36.55 -32.23
N PHE A 267 2.12 37.19 -32.52
CA PHE A 267 1.38 36.94 -33.76
C PHE A 267 1.61 37.94 -34.88
N GLN A 268 2.56 38.85 -34.70
CA GLN A 268 2.93 39.73 -35.80
C GLN A 268 3.31 38.89 -37.03
N ASP A 269 2.77 39.26 -38.18
CA ASP A 269 3.05 38.55 -39.45
C ASP A 269 2.58 37.09 -39.50
N PHE A 270 1.61 36.71 -38.67
CA PHE A 270 1.18 35.31 -38.64
C PHE A 270 0.43 34.89 -39.90
N GLY A 271 -0.33 35.80 -40.48
CA GLY A 271 -1.06 35.50 -41.71
C GLY A 271 -2.56 35.34 -41.53
N TRP A 272 -3.23 34.97 -42.62
CA TRP A 272 -4.69 35.01 -42.71
C TRP A 272 -5.21 36.36 -42.17
N GLU A 273 -6.15 36.32 -41.24
CA GLU A 273 -6.86 37.52 -40.78
C GLU A 273 -6.26 38.13 -39.50
N THR A 274 -5.12 37.60 -39.07
CA THR A 274 -4.52 37.96 -37.79
C THR A 274 -4.41 39.48 -37.60
N SER A 275 -3.90 40.19 -38.61
CA SER A 275 -3.68 41.63 -38.52
C SER A 275 -4.94 42.40 -38.19
N LYS A 276 -6.01 42.13 -38.93
CA LYS A 276 -7.29 42.80 -38.74
C LYS A 276 -7.87 42.44 -37.37
N ILE A 277 -7.80 41.15 -37.01
CA ILE A 277 -8.26 40.71 -35.69
C ILE A 277 -7.51 41.42 -34.56
N LEU A 278 -6.19 41.55 -34.68
CA LEU A 278 -5.41 42.21 -33.64
C LEU A 278 -5.75 43.70 -33.57
N GLU A 279 -6.07 44.29 -34.72
CA GLU A 279 -6.46 45.69 -34.74
C GLU A 279 -7.79 45.88 -33.99
N LEU A 280 -8.76 45.02 -34.25
CA LEU A 280 -10.05 45.08 -33.57
C LEU A 280 -9.96 44.74 -32.08
N MET A 281 -8.97 43.94 -31.71
CA MET A 281 -8.73 43.60 -30.31
C MET A 281 -8.62 44.86 -29.41
N SER A 282 -8.14 45.97 -29.98
CA SER A 282 -7.93 47.19 -29.20
C SER A 282 -9.23 47.67 -28.55
N ASP A 283 -10.35 47.45 -29.23
CA ASP A 283 -11.67 47.84 -28.73
C ASP A 283 -12.49 46.71 -28.11
N SER A 284 -11.91 45.52 -27.96
CA SER A 284 -12.63 44.41 -27.34
C SER A 284 -12.76 44.62 -25.83
N ASN A 285 -13.96 44.40 -25.27
CA ASN A 285 -14.18 44.62 -23.83
C ASN A 285 -14.19 43.36 -22.96
N ASP A 286 -14.06 42.20 -23.59
CA ASP A 286 -14.06 40.91 -22.90
C ASP A 286 -12.71 40.13 -22.96
N PHE A 287 -11.60 40.82 -23.26
CA PHE A 287 -10.29 40.17 -23.39
C PHE A 287 -9.92 39.28 -22.19
N TYR A 288 -9.43 38.07 -22.49
CA TYR A 288 -8.84 37.23 -21.46
C TYR A 288 -7.62 36.54 -22.04
N PHE A 289 -6.62 36.37 -21.20
CA PHE A 289 -5.37 35.73 -21.58
C PHE A 289 -4.84 34.94 -20.39
N ASP A 290 -4.39 33.71 -20.65
CA ASP A 290 -3.75 32.95 -19.59
C ASP A 290 -2.84 31.84 -20.12
N SER A 291 -2.03 31.31 -19.22
CA SER A 291 -1.24 30.10 -19.44
C SER A 291 -2.05 28.83 -19.25
N PHE A 292 -1.53 27.74 -19.81
CA PHE A 292 -2.02 26.40 -19.54
C PHE A 292 -1.21 25.90 -18.35
N THR A 293 -1.83 25.84 -17.17
CA THR A 293 -1.13 25.59 -15.92
C THR A 293 -1.97 24.67 -15.04
N GLN A 294 -1.30 23.76 -14.33
CA GLN A 294 -1.96 22.92 -13.36
C GLN A 294 -1.55 23.32 -11.94
N VAL A 295 -2.54 23.28 -11.05
CA VAL A 295 -2.37 23.59 -9.64
C VAL A 295 -2.43 22.31 -8.83
N LYS A 296 -1.35 22.02 -8.10
CA LYS A 296 -1.30 20.81 -7.26
C LYS A 296 -1.04 21.17 -5.81
N MET A 297 -1.94 20.72 -4.94
CA MET A 297 -1.90 21.03 -3.51
C MET A 297 -2.19 19.76 -2.72
N LYS A 298 -1.47 19.54 -1.61
CA LYS A 298 -1.77 18.38 -0.77
C LYS A 298 -3.14 18.54 -0.11
N SER A 299 -3.56 19.79 0.11
CA SER A 299 -4.91 20.10 0.61
C SER A 299 -5.43 21.40 0.03
N TRP A 300 -6.73 21.44 -0.29
CA TRP A 300 -7.35 22.65 -0.82
C TRP A 300 -7.90 23.53 0.28
N THR A 301 -7.72 23.10 1.53
CA THR A 301 -8.29 23.77 2.67
C THR A 301 -7.27 23.99 3.77
N LYS A 302 -7.45 25.07 4.52
CA LYS A 302 -6.64 25.36 5.67
C LYS A 302 -7.46 26.11 6.71
N GLY A 303 -7.62 25.53 7.91
CA GLY A 303 -8.47 26.12 8.91
C GLY A 303 -9.86 26.38 8.37
N ARG A 304 -10.28 27.65 8.45
CA ARG A 304 -11.62 28.09 8.04
C ARG A 304 -11.67 28.58 6.59
N VAL A 305 -10.60 28.32 5.84
CA VAL A 305 -10.53 28.67 4.42
C VAL A 305 -10.51 27.46 3.47
N ALA A 306 -11.28 27.54 2.39
CA ALA A 306 -11.30 26.48 1.37
C ALA A 306 -11.15 27.08 -0.02
N LEU A 307 -10.48 26.35 -0.90
CA LEU A 307 -10.46 26.69 -2.32
C LEU A 307 -11.41 25.80 -3.12
N VAL A 308 -12.13 26.41 -4.06
CA VAL A 308 -13.01 25.68 -4.96
C VAL A 308 -12.71 26.10 -6.41
N GLY A 309 -12.66 25.12 -7.30
CA GLY A 309 -12.36 25.37 -8.70
C GLY A 309 -10.88 25.50 -9.02
N ASP A 310 -10.56 26.31 -10.03
CA ASP A 310 -9.18 26.42 -10.51
C ASP A 310 -8.20 26.88 -9.45
N ALA A 311 -8.68 27.65 -8.48
CA ALA A 311 -7.86 28.12 -7.37
C ALA A 311 -7.13 26.97 -6.66
N GLY A 312 -7.82 25.86 -6.42
CA GLY A 312 -7.16 24.72 -5.80
C GLY A 312 -6.69 23.62 -6.72
N TYR A 313 -7.43 23.39 -7.80
CA TYR A 313 -7.18 22.24 -8.68
C TYR A 313 -7.15 22.45 -10.21
N CYS A 314 -6.83 23.65 -10.72
CA CYS A 314 -6.80 23.85 -12.15
C CYS A 314 -6.08 22.73 -12.89
N ALA A 315 -6.73 22.20 -13.92
CA ALA A 315 -6.17 21.13 -14.75
C ALA A 315 -5.65 21.63 -16.10
N SER A 316 -5.73 22.95 -16.30
CA SER A 316 -5.46 23.61 -17.58
C SER A 316 -6.60 23.37 -18.56
N PRO A 317 -6.63 24.15 -19.65
CA PRO A 317 -7.72 23.95 -20.62
C PRO A 317 -7.66 22.63 -21.39
N PHE A 318 -6.51 21.98 -21.37
CA PHE A 318 -6.28 20.86 -22.25
C PHE A 318 -7.38 19.79 -22.21
N PRO A 319 -7.75 19.29 -21.03
CA PRO A 319 -8.85 18.31 -20.96
C PRO A 319 -10.26 18.92 -20.99
N GLY A 320 -10.40 20.24 -20.88
CA GLY A 320 -11.71 20.87 -20.97
C GLY A 320 -12.59 20.61 -19.76
N GLN A 321 -11.96 20.33 -18.61
CA GLN A 321 -12.69 19.96 -17.40
C GLN A 321 -12.89 21.07 -16.37
N GLY A 322 -12.47 22.29 -16.66
CA GLY A 322 -12.53 23.36 -15.68
C GLY A 322 -13.91 23.58 -15.09
N SER A 323 -14.93 23.64 -15.94
CA SER A 323 -16.30 23.88 -15.51
C SER A 323 -16.87 22.67 -14.78
N ASN A 324 -16.63 21.48 -15.30
CA ASN A 324 -17.10 20.30 -14.59
C ASN A 324 -16.50 20.18 -13.21
N GLN A 325 -15.20 20.45 -13.06
CA GLN A 325 -14.58 20.41 -11.75
C GLN A 325 -15.20 21.43 -10.84
N ALA A 326 -15.47 22.62 -11.38
CA ALA A 326 -16.05 23.68 -10.58
C ALA A 326 -17.44 23.29 -10.09
N LEU A 327 -18.25 22.75 -10.99
CA LEU A 327 -19.62 22.38 -10.66
C LEU A 327 -19.68 21.22 -9.66
N VAL A 328 -18.87 20.18 -9.89
CA VAL A 328 -18.85 19.04 -8.98
C VAL A 328 -18.25 19.43 -7.64
N GLY A 329 -17.16 20.19 -7.65
CA GLY A 329 -16.53 20.59 -6.40
C GLY A 329 -17.43 21.46 -5.54
N ALA A 330 -18.20 22.35 -6.19
CA ALA A 330 -19.16 23.21 -5.48
C ALA A 330 -20.18 22.39 -4.70
N TYR A 331 -20.70 21.37 -5.36
CA TYR A 331 -21.76 20.53 -4.80
C TYR A 331 -21.22 19.74 -3.62
N ILE A 332 -20.09 19.07 -3.81
CA ILE A 332 -19.49 18.27 -2.76
C ILE A 332 -19.09 19.14 -1.59
N PHE A 333 -18.53 20.31 -1.87
CA PHE A 333 -18.12 21.18 -0.79
C PHE A 333 -19.31 21.53 0.10
N ALA A 334 -20.38 21.97 -0.53
CA ALA A 334 -21.55 22.48 0.19
C ALA A 334 -22.28 21.35 0.93
N GLY A 335 -22.41 20.22 0.25
CA GLY A 335 -22.99 19.02 0.85
C GLY A 335 -22.27 18.53 2.09
N GLU A 336 -20.95 18.37 2.01
CA GLU A 336 -20.19 17.92 3.16
C GLU A 336 -20.31 18.92 4.30
N LEU A 337 -20.36 20.20 3.97
CA LEU A 337 -20.48 21.19 5.03
C LEU A 337 -21.84 21.07 5.70
N LYS A 338 -22.88 20.90 4.89
CA LYS A 338 -24.23 20.70 5.41
C LYS A 338 -24.31 19.53 6.41
N GLN A 339 -23.70 18.40 6.05
CA GLN A 339 -23.81 17.19 6.85
C GLN A 339 -22.91 17.19 8.08
N ALA A 340 -21.91 18.08 8.10
CA ALA A 340 -20.92 18.07 9.16
C ALA A 340 -21.42 18.81 10.39
N GLU A 341 -22.52 19.54 10.21
CA GLU A 341 -23.20 20.26 11.29
C GLU A 341 -22.22 20.96 12.23
N GLY A 342 -21.49 21.91 11.68
CA GLY A 342 -20.58 22.73 12.44
C GLY A 342 -19.14 22.25 12.40
N ASN A 343 -18.90 20.97 12.10
CA ASN A 343 -17.53 20.50 12.14
C ASN A 343 -16.93 20.70 10.75
N TYR A 344 -16.28 21.85 10.57
CA TYR A 344 -15.90 22.24 9.23
C TYR A 344 -14.65 21.47 8.84
N HIS A 345 -13.83 21.11 9.83
CA HIS A 345 -12.63 20.36 9.51
C HIS A 345 -12.99 19.00 8.93
N ARG A 346 -14.03 18.36 9.47
CA ARG A 346 -14.44 17.06 8.95
C ARG A 346 -14.99 17.21 7.52
N ALA A 347 -15.81 18.23 7.29
CA ALA A 347 -16.35 18.52 5.96
C ALA A 347 -15.21 18.74 4.96
N PHE A 348 -14.24 19.53 5.37
CA PHE A 348 -13.11 19.88 4.52
C PHE A 348 -12.29 18.62 4.17
N ASN A 349 -12.10 17.76 5.15
CA ASN A 349 -11.34 16.57 4.89
C ASN A 349 -12.07 15.69 3.88
N ARG A 350 -13.38 15.58 4.01
CA ARG A 350 -14.16 14.74 3.10
C ARG A 350 -14.22 15.36 1.70
N TYR A 351 -14.38 16.68 1.65
CA TYR A 351 -14.27 17.42 0.40
C TYR A 351 -12.99 17.09 -0.34
N ASN A 352 -11.87 17.19 0.37
CA ASN A 352 -10.57 16.89 -0.20
C ASN A 352 -10.52 15.47 -0.73
N GLU A 353 -10.99 14.54 0.08
CA GLU A 353 -10.85 13.13 -0.26
C GLU A 353 -11.77 12.70 -1.39
N LEU A 354 -12.99 13.19 -1.38
CA LEU A 354 -13.98 12.77 -2.36
C LEU A 354 -13.72 13.32 -3.77
N LEU A 355 -13.16 14.52 -3.86
CA LEU A 355 -12.94 15.14 -5.17
C LEU A 355 -11.56 14.80 -5.76
N GLN A 356 -10.65 14.33 -4.93
CA GLN A 356 -9.27 14.15 -5.35
C GLN A 356 -9.10 13.19 -6.54
N PRO A 357 -9.85 12.06 -6.60
CA PRO A 357 -9.66 11.15 -7.73
C PRO A 357 -10.05 11.73 -9.10
N PHE A 358 -11.14 12.48 -9.16
CA PHE A 358 -11.57 13.17 -10.37
C PHE A 358 -10.50 14.19 -10.82
N VAL A 359 -10.05 15.02 -9.88
CA VAL A 359 -9.01 16.02 -10.20
C VAL A 359 -7.75 15.34 -10.71
N GLU A 360 -7.33 14.26 -10.05
CA GLU A 360 -6.09 13.59 -10.48
C GLU A 360 -6.23 13.05 -11.89
N ALA A 361 -7.38 12.45 -12.20
CA ALA A 361 -7.61 11.92 -13.53
C ALA A 361 -7.57 13.04 -14.56
N ASN A 362 -8.27 14.14 -14.27
CA ASN A 362 -8.30 15.27 -15.19
C ASN A 362 -6.91 15.87 -15.43
N GLN A 363 -6.12 16.00 -14.37
CA GLN A 363 -4.79 16.55 -14.53
C GLN A 363 -3.89 15.63 -15.37
N LYS A 364 -4.06 14.32 -15.18
CA LYS A 364 -3.31 13.35 -15.97
C LYS A 364 -3.66 13.47 -17.45
N PHE A 365 -4.95 13.53 -17.74
CA PHE A 365 -5.38 13.67 -19.12
C PHE A 365 -4.90 14.99 -19.71
N GLY A 366 -4.84 16.05 -18.91
CA GLY A 366 -4.32 17.31 -19.39
C GLY A 366 -2.88 17.20 -19.85
N VAL A 367 -2.07 16.50 -19.07
CA VAL A 367 -0.65 16.33 -19.40
C VAL A 367 -0.53 15.48 -20.67
N LEU A 368 -1.38 14.48 -20.82
CA LEU A 368 -1.34 13.62 -22.02
C LEU A 368 -1.69 14.43 -23.28
N VAL A 369 -2.70 15.27 -23.18
CA VAL A 369 -3.05 16.15 -24.30
C VAL A 369 -1.87 17.08 -24.62
N ASN A 370 -1.24 17.63 -23.59
CA ASN A 370 -0.09 18.52 -23.75
C ASN A 370 0.99 17.95 -24.65
N GLU A 371 1.21 16.66 -24.51
CA GLU A 371 2.30 16.00 -25.20
C GLU A 371 2.13 16.04 -26.72
N SER A 372 0.89 16.15 -27.20
CA SER A 372 0.59 16.27 -28.63
C SER A 372 0.14 17.65 -29.16
N PHE A 373 0.03 18.65 -28.30
CA PHE A 373 -0.60 19.92 -28.69
C PHE A 373 0.41 20.93 -29.19
N LEU A 374 0.25 21.34 -30.45
CA LEU A 374 1.15 22.28 -31.07
C LEU A 374 2.60 21.83 -30.96
N SER A 380 1.09 11.77 -38.06
CA SER A 380 0.10 11.75 -39.13
C SER A 380 -1.30 12.13 -38.62
N LYS A 381 -2.09 12.77 -39.47
CA LYS A 381 -3.43 13.23 -39.12
C LYS A 381 -4.26 12.10 -38.52
N GLU A 382 -4.16 10.92 -39.12
CA GLU A 382 -4.91 9.76 -38.69
C GLU A 382 -4.47 9.31 -37.29
N VAL A 383 -3.18 9.11 -37.11
CA VAL A 383 -2.64 8.72 -35.80
C VAL A 383 -3.03 9.74 -34.74
N ALA A 384 -2.85 11.02 -35.06
CA ALA A 384 -3.14 12.09 -34.12
C ALA A 384 -4.61 12.08 -33.71
N GLU A 385 -5.49 11.93 -34.70
CA GLU A 385 -6.93 11.88 -34.42
C GLU A 385 -7.28 10.65 -33.57
N GLU A 386 -6.63 9.53 -33.86
CA GLU A 386 -6.92 8.32 -33.13
C GLU A 386 -6.48 8.45 -31.67
N ARG A 387 -5.31 9.03 -31.44
CA ARG A 387 -4.83 9.26 -30.08
C ARG A 387 -5.70 10.26 -29.34
N SER A 388 -6.16 11.30 -30.05
CA SER A 388 -7.02 12.31 -29.45
C SER A 388 -8.38 11.75 -29.07
N ASN A 389 -8.92 10.90 -29.94
CA ASN A 389 -10.23 10.32 -29.69
C ASN A 389 -10.21 9.43 -28.46
N LYS A 390 -9.09 8.74 -28.23
CA LYS A 390 -8.98 7.85 -27.09
C LYS A 390 -8.98 8.65 -25.80
N ILE A 391 -8.20 9.72 -25.77
CA ILE A 391 -8.16 10.57 -24.58
C ILE A 391 -9.54 11.20 -24.32
N MET A 392 -10.21 11.68 -25.36
CA MET A 392 -11.49 12.36 -25.17
C MET A 392 -12.54 11.37 -24.68
N GLN A 393 -12.52 10.16 -25.23
CA GLN A 393 -13.40 9.11 -24.74
C GLN A 393 -13.15 8.84 -23.23
N GLU A 394 -11.88 8.81 -22.83
CA GLU A 394 -11.54 8.55 -21.45
C GLU A 394 -11.93 9.73 -20.56
N ILE A 395 -11.80 10.93 -21.07
CA ILE A 395 -12.25 12.10 -20.33
C ILE A 395 -13.77 12.04 -20.12
N LYS A 396 -14.51 11.73 -21.18
CA LYS A 396 -15.96 11.59 -21.07
C LYS A 396 -16.35 10.54 -20.04
N ILE A 397 -15.64 9.41 -20.06
CA ILE A 397 -15.91 8.34 -19.11
C ILE A 397 -15.66 8.75 -17.65
N VAL A 398 -14.51 9.36 -17.33
CA VAL A 398 -14.22 9.64 -15.92
C VAL A 398 -15.19 10.68 -15.41
N SER A 399 -15.72 11.51 -16.31
CA SER A 399 -16.73 12.51 -15.96
C SER A 399 -18.00 11.85 -15.43
N ASN A 400 -18.21 10.58 -15.78
CA ASN A 400 -19.34 9.80 -15.28
C ASN A 400 -19.00 8.87 -14.12
N MET A 401 -17.73 8.85 -13.72
CA MET A 401 -17.25 7.95 -12.68
C MET A 401 -17.15 8.62 -11.30
N ILE A 402 -17.91 9.69 -11.12
CA ILE A 402 -18.01 10.31 -9.80
C ILE A 402 -19.34 9.98 -9.13
N SER A 403 -19.26 9.49 -7.90
CA SER A 403 -20.46 9.30 -7.10
C SER A 403 -20.84 10.63 -6.48
N LEU A 404 -22.08 11.08 -6.72
CA LEU A 404 -22.61 12.27 -6.09
C LEU A 404 -23.38 11.87 -4.84
N PRO A 405 -22.85 12.13 -3.63
CA PRO A 405 -23.58 11.70 -2.44
C PRO A 405 -24.93 12.38 -2.29
N ASN A 406 -25.83 11.75 -1.53
CA ASN A 406 -27.14 12.35 -1.30
C ASN A 406 -27.08 13.24 -0.07
N TYR A 407 -27.21 14.53 -0.31
CA TYR A 407 -27.18 15.50 0.78
C TYR A 407 -28.59 15.96 1.18
N GLU A 408 -29.59 15.52 0.42
CA GLU A 408 -30.98 15.91 0.65
C GLU A 408 -31.90 14.69 0.62
N ILE B 24 -11.94 13.94 35.01
CA ILE B 24 -10.70 13.43 35.57
C ILE B 24 -9.88 12.71 34.50
N ILE B 25 -8.60 13.02 34.45
CA ILE B 25 -7.68 12.43 33.50
C ILE B 25 -6.61 11.68 34.28
N ASN B 26 -6.49 10.38 34.02
CA ASN B 26 -5.50 9.56 34.72
C ASN B 26 -4.67 8.68 33.77
N LYS B 27 -5.34 7.79 33.07
CA LYS B 27 -4.70 6.79 32.25
C LYS B 27 -4.33 7.37 30.88
N ILE B 28 -3.03 7.41 30.61
CA ILE B 28 -2.52 8.06 29.40
C ILE B 28 -1.58 7.11 28.67
N LEU B 29 -1.83 6.87 27.39
CA LEU B 29 -0.92 6.10 26.57
C LEU B 29 0.14 7.01 26.00
N VAL B 30 1.40 6.61 26.18
CA VAL B 30 2.54 7.31 25.60
C VAL B 30 3.23 6.39 24.59
N ILE B 31 3.28 6.85 23.34
CA ILE B 31 3.77 6.03 22.24
C ILE B 31 5.17 6.47 21.83
N GLY B 32 6.10 5.55 22.09
CA GLY B 32 7.52 5.57 21.75
C GLY B 32 8.48 5.90 22.87
N ALA B 33 9.56 5.12 22.94
CA ALA B 33 10.48 5.31 24.04
C ALA B 33 11.81 5.74 23.50
N GLY B 34 11.82 7.06 23.35
CA GLY B 34 12.89 7.88 22.88
C GLY B 34 13.40 8.67 24.05
N ILE B 35 13.63 9.94 23.73
CA ILE B 35 13.77 10.99 24.72
C ILE B 35 12.40 11.50 25.19
N ALA B 36 11.58 12.01 24.27
CA ALA B 36 10.30 12.61 24.65
C ALA B 36 9.38 11.68 25.44
N GLY B 37 9.22 10.44 25.00
CA GLY B 37 8.35 9.50 25.67
C GLY B 37 8.68 9.27 27.14
N PRO B 38 9.91 8.86 27.42
CA PRO B 38 10.32 8.65 28.82
C PRO B 38 10.27 9.93 29.64
N ALA B 39 10.66 11.06 29.06
CA ALA B 39 10.64 12.32 29.80
C ALA B 39 9.22 12.68 30.21
N VAL B 40 8.26 12.52 29.30
CA VAL B 40 6.89 12.93 29.62
C VAL B 40 6.22 11.91 30.56
N CYS B 41 6.66 10.65 30.52
CA CYS B 41 6.18 9.68 31.50
C CYS B 41 6.67 10.08 32.89
N TYR B 42 7.92 10.52 32.97
CA TYR B 42 8.47 10.94 34.24
C TYR B 42 7.60 12.05 34.84
N TRP B 43 7.36 13.10 34.06
CA TRP B 43 6.62 14.24 34.59
C TRP B 43 5.15 13.91 34.85
N LEU B 44 4.54 13.13 33.97
CA LEU B 44 3.15 12.77 34.17
C LEU B 44 2.98 11.93 35.45
N ARG B 45 3.92 11.04 35.72
CA ARG B 45 3.86 10.18 36.91
C ARG B 45 4.07 11.02 38.18
N ARG B 46 5.04 11.94 38.11
CA ARG B 46 5.35 12.80 39.23
C ARG B 46 4.16 13.72 39.58
N PHE B 47 3.42 14.14 38.57
CA PHE B 47 2.33 15.09 38.70
C PHE B 47 0.99 14.40 38.95
N GLY B 48 1.01 13.09 39.14
CA GLY B 48 -0.16 12.37 39.63
C GLY B 48 -0.90 11.55 38.62
N PHE B 49 -0.43 11.50 37.37
CA PHE B 49 -1.11 10.72 36.35
C PHE B 49 -0.56 9.29 36.30
N SER B 50 -1.16 8.47 35.43
CA SER B 50 -0.77 7.07 35.26
C SER B 50 -0.41 6.80 33.80
N PRO B 51 0.79 7.25 33.40
CA PRO B 51 1.21 7.00 32.03
C PRO B 51 1.55 5.55 31.78
N ILE B 52 1.36 5.11 30.55
CA ILE B 52 1.79 3.79 30.11
C ILE B 52 2.62 3.95 28.84
N LEU B 53 3.86 3.50 28.87
CA LEU B 53 4.77 3.63 27.74
C LEU B 53 4.76 2.40 26.86
N VAL B 54 4.60 2.59 25.56
CA VAL B 54 4.68 1.49 24.59
C VAL B 54 5.72 1.81 23.53
N GLU B 55 6.42 0.78 23.12
CA GLU B 55 7.50 0.88 22.14
C GLU B 55 7.31 -0.21 21.08
N ARG B 56 7.43 0.16 19.81
CA ARG B 56 7.30 -0.77 18.68
C ARG B 56 8.43 -1.80 18.61
N CYS B 57 9.65 -1.36 18.86
CA CYS B 57 10.82 -2.22 18.83
CA CYS B 57 10.76 -2.29 18.77
C CYS B 57 10.76 -3.25 19.98
N ALA B 58 11.47 -4.37 19.84
CA ALA B 58 11.46 -5.40 20.87
C ALA B 58 12.29 -5.03 22.09
N ASN B 59 13.09 -3.98 21.97
CA ASN B 59 13.87 -3.51 23.11
C ASN B 59 14.13 -2.03 23.01
N LEU B 60 14.77 -1.48 24.02
CA LEU B 60 15.16 -0.07 24.00
C LEU B 60 16.09 0.19 22.85
N ARG B 61 15.84 1.25 22.09
CA ARG B 61 16.74 1.59 21.01
C ARG B 61 17.66 2.68 21.45
N LYS B 62 18.90 2.28 21.74
CA LYS B 62 19.93 3.13 22.32
C LYS B 62 20.99 3.63 21.34
N GLY B 63 20.80 3.39 20.05
CA GLY B 63 21.74 3.91 19.06
C GLY B 63 21.73 5.44 19.02
N GLY B 64 22.64 6.01 18.23
CA GLY B 64 22.72 7.46 18.02
C GLY B 64 23.90 8.21 18.60
N HIS B 65 24.14 9.39 18.03
CA HIS B 65 25.30 10.19 18.38
C HIS B 65 25.09 10.89 19.69
N ALA B 66 26.13 11.61 20.12
CA ALA B 66 26.05 12.44 21.29
C ALA B 66 25.02 13.53 21.08
N VAL B 67 24.33 13.88 22.15
CA VAL B 67 23.40 14.99 22.15
C VAL B 67 23.84 16.03 23.17
N ASP B 68 23.43 17.27 22.95
CA ASP B 68 23.81 18.39 23.82
C ASP B 68 22.62 18.83 24.65
N ILE B 69 22.75 18.71 25.97
CA ILE B 69 21.72 19.19 26.89
C ILE B 69 22.11 20.62 27.28
N ARG B 70 21.23 21.57 27.03
CA ARG B 70 21.57 22.99 27.12
C ARG B 70 20.59 23.77 27.97
N GLY B 71 21.12 24.79 28.66
CA GLY B 71 20.29 25.84 29.22
C GLY B 71 19.24 25.36 30.20
N VAL B 72 17.99 25.71 29.94
CA VAL B 72 16.90 25.37 30.85
C VAL B 72 16.65 23.86 30.90
N ALA B 73 17.13 23.11 29.90
CA ALA B 73 17.02 21.65 29.95
C ALA B 73 17.93 21.08 31.05
N ILE B 74 19.05 21.75 31.33
CA ILE B 74 19.91 21.37 32.43
CA ILE B 74 19.90 21.36 32.44
C ILE B 74 19.18 21.59 33.76
N ASP B 75 18.48 22.72 33.87
CA ASP B 75 17.66 22.99 35.05
C ASP B 75 16.62 21.89 35.23
N LEU B 76 16.00 21.48 34.13
CA LEU B 76 15.00 20.43 34.20
C LEU B 76 15.66 19.11 34.63
N ALA B 77 16.82 18.79 34.07
CA ALA B 77 17.53 17.57 34.45
C ALA B 77 17.79 17.54 35.96
N LYS B 78 18.12 18.70 36.51
CA LYS B 78 18.31 18.81 37.96
C LYS B 78 17.01 18.51 38.73
N SER B 79 15.90 19.08 38.26
CA SER B 79 14.61 18.86 38.92
C SER B 79 14.17 17.41 38.81
N MET B 80 14.57 16.75 37.73
CA MET B 80 14.22 15.36 37.50
C MET B 80 15.16 14.41 38.27
N GLY B 81 16.21 14.97 38.86
CA GLY B 81 17.14 14.21 39.67
C GLY B 81 18.10 13.36 38.85
N ILE B 82 18.17 13.63 37.55
CA ILE B 82 19.11 12.94 36.65
C ILE B 82 20.40 13.70 36.29
N TYR B 83 20.61 14.88 36.84
CA TYR B 83 21.71 15.74 36.42
C TYR B 83 23.09 15.14 36.74
N LYS B 84 23.25 14.63 37.94
CA LYS B 84 24.52 14.02 38.32
C LYS B 84 24.83 12.82 37.43
N LYS B 85 23.82 12.02 37.14
CA LYS B 85 23.98 10.85 36.28
C LYS B 85 24.41 11.24 34.87
N ILE B 86 23.77 12.26 34.33
CA ILE B 86 24.09 12.76 33.00
C ILE B 86 25.54 13.26 32.98
N CYS B 87 25.91 14.05 33.99
CA CYS B 87 27.28 14.54 34.13
C CYS B 87 28.30 13.40 34.21
N ASN B 88 27.94 12.33 34.91
CA ASN B 88 28.86 11.22 35.09
C ASN B 88 29.01 10.41 33.80
N MET B 89 28.00 10.45 32.93
CA MET B 89 28.07 9.75 31.65
C MET B 89 28.53 10.65 30.50
N ARG B 90 28.94 11.89 30.77
CA ARG B 90 29.24 12.80 29.66
C ARG B 90 30.40 12.27 28.82
N THR B 91 30.43 12.69 27.56
CA THR B 91 31.45 12.23 26.62
C THR B 91 32.84 12.71 27.05
N GLN B 92 33.80 11.83 26.92
CA GLN B 92 35.21 12.06 27.21
C GLN B 92 36.18 12.29 26.03
N VAL B 93 35.70 12.50 24.81
CA VAL B 93 36.58 12.63 23.65
C VAL B 93 37.64 13.73 23.85
N GLU B 94 38.91 13.32 23.78
CA GLU B 94 40.09 14.21 23.88
C GLU B 94 40.58 14.89 22.59
N LEU B 95 40.60 14.13 21.48
CA LEU B 95 41.14 14.60 20.20
C LEU B 95 40.09 14.59 19.09
N GLY B 96 39.71 15.74 18.54
CA GLY B 96 39.17 15.80 17.18
C GLY B 96 40.19 15.73 16.07
N ARG B 97 40.10 14.76 15.16
CA ARG B 97 40.97 14.69 13.97
C ARG B 97 40.21 14.93 12.70
N TYR B 98 40.81 15.67 11.79
CA TYR B 98 40.29 15.83 10.44
C TYR B 98 41.33 15.32 9.47
N VAL B 99 40.94 14.40 8.60
CA VAL B 99 41.89 13.76 7.70
C VAL B 99 41.50 13.94 6.25
N ASP B 100 42.45 13.69 5.35
CA ASP B 100 42.16 13.70 3.92
C ASP B 100 41.86 12.26 3.48
N ALA B 101 41.67 12.06 2.18
CA ALA B 101 41.22 10.77 1.68
C ALA B 101 42.22 9.64 1.94
N GLU B 102 43.49 9.98 2.14
CA GLU B 102 44.53 8.98 2.41
C GLU B 102 44.84 8.83 3.89
N GLY B 103 44.15 9.58 4.74
CA GLY B 103 44.37 9.45 6.17
C GLY B 103 45.40 10.41 6.75
N ASN B 104 45.97 11.30 5.94
CA ASN B 104 46.85 12.36 6.48
C ASN B 104 46.04 13.30 7.34
N ILE B 105 46.54 13.56 8.54
CA ILE B 105 45.84 14.44 9.45
C ILE B 105 46.05 15.88 8.99
N LEU B 106 44.95 16.53 8.67
CA LEU B 106 44.94 17.94 8.27
C LEU B 106 44.93 18.89 9.46
N HIS B 107 44.19 18.49 10.48
CA HIS B 107 44.06 19.27 11.70
C HIS B 107 43.67 18.38 12.87
N GLU B 108 44.09 18.76 14.06
CA GLU B 108 43.69 18.07 15.28
C GLU B 108 43.41 19.08 16.38
N GLU B 109 42.23 18.97 16.99
CA GLU B 109 41.85 19.80 18.15
C GLU B 109 41.94 18.95 19.41
N LYS B 110 42.49 19.52 20.50
CA LYS B 110 42.59 18.80 21.76
C LYS B 110 41.49 19.22 22.73
N ASP B 120 28.12 25.37 30.70
CA ASP B 120 27.71 24.35 31.66
C ASP B 120 26.89 23.28 30.96
N ASP B 121 26.74 23.39 29.65
CA ASP B 121 25.99 22.42 28.88
C ASP B 121 26.73 21.07 28.82
N ILE B 122 25.97 20.01 28.59
CA ILE B 122 26.49 18.65 28.69
C ILE B 122 26.28 17.82 27.43
N GLU B 123 27.35 17.18 26.98
CA GLU B 123 27.28 16.28 25.85
C GLU B 123 27.28 14.83 26.35
N ILE B 124 26.31 14.07 25.87
CA ILE B 124 26.09 12.71 26.33
C ILE B 124 25.57 11.85 25.16
N LEU B 125 26.02 10.61 25.07
CA LEU B 125 25.51 9.70 24.04
C LEU B 125 24.02 9.57 24.18
N ARG B 126 23.32 9.61 23.04
CA ARG B 126 21.87 9.52 23.03
C ARG B 126 21.35 8.33 23.84
N GLY B 127 21.94 7.15 23.61
CA GLY B 127 21.47 5.95 24.26
C GLY B 127 21.60 5.97 25.78
N ASP B 128 22.64 6.64 26.26
CA ASP B 128 22.86 6.78 27.69
C ASP B 128 21.80 7.67 28.30
N LEU B 129 21.43 8.73 27.59
CA LEU B 129 20.33 9.58 28.02
C LEU B 129 19.00 8.82 28.02
N VAL B 130 18.74 8.06 26.95
CA VAL B 130 17.52 7.25 26.88
C VAL B 130 17.45 6.34 28.12
N GLN B 131 18.55 5.67 28.43
CA GLN B 131 18.57 4.74 29.56
C GLN B 131 18.32 5.48 30.89
N ILE B 132 18.95 6.64 31.04
CA ILE B 132 18.84 7.41 32.26
C ILE B 132 17.38 7.87 32.47
N LEU B 133 16.75 8.30 31.39
CA LEU B 133 15.34 8.71 31.45
C LEU B 133 14.42 7.55 31.82
N ILE B 134 14.63 6.41 31.15
CA ILE B 134 13.83 5.21 31.40
C ILE B 134 13.91 4.82 32.87
N ASP B 135 15.14 4.81 33.39
CA ASP B 135 15.38 4.47 34.79
C ASP B 135 14.71 5.45 35.77
N ALA B 136 14.63 6.71 35.38
CA ALA B 136 14.07 7.73 36.26
C ALA B 136 12.53 7.75 36.28
N MET B 137 11.88 7.05 35.36
CA MET B 137 10.42 7.07 35.27
C MET B 137 9.68 6.58 36.52
N GLY B 138 10.33 5.74 37.32
CA GLY B 138 9.70 5.18 38.53
C GLY B 138 8.69 4.11 38.16
N ASP B 139 7.49 4.09 38.75
CA ASP B 139 6.58 3.03 38.33
C ASP B 139 5.80 3.61 37.18
N VAL B 140 6.32 3.33 35.99
CA VAL B 140 5.65 3.46 34.74
C VAL B 140 5.75 2.16 33.99
N PRO B 141 4.62 1.50 33.70
CA PRO B 141 4.76 0.30 32.87
C PRO B 141 5.41 0.63 31.52
N CYS B 142 6.33 -0.23 31.06
CA CYS B 142 6.99 -0.06 29.77
C CYS B 142 6.87 -1.34 28.95
N HIS B 143 6.17 -1.25 27.83
CA HIS B 143 5.85 -2.40 27.00
C HIS B 143 6.55 -2.33 25.64
N PHE B 144 7.22 -3.42 25.26
CA PHE B 144 7.88 -3.49 23.96
C PHE B 144 7.12 -4.37 22.97
N ASN B 145 7.61 -4.38 21.73
CA ASN B 145 6.96 -5.12 20.65
C ASN B 145 5.46 -4.83 20.54
N GLN B 146 5.09 -3.57 20.79
CA GLN B 146 3.69 -3.15 20.74
C GLN B 146 3.40 -2.40 19.45
N TRP B 147 2.30 -2.76 18.79
CA TRP B 147 2.00 -2.18 17.48
C TRP B 147 0.60 -1.58 17.40
N VAL B 148 0.53 -0.25 17.38
CA VAL B 148 -0.76 0.42 17.33
C VAL B 148 -1.25 0.37 15.91
N GLU B 149 -2.45 -0.18 15.73
CA GLU B 149 -3.15 -0.22 14.45
C GLU B 149 -4.00 1.02 14.11
N SER B 150 -4.72 1.53 15.10
CA SER B 150 -5.59 2.67 14.89
C SER B 150 -5.88 3.38 16.20
N ILE B 151 -6.28 4.64 16.08
CA ILE B 151 -6.57 5.50 17.21
C ILE B 151 -7.90 6.18 16.93
N LYS B 152 -8.89 5.93 17.78
CA LYS B 152 -10.24 6.47 17.57
C LYS B 152 -10.64 7.37 18.70
N GLN B 153 -10.90 8.63 18.38
CA GLN B 153 -11.35 9.58 19.39
C GLN B 153 -12.82 9.33 19.68
N ARG B 154 -13.13 9.23 20.96
CA ARG B 154 -14.51 9.14 21.42
C ARG B 154 -14.79 10.40 22.21
N ASP B 155 -16.02 10.50 22.70
CA ASP B 155 -16.41 11.66 23.47
C ASP B 155 -15.55 11.76 24.71
N ASN B 156 -15.58 10.69 25.51
CA ASN B 156 -14.91 10.67 26.81
C ASN B 156 -13.55 9.96 26.90
N ASP B 157 -13.07 9.38 25.81
CA ASP B 157 -11.77 8.73 25.84
C ASP B 157 -11.28 8.43 24.44
N VAL B 158 -10.15 7.74 24.36
CA VAL B 158 -9.55 7.33 23.10
C VAL B 158 -9.48 5.81 23.06
N GLU B 159 -9.99 5.25 21.97
CA GLU B 159 -9.92 3.82 21.75
C GLU B 159 -8.76 3.49 20.83
N VAL B 160 -7.81 2.74 21.37
CA VAL B 160 -6.62 2.30 20.62
C VAL B 160 -6.73 0.81 20.33
N GLN B 161 -6.56 0.45 19.06
CA GLN B 161 -6.51 -0.93 18.66
C GLN B 161 -5.09 -1.27 18.26
N PHE B 162 -4.64 -2.44 18.70
CA PHE B 162 -3.31 -2.95 18.41
C PHE B 162 -3.43 -4.04 17.35
N LYS B 163 -2.37 -4.23 16.55
CA LYS B 163 -2.40 -5.19 15.45
C LYS B 163 -2.63 -6.64 15.91
N ASP B 164 -2.49 -6.92 17.20
CA ASP B 164 -2.79 -8.26 17.70
C ASP B 164 -4.28 -8.39 18.03
N GLY B 165 -5.05 -7.34 17.76
CA GLY B 165 -6.50 -7.39 17.89
C GLY B 165 -7.02 -6.84 19.22
N ARG B 166 -6.10 -6.51 20.13
CA ARG B 166 -6.48 -5.94 21.41
C ARG B 166 -7.01 -4.53 21.21
N THR B 167 -8.01 -4.19 22.01
CA THR B 167 -8.56 -2.84 22.09
C THR B 167 -8.37 -2.36 23.51
N GLU B 168 -7.97 -1.11 23.68
CA GLU B 168 -7.81 -0.55 25.01
C GLU B 168 -8.21 0.92 25.02
N LEU B 169 -8.68 1.37 26.18
CA LEU B 169 -9.19 2.74 26.34
C LEU B 169 -8.26 3.59 27.18
N TYR B 170 -8.07 4.83 26.76
CA TYR B 170 -7.28 5.78 27.52
C TYR B 170 -7.97 7.14 27.57
N ASP B 171 -7.66 7.89 28.60
CA ASP B 171 -8.15 9.25 28.72
C ASP B 171 -7.51 10.18 27.71
N LEU B 172 -6.21 9.99 27.51
CA LEU B 172 -5.42 10.75 26.53
C LEU B 172 -4.40 9.82 25.89
N VAL B 173 -3.99 10.15 24.67
CA VAL B 173 -2.90 9.45 23.98
C VAL B 173 -1.85 10.46 23.54
N ILE B 174 -0.58 10.14 23.78
CA ILE B 174 0.54 10.99 23.40
C ILE B 174 1.41 10.33 22.34
N GLY B 175 1.54 10.92 21.16
CA GLY B 175 2.63 10.54 20.28
C GLY B 175 3.97 11.10 20.68
N ALA B 176 4.84 10.22 21.14
CA ALA B 176 6.26 10.42 21.39
C ALA B 176 7.13 9.76 20.33
N ASP B 177 6.54 9.39 19.20
CA ASP B 177 7.12 8.41 18.28
C ASP B 177 8.06 8.95 17.16
N GLY B 178 8.47 10.21 17.24
CA GLY B 178 9.59 10.68 16.45
C GLY B 178 9.17 11.35 15.14
N LEU B 179 10.16 11.74 14.33
CA LEU B 179 9.92 12.45 13.08
C LEU B 179 8.83 11.82 12.19
N HIS B 180 8.85 10.50 12.11
CA HIS B 180 8.02 9.75 11.18
C HIS B 180 6.69 9.31 11.80
N SER B 181 6.31 9.98 12.88
CA SER B 181 5.31 9.53 13.83
C SER B 181 4.07 8.89 13.22
N THR B 182 3.83 7.67 13.69
CA THR B 182 2.65 6.89 13.33
C THR B 182 1.40 7.54 13.89
N THR B 183 1.52 8.03 15.11
CA THR B 183 0.41 8.67 15.80
C THR B 183 -0.07 9.90 15.01
N ARG B 184 0.87 10.71 14.55
CA ARG B 184 0.52 11.91 13.80
C ARG B 184 -0.29 11.56 12.54
N ARG B 185 0.18 10.54 11.83
CA ARG B 185 -0.45 10.07 10.60
C ARG B 185 -1.88 9.55 10.84
N MET B 186 -2.08 8.89 11.97
CA MET B 186 -3.36 8.31 12.31
C MET B 186 -4.35 9.37 12.78
N VAL B 187 -3.87 10.30 13.59
CA VAL B 187 -4.71 11.34 14.19
C VAL B 187 -4.98 12.63 13.37
N PHE B 188 -3.95 13.15 12.72
CA PHE B 188 -4.02 14.45 12.05
C PHE B 188 -4.19 14.23 10.56
N ASP B 189 -4.93 15.12 9.90
CA ASP B 189 -5.08 15.02 8.47
C ASP B 189 -3.96 15.82 7.77
N LYS B 190 -3.91 15.73 6.45
CA LYS B 190 -2.77 16.23 5.68
C LYS B 190 -2.65 17.74 5.70
N ASP B 191 -3.77 18.41 5.95
CA ASP B 191 -3.77 19.86 6.00
C ASP B 191 -3.20 20.35 7.32
N GLU B 192 -3.08 19.46 8.30
CA GLU B 192 -2.68 19.85 9.65
C GLU B 192 -1.20 19.68 9.93
N TYR B 193 -0.43 19.23 8.96
CA TYR B 193 1.02 19.17 9.15
C TYR B 193 1.73 19.19 7.82
N LYS B 194 3.00 19.56 7.87
CA LYS B 194 3.87 19.44 6.72
C LYS B 194 5.28 19.12 7.21
N LEU B 195 5.96 18.32 6.40
CA LEU B 195 7.35 17.99 6.65
C LEU B 195 8.20 18.68 5.60
N THR B 196 9.13 19.52 6.06
CA THR B 196 10.07 20.16 5.16
C THR B 196 11.41 19.47 5.19
N ASN B 197 11.78 18.86 4.06
CA ASN B 197 13.08 18.23 3.93
C ASN B 197 14.13 19.24 3.55
N LEU B 198 15.24 19.24 4.27
CA LEU B 198 16.30 20.20 4.02
C LEU B 198 17.38 19.65 3.08
N GLY B 199 17.15 18.47 2.54
CA GLY B 199 17.98 17.94 1.46
C GLY B 199 19.27 17.30 1.92
N ALA B 200 19.24 16.73 3.13
CA ALA B 200 20.39 16.01 3.66
C ALA B 200 19.93 14.81 4.49
N TYR B 201 20.84 13.85 4.65
CA TYR B 201 20.58 12.62 5.41
C TYR B 201 21.74 12.34 6.35
N PHE B 202 21.47 11.61 7.42
CA PHE B 202 22.51 11.18 8.33
C PHE B 202 22.30 9.72 8.72
N SER B 203 23.36 9.07 9.19
CA SER B 203 23.28 7.72 9.73
C SER B 203 24.20 7.60 10.94
N ALA B 204 23.83 6.78 11.92
CA ALA B 204 24.70 6.42 13.02
C ALA B 204 24.67 4.92 13.22
N PHE B 205 25.85 4.32 13.41
CA PHE B 205 25.92 2.93 13.84
C PHE B 205 27.27 2.61 14.47
N SER B 206 27.31 1.57 15.29
CA SER B 206 28.50 1.20 16.02
C SER B 206 29.20 0.03 15.37
N ILE B 207 30.54 0.05 15.40
CA ILE B 207 31.36 -1.02 14.86
C ILE B 207 32.52 -1.30 15.80
N PRO B 208 33.20 -2.45 15.62
CA PRO B 208 34.42 -2.67 16.41
C PRO B 208 35.40 -1.55 16.15
N ASN B 209 36.17 -1.15 17.16
CA ASN B 209 37.06 -0.03 16.96
C ASN B 209 38.36 -0.64 16.48
N TYR B 210 38.51 -0.71 15.17
CA TYR B 210 39.55 -1.53 14.57
C TYR B 210 40.79 -0.70 14.30
N LEU B 211 40.63 0.61 14.41
CA LEU B 211 41.74 1.52 14.27
C LEU B 211 42.31 1.82 15.64
N ASN B 212 41.66 1.28 16.67
CA ASN B 212 42.07 1.47 18.05
C ASN B 212 42.13 2.94 18.44
N LEU B 213 41.15 3.70 17.97
CA LEU B 213 40.97 5.07 18.42
C LEU B 213 40.87 5.13 19.93
N ASN B 214 41.62 6.06 20.51
CA ASN B 214 41.60 6.29 21.95
C ASN B 214 41.04 7.66 22.29
N HIS B 215 39.80 7.67 22.79
CA HIS B 215 39.09 8.91 23.10
C HIS B 215 39.28 9.94 21.98
N THR B 216 39.07 9.49 20.76
CA THR B 216 39.37 10.26 19.55
C THR B 216 38.20 10.18 18.57
N ASP B 217 37.92 11.31 17.94
CA ASP B 217 36.91 11.42 16.88
C ASP B 217 37.66 11.80 15.60
N VAL B 218 37.49 11.00 14.55
CA VAL B 218 38.09 11.28 13.25
C VAL B 218 37.03 11.53 12.20
N GLN B 219 37.21 12.60 11.41
CA GLN B 219 36.30 12.96 10.31
C GLN B 219 37.00 13.11 8.97
N PHE B 220 36.32 12.71 7.90
CA PHE B 220 36.75 12.95 6.53
C PHE B 220 35.61 13.60 5.77
N GLU B 221 35.85 14.76 5.18
CA GLU B 221 34.82 15.45 4.41
C GLU B 221 35.27 15.74 2.99
N ALA B 222 34.44 15.39 2.02
CA ALA B 222 34.66 15.78 0.64
C ALA B 222 33.36 15.82 -0.15
N ASN B 223 33.27 16.74 -1.10
CA ASN B 223 32.15 16.77 -2.04
C ASN B 223 30.79 16.71 -1.35
N GLN B 224 30.64 17.50 -0.29
CA GLN B 224 29.37 17.61 0.43
C GLN B 224 28.90 16.29 1.05
N LYS B 225 29.87 15.44 1.38
CA LYS B 225 29.64 14.26 2.20
C LYS B 225 30.65 14.25 3.34
N LEU B 226 30.28 13.58 4.42
CA LEU B 226 31.16 13.43 5.56
C LEU B 226 31.01 12.06 6.20
N ILE B 227 32.13 11.50 6.64
CA ILE B 227 32.12 10.29 7.45
C ILE B 227 32.93 10.54 8.71
N SER B 228 32.48 9.99 9.82
CA SER B 228 33.20 10.11 11.08
C SER B 228 33.20 8.82 11.87
N MET B 229 34.20 8.67 12.71
CA MET B 229 34.30 7.51 13.60
C MET B 229 34.89 7.99 14.91
N ALA B 230 34.30 7.55 16.03
CA ALA B 230 34.76 7.94 17.35
C ALA B 230 34.68 6.80 18.36
N SER B 231 35.75 6.60 19.11
CA SER B 231 35.73 5.71 20.28
C SER B 231 35.96 6.56 21.54
N ASP B 232 35.12 6.35 22.56
CA ASP B 232 35.29 7.08 23.80
C ASP B 232 35.40 6.20 25.07
N LYS B 233 34.29 5.72 25.62
CA LYS B 233 34.32 4.95 26.89
C LYS B 233 34.67 3.51 26.67
N ASN B 234 34.09 2.95 25.61
CA ASN B 234 34.34 1.58 25.25
C ASN B 234 35.43 1.54 24.20
N PRO B 235 36.65 1.14 24.59
CA PRO B 235 37.72 1.12 23.59
C PRO B 235 37.53 0.03 22.54
N LYS B 236 36.63 -0.92 22.79
CA LYS B 236 36.37 -1.98 21.80
C LYS B 236 35.43 -1.54 20.68
N ILE B 237 34.73 -0.41 20.89
CA ILE B 237 33.69 0.03 19.98
C ILE B 237 33.92 1.45 19.48
N ALA B 238 33.58 1.68 18.22
CA ALA B 238 33.53 3.01 17.66
C ALA B 238 32.14 3.27 17.14
N ILE B 239 31.64 4.47 17.34
CA ILE B 239 30.41 4.88 16.70
C ILE B 239 30.78 5.70 15.48
N THR B 240 30.05 5.48 14.40
CA THR B 240 30.33 6.12 13.15
C THR B 240 29.17 6.99 12.77
N GLY B 241 29.44 7.92 11.87
CA GLY B 241 28.38 8.73 11.35
C GLY B 241 28.67 9.07 9.91
N PHE B 242 27.59 9.33 9.22
CA PHE B 242 27.61 9.67 7.82
C PHE B 242 26.67 10.83 7.70
N CYS B 243 27.06 11.79 6.90
CA CYS B 243 26.18 12.88 6.57
CA CYS B 243 26.20 12.93 6.58
C CYS B 243 26.39 13.26 5.12
N PHE B 244 25.30 13.52 4.41
CA PHE B 244 25.41 13.88 3.02
C PHE B 244 24.21 14.64 2.52
N ARG B 245 24.44 15.40 1.45
CA ARG B 245 23.36 16.09 0.75
C ARG B 245 22.88 15.25 -0.41
N ALA B 246 21.56 15.17 -0.52
CA ALA B 246 20.94 14.64 -1.73
C ALA B 246 19.60 15.35 -1.90
N GLN B 247 19.29 15.70 -3.13
CA GLN B 247 18.03 16.33 -3.45
C GLN B 247 17.26 15.38 -4.34
N ASN B 248 15.93 15.50 -4.33
CA ASN B 248 15.14 14.80 -5.32
C ASN B 248 15.27 13.28 -5.19
N VAL B 249 15.29 12.78 -3.95
CA VAL B 249 15.56 11.37 -3.72
C VAL B 249 14.27 10.55 -3.74
N LEU B 250 14.16 9.72 -4.77
CA LEU B 250 12.97 8.89 -4.97
C LEU B 250 13.14 7.44 -4.50
N ASN B 251 14.30 7.11 -3.93
CA ASN B 251 14.51 5.79 -3.33
C ASN B 251 13.51 5.62 -2.19
N ASN B 252 13.17 4.37 -1.87
CA ASN B 252 12.26 4.12 -0.75
C ASN B 252 13.09 3.92 0.50
N LEU B 253 13.03 4.89 1.40
CA LEU B 253 13.87 4.91 2.61
C LEU B 253 13.27 4.50 3.97
N ARG B 254 12.04 4.02 4.03
CA ARG B 254 11.44 3.71 5.34
C ARG B 254 11.89 2.35 5.90
N ASP B 255 12.49 1.54 5.04
CA ASP B 255 12.95 0.20 5.40
C ASP B 255 14.46 0.22 5.76
N GLU B 256 14.87 -0.46 6.82
CA GLU B 256 16.28 -0.41 7.23
C GLU B 256 17.21 -0.98 6.16
N ASN B 257 16.77 -2.01 5.46
CA ASN B 257 17.60 -2.58 4.40
C ASN B 257 17.74 -1.59 3.24
N GLU B 258 16.65 -0.91 2.90
CA GLU B 258 16.70 0.10 1.85
C GLU B 258 17.59 1.28 2.25
N GLN B 259 17.55 1.64 3.53
CA GLN B 259 18.42 2.71 4.05
C GLN B 259 19.89 2.30 3.95
N ARG B 260 20.20 1.08 4.38
CA ARG B 260 21.56 0.57 4.28
C ARG B 260 22.03 0.55 2.83
N ARG B 261 21.16 0.12 1.91
CA ARG B 261 21.52 0.09 0.49
C ARG B 261 21.85 1.49 -0.05
N PHE B 262 20.99 2.45 0.27
CA PHE B 262 21.17 3.83 -0.16
C PHE B 262 22.49 4.40 0.37
N LEU B 263 22.82 4.06 1.61
CA LEU B 263 24.05 4.58 2.20
C LEU B 263 25.27 3.96 1.51
N ARG B 264 25.25 2.64 1.32
CA ARG B 264 26.32 1.95 0.62
C ARG B 264 26.51 2.50 -0.79
N ASP B 265 25.40 2.73 -1.50
CA ASP B 265 25.46 3.17 -2.88
C ASP B 265 26.00 4.61 -2.96
N THR B 266 25.60 5.44 -2.01
CA THR B 266 26.01 6.83 -1.95
C THR B 266 27.51 6.97 -1.68
N PHE B 267 28.01 6.15 -0.77
CA PHE B 267 29.38 6.24 -0.28
C PHE B 267 30.37 5.28 -0.95
N GLN B 268 29.89 4.57 -1.95
CA GLN B 268 30.76 3.71 -2.74
C GLN B 268 31.93 4.56 -3.26
N ASP B 269 33.15 4.09 -2.99
CA ASP B 269 34.38 4.76 -3.41
C ASP B 269 34.63 6.15 -2.80
N PHE B 270 34.11 6.42 -1.60
CA PHE B 270 34.25 7.73 -1.00
C PHE B 270 35.69 8.02 -0.53
N GLY B 271 36.39 6.99 -0.07
CA GLY B 271 37.76 7.16 0.37
C GLY B 271 37.95 7.15 1.87
N TRP B 272 39.19 7.41 2.29
CA TRP B 272 39.61 7.15 3.66
C TRP B 272 39.11 5.73 4.00
N GLU B 273 38.45 5.57 5.14
CA GLU B 273 38.13 4.24 5.70
C GLU B 273 36.74 3.72 5.33
N THR B 274 36.06 4.46 4.46
CA THR B 274 34.66 4.18 4.12
C THR B 274 34.39 2.71 3.77
N SER B 275 35.24 2.12 2.91
CA SER B 275 35.04 0.73 2.49
C SER B 275 34.92 -0.24 3.65
N LYS B 276 35.87 -0.17 4.58
CA LYS B 276 35.92 -1.06 5.72
C LYS B 276 34.75 -0.79 6.67
N ILE B 277 34.42 0.48 6.82
CA ILE B 277 33.31 0.87 7.69
C ILE B 277 32.01 0.29 7.16
N LEU B 278 31.79 0.41 5.85
CA LEU B 278 30.56 -0.12 5.27
C LEU B 278 30.51 -1.63 5.39
N GLU B 279 31.66 -2.28 5.34
CA GLU B 279 31.70 -3.74 5.46
C GLU B 279 31.30 -4.16 6.88
N LEU B 280 31.77 -3.42 7.88
CA LEU B 280 31.46 -3.74 9.26
C LEU B 280 30.02 -3.37 9.60
N MET B 281 29.45 -2.46 8.83
CA MET B 281 28.08 -2.00 9.05
C MET B 281 27.09 -3.15 8.99
N SER B 282 27.41 -4.19 8.21
CA SER B 282 26.51 -5.34 8.02
C SER B 282 26.19 -5.99 9.34
N ASP B 283 27.14 -5.96 10.27
CA ASP B 283 26.96 -6.58 11.58
C ASP B 283 26.54 -5.62 12.70
N SER B 284 26.31 -4.35 12.37
CA SER B 284 25.97 -3.39 13.41
C SER B 284 24.52 -3.58 13.88
N ASN B 285 24.30 -3.61 15.20
CA ASN B 285 22.95 -3.83 15.72
C ASN B 285 22.19 -2.59 16.15
N ASP B 286 22.85 -1.43 16.12
CA ASP B 286 22.27 -0.13 16.46
C ASP B 286 22.01 0.88 15.30
N PHE B 287 22.03 0.41 14.07
CA PHE B 287 21.86 1.28 12.89
C PHE B 287 20.64 2.19 12.94
N TYR B 288 20.87 3.46 12.60
CA TYR B 288 19.80 4.42 12.40
C TYR B 288 20.13 5.29 11.20
N PHE B 289 19.09 5.65 10.47
CA PHE B 289 19.23 6.51 9.30
C PHE B 289 18.01 7.41 9.23
N ASP B 290 18.23 8.70 8.96
CA ASP B 290 17.10 9.57 8.63
C ASP B 290 17.52 10.78 7.83
N SER B 291 16.50 11.50 7.40
CA SER B 291 16.62 12.78 6.73
C SER B 291 16.76 13.91 7.75
N PHE B 292 17.28 15.05 7.28
CA PHE B 292 17.18 16.30 8.03
C PHE B 292 15.87 16.94 7.58
N THR B 293 14.89 16.96 8.47
CA THR B 293 13.51 17.34 8.12
C THR B 293 12.90 18.10 9.28
N GLN B 294 12.07 19.08 8.99
CA GLN B 294 11.36 19.82 10.04
C GLN B 294 9.87 19.54 9.94
N VAL B 295 9.23 19.40 11.10
CA VAL B 295 7.81 19.16 11.20
C VAL B 295 7.12 20.45 11.61
N LYS B 296 6.21 20.91 10.79
CA LYS B 296 5.51 22.17 11.01
C LYS B 296 4.01 21.93 11.13
N MET B 297 3.46 22.25 12.29
CA MET B 297 2.04 22.06 12.60
C MET B 297 1.51 23.31 13.28
N LYS B 298 0.31 23.74 12.91
CA LYS B 298 -0.31 24.87 13.60
C LYS B 298 -0.61 24.49 15.04
N SER B 299 -0.96 23.22 15.26
CA SER B 299 -1.24 22.71 16.58
C SER B 299 -0.66 21.30 16.77
N TRP B 300 -0.06 21.05 17.92
CA TRP B 300 0.50 19.72 18.23
C TRP B 300 -0.51 18.83 18.94
N THR B 301 -1.74 19.34 19.07
CA THR B 301 -2.79 18.65 19.81
C THR B 301 -4.09 18.65 19.02
N LYS B 302 -4.82 17.55 19.09
CA LYS B 302 -6.13 17.44 18.48
C LYS B 302 -7.03 16.61 19.38
N GLY B 303 -8.15 17.18 19.84
CA GLY B 303 -9.01 16.42 20.75
C GLY B 303 -8.23 15.93 21.95
N ARG B 304 -8.25 14.61 22.18
CA ARG B 304 -7.58 13.98 23.31
C ARG B 304 -6.15 13.46 22.98
N VAL B 305 -5.65 13.82 21.80
CA VAL B 305 -4.28 13.45 21.40
C VAL B 305 -3.31 14.65 21.39
N ALA B 306 -2.10 14.41 21.89
CA ALA B 306 -1.02 15.41 21.88
C ALA B 306 0.25 14.76 21.33
N LEU B 307 1.04 15.53 20.58
CA LEU B 307 2.38 15.11 20.17
C LEU B 307 3.44 15.82 21.00
N VAL B 308 4.48 15.07 21.38
CA VAL B 308 5.59 15.62 22.14
C VAL B 308 6.88 15.19 21.43
N GLY B 309 7.83 16.10 21.33
CA GLY B 309 9.10 15.82 20.68
C GLY B 309 9.05 15.95 19.18
N ASP B 310 9.88 15.16 18.52
CA ASP B 310 10.05 15.26 17.07
C ASP B 310 8.76 15.00 16.28
N ALA B 311 7.86 14.18 16.82
CA ALA B 311 6.58 13.94 16.19
C ALA B 311 5.82 15.24 15.84
N GLY B 312 5.74 16.16 16.77
CA GLY B 312 5.19 17.47 16.48
C GLY B 312 6.05 18.56 15.85
N TYR B 313 7.20 18.75 16.49
CA TYR B 313 8.14 19.84 16.19
C TYR B 313 9.58 19.58 15.71
N CYS B 314 9.92 18.41 15.17
CA CYS B 314 11.31 18.14 14.81
C CYS B 314 11.94 19.34 14.09
N ALA B 315 13.12 19.73 14.56
CA ALA B 315 13.88 20.83 13.96
C ALA B 315 15.02 20.38 13.06
N SER B 316 15.16 19.07 12.87
CA SER B 316 16.29 18.43 12.22
C SER B 316 17.49 18.46 13.14
N PRO B 317 18.49 17.62 12.82
CA PRO B 317 19.70 17.62 13.66
C PRO B 317 20.54 18.91 13.59
N PHE B 318 20.33 19.75 12.59
CA PHE B 318 21.23 20.89 12.37
C PHE B 318 21.51 21.73 13.63
N PRO B 319 20.47 22.22 14.32
CA PRO B 319 20.67 22.95 15.59
C PRO B 319 21.02 22.08 16.81
N GLY B 320 20.86 20.76 16.73
CA GLY B 320 21.20 19.90 17.86
C GLY B 320 20.22 20.05 19.02
N GLN B 321 19.00 20.46 18.71
CA GLN B 321 18.01 20.78 19.74
C GLN B 321 16.98 19.71 20.04
N GLY B 322 17.07 18.55 19.39
CA GLY B 322 16.06 17.52 19.54
C GLY B 322 15.79 17.11 20.98
N SER B 323 16.85 16.84 21.74
CA SER B 323 16.67 16.34 23.09
C SER B 323 16.19 17.46 24.01
N ASN B 324 16.70 18.67 23.77
CA ASN B 324 16.30 19.82 24.57
C ASN B 324 14.83 20.14 24.36
N GLN B 325 14.37 20.07 23.11
CA GLN B 325 12.95 20.24 22.80
C GLN B 325 12.07 19.17 23.45
N ALA B 326 12.56 17.94 23.40
CA ALA B 326 11.84 16.81 24.00
C ALA B 326 11.70 17.02 25.50
N LEU B 327 12.78 17.43 26.14
CA LEU B 327 12.77 17.61 27.58
C LEU B 327 11.87 18.77 28.01
N VAL B 328 12.00 19.90 27.33
CA VAL B 328 11.20 21.08 27.66
C VAL B 328 9.73 20.83 27.34
N GLY B 329 9.46 20.21 26.18
CA GLY B 329 8.10 19.92 25.78
C GLY B 329 7.38 19.00 26.76
N ALA B 330 8.10 17.98 27.22
CA ALA B 330 7.54 17.00 28.14
C ALA B 330 7.09 17.67 29.42
N TYR B 331 7.97 18.51 29.93
CA TYR B 331 7.73 19.26 31.16
C TYR B 331 6.54 20.19 31.03
N ILE B 332 6.51 21.00 29.99
CA ILE B 332 5.39 21.93 29.80
C ILE B 332 4.09 21.15 29.64
N PHE B 333 4.13 20.09 28.85
CA PHE B 333 2.92 19.32 28.60
C PHE B 333 2.32 18.84 29.91
N ALA B 334 3.15 18.23 30.76
CA ALA B 334 2.66 17.58 31.98
C ALA B 334 2.25 18.61 33.00
N GLY B 335 2.98 19.71 33.06
CA GLY B 335 2.67 20.78 33.99
C GLY B 335 1.33 21.44 33.68
N GLU B 336 1.11 21.77 32.40
CA GLU B 336 -0.15 22.38 31.99
C GLU B 336 -1.33 21.42 32.20
N LEU B 337 -1.09 20.13 32.00
CA LEU B 337 -2.15 19.16 32.23
C LEU B 337 -2.48 19.12 33.73
N LYS B 338 -1.45 19.10 34.56
CA LYS B 338 -1.62 19.12 36.01
C LYS B 338 -2.45 20.33 36.48
N GLN B 339 -2.07 21.51 36.00
CA GLN B 339 -2.77 22.75 36.37
C GLN B 339 -4.22 22.82 35.88
N ALA B 340 -4.50 22.22 34.74
CA ALA B 340 -5.80 22.41 34.11
C ALA B 340 -6.90 21.59 34.78
N GLU B 341 -6.49 20.70 35.70
CA GLU B 341 -7.41 19.90 36.51
C GLU B 341 -8.59 19.36 35.71
N GLY B 342 -8.30 18.54 34.72
CA GLY B 342 -9.32 17.91 33.90
C GLY B 342 -9.60 18.64 32.61
N ASN B 343 -9.30 19.93 32.50
CA ASN B 343 -9.65 20.61 31.27
C ASN B 343 -8.47 20.54 30.31
N TYR B 344 -8.56 19.59 29.39
CA TYR B 344 -7.41 19.26 28.57
C TYR B 344 -7.33 20.18 27.36
N HIS B 345 -8.48 20.75 27.00
CA HIS B 345 -8.51 21.74 25.93
C HIS B 345 -7.66 22.93 26.34
N ARG B 346 -7.80 23.34 27.60
CA ARG B 346 -7.03 24.45 28.15
C ARG B 346 -5.54 24.10 28.23
N ALA B 347 -5.24 22.94 28.77
CA ALA B 347 -3.86 22.49 28.89
C ALA B 347 -3.18 22.45 27.52
N PHE B 348 -3.89 21.92 26.53
CA PHE B 348 -3.32 21.74 25.20
C PHE B 348 -3.08 23.10 24.56
N ASN B 349 -4.01 24.02 24.78
CA ASN B 349 -3.83 25.39 24.29
C ASN B 349 -2.56 26.01 24.87
N ARG B 350 -2.36 25.88 26.17
CA ARG B 350 -1.20 26.46 26.82
C ARG B 350 0.08 25.76 26.39
N TYR B 351 0.01 24.45 26.20
CA TYR B 351 1.17 23.69 25.76
C TYR B 351 1.67 24.21 24.42
N ASN B 352 0.74 24.44 23.49
CA ASN B 352 1.09 25.01 22.19
C ASN B 352 1.70 26.41 22.35
N GLU B 353 1.01 27.27 23.08
CA GLU B 353 1.43 28.67 23.16
C GLU B 353 2.76 28.84 23.88
N LEU B 354 2.99 28.08 24.95
CA LEU B 354 4.22 28.24 25.74
C LEU B 354 5.47 27.69 25.06
N LEU B 355 5.31 26.63 24.26
CA LEU B 355 6.46 25.99 23.60
C LEU B 355 6.81 26.58 22.22
N GLN B 356 5.90 27.35 21.65
CA GLN B 356 6.11 27.88 20.31
C GLN B 356 7.39 28.72 20.19
N PRO B 357 7.64 29.63 21.15
CA PRO B 357 8.82 30.47 20.96
C PRO B 357 10.15 29.68 20.81
N PHE B 358 10.33 28.70 21.66
CA PHE B 358 11.53 27.86 21.64
C PHE B 358 11.62 27.04 20.35
N VAL B 359 10.51 26.39 19.98
CA VAL B 359 10.50 25.58 18.76
C VAL B 359 10.76 26.41 17.51
N GLU B 360 10.11 27.57 17.43
CA GLU B 360 10.23 28.33 16.20
C GLU B 360 11.65 28.88 16.09
N ALA B 361 12.24 29.23 17.24
CA ALA B 361 13.64 29.62 17.27
C ALA B 361 14.54 28.47 16.78
N ASN B 362 14.31 27.27 17.31
CA ASN B 362 15.15 26.12 16.95
C ASN B 362 14.99 25.79 15.48
N GLN B 363 13.77 25.88 14.95
CA GLN B 363 13.57 25.57 13.55
C GLN B 363 14.24 26.60 12.65
N LYS B 364 14.17 27.87 13.04
CA LYS B 364 14.90 28.91 12.32
C LYS B 364 16.41 28.65 12.39
N PHE B 365 16.93 28.30 13.56
CA PHE B 365 18.35 27.98 13.70
C PHE B 365 18.76 26.85 12.76
N GLY B 366 17.90 25.84 12.65
CA GLY B 366 18.19 24.71 11.79
C GLY B 366 18.38 25.17 10.36
N VAL B 367 17.49 26.05 9.91
CA VAL B 367 17.56 26.60 8.57
C VAL B 367 18.84 27.42 8.38
N LEU B 368 19.22 28.21 9.38
CA LEU B 368 20.45 28.99 9.31
C LEU B 368 21.70 28.10 9.21
N VAL B 369 21.76 27.04 10.03
CA VAL B 369 22.87 26.10 10.02
C VAL B 369 22.98 25.37 8.68
N ASN B 370 21.83 25.03 8.11
CA ASN B 370 21.77 24.36 6.82
C ASN B 370 22.53 25.11 5.73
N GLU B 371 22.51 26.42 5.82
CA GLU B 371 23.16 27.24 4.79
C GLU B 371 24.68 27.11 4.79
N SER B 372 25.30 27.00 5.97
CA SER B 372 26.77 26.86 6.08
C SER B 372 27.26 25.41 6.26
N PHE B 373 26.37 24.43 6.17
CA PHE B 373 26.73 23.03 6.40
C PHE B 373 26.93 22.22 5.12
N LEU B 374 28.01 21.43 5.07
CA LEU B 374 28.39 20.65 3.89
C LEU B 374 28.30 21.49 2.61
N VAL B 375 29.12 22.53 2.57
CA VAL B 375 29.11 23.50 1.48
C VAL B 375 29.90 23.02 0.26
N ARG B 376 29.56 23.57 -0.91
CA ARG B 376 30.38 23.39 -2.10
C ARG B 376 31.78 23.98 -1.89
N VAL B 379 32.64 27.21 -2.04
CA VAL B 379 32.39 28.04 -0.87
C VAL B 379 33.47 27.81 0.20
N SER B 380 33.87 28.88 0.87
CA SER B 380 34.93 28.79 1.87
C SER B 380 34.45 28.04 3.12
N LYS B 381 35.17 26.97 3.47
CA LYS B 381 34.82 26.18 4.65
C LYS B 381 35.17 26.94 5.93
N GLU B 382 36.27 27.68 5.89
CA GLU B 382 36.72 28.45 7.04
C GLU B 382 35.63 29.43 7.47
N VAL B 383 35.11 30.15 6.48
CA VAL B 383 34.03 31.11 6.69
C VAL B 383 32.76 30.41 7.16
N ALA B 384 32.46 29.28 6.53
CA ALA B 384 31.28 28.49 6.88
C ALA B 384 31.33 28.05 8.33
N GLU B 385 32.51 27.63 8.77
CA GLU B 385 32.70 27.14 10.13
C GLU B 385 32.53 28.26 11.16
N GLU B 386 33.12 29.41 10.86
CA GLU B 386 33.00 30.61 11.69
C GLU B 386 31.53 31.01 11.86
N ARG B 387 30.82 31.06 10.73
CA ARG B 387 29.39 31.32 10.72
C ARG B 387 28.65 30.30 11.57
N SER B 388 29.03 29.04 11.44
CA SER B 388 28.40 27.97 12.21
C SER B 388 28.65 28.11 13.70
N ASN B 389 29.88 28.44 14.07
CA ASN B 389 30.22 28.62 15.48
C ASN B 389 29.44 29.75 16.14
N LYS B 390 29.20 30.84 15.39
CA LYS B 390 28.42 31.94 15.95
C LYS B 390 26.96 31.54 16.16
N ILE B 391 26.42 30.76 15.22
CA ILE B 391 25.05 30.27 15.37
C ILE B 391 24.96 29.36 16.57
N MET B 392 25.94 28.46 16.76
CA MET B 392 25.87 27.56 17.91
C MET B 392 25.95 28.35 19.21
N GLN B 393 26.69 29.46 19.25
CA GLN B 393 26.71 30.31 20.43
C GLN B 393 25.31 30.89 20.71
N GLU B 394 24.64 31.35 19.66
CA GLU B 394 23.28 31.89 19.76
C GLU B 394 22.30 30.82 20.23
N ILE B 395 22.43 29.60 19.72
CA ILE B 395 21.59 28.51 20.20
C ILE B 395 21.73 28.33 21.71
N LYS B 396 22.97 28.35 22.20
CA LYS B 396 23.22 28.18 23.62
C LYS B 396 22.59 29.30 24.43
N ILE B 397 22.72 30.54 23.95
CA ILE B 397 22.11 31.66 24.66
C ILE B 397 20.58 31.53 24.68
N VAL B 398 19.98 31.31 23.52
CA VAL B 398 18.52 31.17 23.45
C VAL B 398 18.04 30.04 24.35
N SER B 399 18.74 28.91 24.33
CA SER B 399 18.36 27.75 25.15
C SER B 399 18.38 28.07 26.63
N ASN B 400 19.19 29.04 27.03
CA ASN B 400 19.28 29.40 28.43
C ASN B 400 18.35 30.55 28.86
N MET B 401 17.74 31.24 27.90
CA MET B 401 16.84 32.35 28.23
C MET B 401 15.35 32.02 28.19
N ILE B 402 15.00 30.80 27.83
CA ILE B 402 13.60 30.40 27.76
C ILE B 402 12.94 30.45 29.14
N SER B 403 11.84 31.19 29.24
CA SER B 403 11.09 31.28 30.47
C SER B 403 10.23 30.04 30.57
N LEU B 404 10.24 29.40 31.73
CA LEU B 404 9.38 28.25 31.96
C LEU B 404 8.55 28.45 33.21
N PRO B 405 7.28 28.04 33.17
CA PRO B 405 6.49 28.15 34.40
C PRO B 405 7.02 27.22 35.45
N ASN B 406 6.68 27.48 36.71
CA ASN B 406 6.94 26.52 37.76
C ASN B 406 5.64 25.85 38.15
N TYR B 407 5.67 24.52 38.26
CA TYR B 407 4.47 23.73 38.48
C TYR B 407 4.48 23.07 39.85
N MET C 22 35.95 -32.26 -7.82
CA MET C 22 37.24 -32.35 -7.07
C MET C 22 37.86 -30.99 -6.69
N PRO C 23 37.44 -29.87 -7.31
CA PRO C 23 38.01 -28.63 -6.74
C PRO C 23 37.50 -28.34 -5.32
N ILE C 24 38.34 -27.72 -4.51
CA ILE C 24 38.04 -27.48 -3.10
C ILE C 24 36.69 -26.84 -2.84
N ILE C 25 35.97 -27.43 -1.89
CA ILE C 25 34.77 -26.84 -1.34
C ILE C 25 35.14 -26.44 0.07
N ASN C 26 35.02 -25.15 0.34
CA ASN C 26 35.40 -24.64 1.64
C ASN C 26 34.39 -23.66 2.26
N LYS C 27 34.11 -22.57 1.55
CA LYS C 27 33.25 -21.49 2.07
C LYS C 27 31.77 -21.83 1.86
N ILE C 28 31.04 -21.99 2.97
CA ILE C 28 29.65 -22.43 2.92
C ILE C 28 28.75 -21.50 3.72
N LEU C 29 27.74 -20.96 3.06
CA LEU C 29 26.71 -20.16 3.75
C LEU C 29 25.66 -21.08 4.33
N VAL C 30 25.39 -20.92 5.62
CA VAL C 30 24.33 -21.66 6.29
C VAL C 30 23.28 -20.66 6.76
N ILE C 31 22.08 -20.79 6.19
CA ILE C 31 20.97 -19.90 6.47
C ILE C 31 20.01 -20.46 7.52
N GLY C 32 20.04 -19.80 8.67
CA GLY C 32 19.15 -19.98 9.83
C GLY C 32 19.80 -20.60 11.05
N ALA C 33 19.60 -19.95 12.22
CA ALA C 33 20.24 -20.44 13.44
C ALA C 33 19.24 -20.97 14.44
N GLY C 34 18.83 -22.18 14.13
CA GLY C 34 17.90 -23.01 14.88
C GLY C 34 18.70 -24.12 15.47
N ILE C 35 18.17 -25.33 15.28
CA ILE C 35 18.90 -26.56 15.56
C ILE C 35 19.80 -27.00 14.38
N ALA C 36 19.18 -27.20 13.21
CA ALA C 36 19.91 -27.70 12.04
C ALA C 36 21.10 -26.85 11.62
N GLY C 37 20.93 -25.52 11.59
CA GLY C 37 21.99 -24.63 11.17
C GLY C 37 23.25 -24.73 12.03
N PRO C 38 23.10 -24.57 13.34
CA PRO C 38 24.28 -24.66 14.20
C PRO C 38 24.89 -26.06 14.21
N ALA C 39 24.04 -27.07 14.16
CA ALA C 39 24.50 -28.45 14.12
C ALA C 39 25.36 -28.72 12.88
N VAL C 40 24.91 -28.31 11.70
CA VAL C 40 25.67 -28.58 10.50
C VAL C 40 26.92 -27.68 10.43
N CYS C 41 26.85 -26.50 11.03
CA CYS C 41 28.03 -25.67 11.18
C CYS C 41 29.08 -26.38 12.02
N TYR C 42 28.64 -27.00 13.12
CA TYR C 42 29.57 -27.73 13.98
C TYR C 42 30.34 -28.78 13.21
N TRP C 43 29.62 -29.61 12.47
CA TRP C 43 30.22 -30.76 11.79
C TRP C 43 31.05 -30.29 10.60
N LEU C 44 30.53 -29.32 9.84
CA LEU C 44 31.27 -28.80 8.70
C LEU C 44 32.60 -28.21 9.16
N ARG C 45 32.59 -27.45 10.24
CA ARG C 45 33.80 -26.81 10.76
C ARG C 45 34.75 -27.88 11.29
N ARG C 46 34.20 -28.88 12.00
CA ARG C 46 35.01 -29.98 12.50
C ARG C 46 35.72 -30.75 11.38
N PHE C 47 35.09 -30.86 10.23
CA PHE C 47 35.65 -31.59 9.09
C PHE C 47 36.48 -30.71 8.15
N GLY C 48 36.72 -29.46 8.55
CA GLY C 48 37.68 -28.63 7.84
C GLY C 48 37.09 -27.55 6.96
N PHE C 49 35.77 -27.55 6.80
CA PHE C 49 35.13 -26.54 5.95
C PHE C 49 35.03 -25.21 6.70
N SER C 50 34.57 -24.20 6.00
CA SER C 50 34.45 -22.84 6.54
C SER C 50 33.01 -22.37 6.45
N PRO C 51 32.14 -22.90 7.33
CA PRO C 51 30.76 -22.43 7.29
C PRO C 51 30.61 -21.02 7.85
N ILE C 52 29.62 -20.31 7.35
CA ILE C 52 29.25 -18.98 7.80
C ILE C 52 27.76 -19.01 8.10
N LEU C 53 27.40 -18.76 9.35
CA LEU C 53 26.00 -18.82 9.78
C LEU C 53 25.36 -17.43 9.72
N VAL C 54 24.18 -17.36 9.10
CA VAL C 54 23.39 -16.12 9.10
C VAL C 54 21.96 -16.36 9.59
N GLU C 55 21.45 -15.37 10.30
CA GLU C 55 20.14 -15.39 10.93
C GLU C 55 19.42 -14.09 10.61
N ARG C 56 18.14 -14.20 10.28
CA ARG C 56 17.31 -13.07 9.86
C ARG C 56 16.94 -12.22 11.07
N CYS C 57 16.68 -12.90 12.18
CA CYS C 57 16.34 -12.22 13.43
C CYS C 57 17.56 -11.46 13.97
N ALA C 58 17.29 -10.46 14.79
CA ALA C 58 18.35 -9.60 15.34
C ALA C 58 19.15 -10.33 16.40
N ASN C 59 18.60 -11.42 16.92
CA ASN C 59 19.30 -12.23 17.89
C ASN C 59 18.92 -13.69 17.82
N LEU C 60 19.56 -14.48 18.66
CA LEU C 60 19.32 -15.91 18.72
C LEU C 60 17.90 -16.11 19.22
N ARG C 61 17.11 -16.90 18.50
CA ARG C 61 15.72 -17.14 18.91
C ARG C 61 15.69 -18.42 19.72
N LYS C 62 15.51 -18.26 21.04
CA LYS C 62 15.60 -19.36 22.00
C LYS C 62 14.26 -19.80 22.58
N GLY C 63 13.17 -19.32 22.00
CA GLY C 63 11.86 -19.78 22.40
C GLY C 63 11.62 -21.23 22.05
N GLY C 64 10.49 -21.75 22.52
CA GLY C 64 10.06 -23.09 22.20
C GLY C 64 10.05 -24.08 23.35
N HIS C 65 9.19 -25.08 23.21
CA HIS C 65 9.03 -26.10 24.21
C HIS C 65 10.24 -27.05 24.28
N ALA C 66 10.18 -27.98 25.21
CA ALA C 66 11.17 -29.02 25.36
C ALA C 66 11.18 -29.92 24.14
N VAL C 67 12.36 -30.39 23.76
CA VAL C 67 12.52 -31.33 22.66
C VAL C 67 13.19 -32.58 23.20
N ASP C 68 12.97 -33.71 22.53
CA ASP C 68 13.50 -34.98 22.95
C ASP C 68 14.60 -35.48 22.03
N ILE C 69 15.79 -35.64 22.59
CA ILE C 69 16.92 -36.18 21.87
C ILE C 69 16.98 -37.68 22.14
N ARG C 70 16.99 -38.44 21.06
CA ARG C 70 16.74 -39.86 21.08
C ARG C 70 17.75 -40.62 20.27
N GLY C 71 18.03 -41.84 20.69
CA GLY C 71 18.71 -42.79 19.83
C GLY C 71 20.06 -42.34 19.36
N VAL C 72 20.32 -42.42 18.06
CA VAL C 72 21.65 -42.13 17.56
C VAL C 72 21.98 -40.64 17.71
N ALA C 73 20.96 -39.79 17.87
CA ALA C 73 21.23 -38.37 18.13
C ALA C 73 21.97 -38.19 19.45
N ILE C 74 21.70 -39.06 20.43
CA ILE C 74 22.45 -39.06 21.68
C ILE C 74 23.92 -39.41 21.44
N ASP C 75 24.17 -40.42 20.62
CA ASP C 75 25.55 -40.79 20.28
C ASP C 75 26.26 -39.60 19.63
N LEU C 76 25.53 -38.88 18.78
CA LEU C 76 26.09 -37.71 18.13
C LEU C 76 26.41 -36.62 19.16
N ALA C 77 25.52 -36.38 20.12
CA ALA C 77 25.78 -35.36 21.14
C ALA C 77 27.05 -35.69 21.94
N LYS C 78 27.25 -36.97 22.23
CA LYS C 78 28.47 -37.40 22.89
C LYS C 78 29.69 -37.09 22.03
N SER C 79 29.64 -37.47 20.76
CA SER C 79 30.74 -37.21 19.84
C SER C 79 31.02 -35.71 19.72
N MET C 80 29.96 -34.91 19.81
CA MET C 80 30.06 -33.45 19.72
C MET C 80 30.60 -32.80 20.99
N GLY C 81 30.73 -33.58 22.06
CA GLY C 81 31.19 -33.07 23.34
C GLY C 81 30.14 -32.26 24.08
N ILE C 82 28.89 -32.34 23.63
CA ILE C 82 27.78 -31.64 24.29
C ILE C 82 26.85 -32.51 25.14
N TYR C 83 27.12 -33.81 25.24
CA TYR C 83 26.23 -34.70 25.97
C TYR C 83 26.06 -34.30 27.45
N LYS C 84 27.16 -34.07 28.15
CA LYS C 84 27.05 -33.71 29.55
C LYS C 84 26.31 -32.39 29.73
N LYS C 85 26.60 -31.42 28.85
CA LYS C 85 25.92 -30.12 28.91
C LYS C 85 24.42 -30.28 28.74
N ILE C 86 24.03 -31.14 27.82
CA ILE C 86 22.61 -31.39 27.59
C ILE C 86 21.98 -32.04 28.82
N CYS C 87 22.65 -33.06 29.35
CA CYS C 87 22.15 -33.73 30.56
C CYS C 87 22.02 -32.76 31.72
N ASN C 88 23.00 -31.88 31.87
CA ASN C 88 22.95 -30.87 32.93
C ASN C 88 21.70 -29.98 32.79
N MET C 89 21.26 -29.73 31.57
CA MET C 89 20.13 -28.84 31.30
C MET C 89 18.79 -29.55 31.15
N ARG C 90 18.75 -30.86 31.37
CA ARG C 90 17.53 -31.61 31.06
C ARG C 90 16.36 -31.14 31.94
N THR C 91 15.13 -31.29 31.43
CA THR C 91 13.92 -30.88 32.16
C THR C 91 13.68 -31.71 33.43
N GLN C 92 13.33 -31.02 34.50
CA GLN C 92 13.07 -31.64 35.82
C GLN C 92 11.61 -31.69 36.30
N VAL C 93 10.62 -31.54 35.42
CA VAL C 93 9.22 -31.52 35.85
C VAL C 93 8.86 -32.77 36.67
N GLU C 94 8.40 -32.54 37.91
CA GLU C 94 8.00 -33.62 38.81
C GLU C 94 6.52 -33.99 38.77
N LEU C 95 5.69 -33.09 38.24
CA LEU C 95 4.23 -33.30 38.27
C LEU C 95 3.53 -32.80 37.01
N GLY C 96 2.78 -33.69 36.37
CA GLY C 96 1.78 -33.26 35.39
C GLY C 96 0.43 -33.09 36.07
N ARG C 97 -0.35 -32.13 35.60
CA ARG C 97 -1.70 -31.90 36.08
C ARG C 97 -2.64 -31.69 34.93
N TYR C 98 -3.60 -32.58 34.77
CA TYR C 98 -4.62 -32.42 33.75
C TYR C 98 -5.86 -31.94 34.45
N VAL C 99 -6.50 -30.92 33.87
CA VAL C 99 -7.48 -30.13 34.61
C VAL C 99 -8.66 -29.74 33.73
N ASP C 100 -9.82 -29.46 34.35
CA ASP C 100 -11.00 -29.06 33.60
C ASP C 100 -11.18 -27.55 33.70
N ALA C 101 -12.21 -27.03 33.03
CA ALA C 101 -12.33 -25.59 32.80
C ALA C 101 -12.35 -24.79 34.10
N GLU C 102 -12.77 -25.41 35.19
CA GLU C 102 -12.75 -24.77 36.49
C GLU C 102 -11.41 -24.84 37.22
N GLY C 103 -10.60 -25.86 36.94
CA GLY C 103 -9.46 -26.18 37.80
C GLY C 103 -9.43 -27.54 38.50
N ASN C 104 -10.50 -28.32 38.36
CA ASN C 104 -10.55 -29.65 38.98
C ASN C 104 -9.71 -30.70 38.22
N ILE C 105 -9.10 -31.62 38.97
CA ILE C 105 -7.97 -32.41 38.49
C ILE C 105 -8.31 -33.84 38.05
N LEU C 106 -7.59 -34.34 37.05
CA LEU C 106 -7.88 -35.64 36.46
C LEU C 106 -6.70 -36.20 35.66
N ASP C 121 16.81 -41.28 26.26
CA ASP C 121 15.91 -40.19 25.87
C ASP C 121 16.16 -38.97 26.78
N ILE C 122 16.60 -37.85 26.20
CA ILE C 122 16.88 -36.65 27.00
C ILE C 122 15.99 -35.49 26.56
N GLU C 123 15.26 -34.94 27.52
CA GLU C 123 14.35 -33.84 27.26
C GLU C 123 15.00 -32.54 27.72
N ILE C 124 14.99 -31.54 26.84
CA ILE C 124 15.67 -30.28 27.09
C ILE C 124 14.93 -29.15 26.38
N LEU C 125 14.84 -27.98 27.02
CA LEU C 125 14.17 -26.85 26.37
C LEU C 125 14.87 -26.51 25.06
N ARG C 126 14.07 -26.29 24.01
CA ARG C 126 14.62 -25.99 22.70
C ARG C 126 15.72 -24.93 22.76
N GLY C 127 15.45 -23.83 23.46
CA GLY C 127 16.37 -22.73 23.51
C GLY C 127 17.71 -23.07 24.12
N ASP C 128 17.71 -23.96 25.11
CA ASP C 128 18.96 -24.38 25.74
C ASP C 128 19.80 -25.21 24.77
N LEU C 129 19.14 -26.00 23.94
CA LEU C 129 19.84 -26.79 22.95
C LEU C 129 20.41 -25.88 21.86
N VAL C 130 19.64 -24.88 21.46
CA VAL C 130 20.14 -23.92 20.48
C VAL C 130 21.45 -23.28 20.98
N GLN C 131 21.46 -22.84 22.25
CA GLN C 131 22.62 -22.19 22.83
C GLN C 131 23.81 -23.12 22.93
N ILE C 132 23.55 -24.34 23.35
CA ILE C 132 24.59 -25.35 23.47
C ILE C 132 25.23 -25.61 22.12
N LEU C 133 24.42 -25.69 21.07
CA LEU C 133 24.95 -25.95 19.73
C LEU C 133 25.75 -24.75 19.22
N ILE C 134 25.20 -23.55 19.36
CA ILE C 134 25.92 -22.32 19.01
C ILE C 134 27.27 -22.27 19.74
N ASP C 135 27.28 -22.59 21.03
CA ASP C 135 28.50 -22.52 21.82
C ASP C 135 29.52 -23.59 21.37
N ALA C 136 29.05 -24.69 20.81
CA ALA C 136 29.92 -25.78 20.42
C ALA C 136 30.57 -25.57 19.06
N MET C 137 30.06 -24.62 18.26
CA MET C 137 30.42 -24.54 16.84
C MET C 137 31.92 -24.34 16.55
N GLY C 138 32.62 -23.64 17.43
CA GLY C 138 34.02 -23.34 17.22
C GLY C 138 34.21 -22.08 16.40
N ASP C 139 35.16 -22.07 15.47
CA ASP C 139 35.41 -20.81 14.78
C ASP C 139 34.48 -20.73 13.59
N VAL C 140 33.25 -20.37 13.91
CA VAL C 140 32.19 -20.19 12.94
C VAL C 140 31.60 -18.82 13.16
N PRO C 141 31.71 -17.93 12.18
CA PRO C 141 31.05 -16.62 12.34
C PRO C 141 29.53 -16.75 12.38
N CYS C 142 28.86 -15.93 13.18
CA CYS C 142 27.41 -15.94 13.26
C CYS C 142 26.88 -14.52 13.12
N HIS C 143 26.12 -14.30 12.06
CA HIS C 143 25.67 -12.96 11.71
C HIS C 143 24.17 -12.84 11.89
N PHE C 144 23.73 -11.78 12.56
CA PHE C 144 22.31 -11.54 12.75
C PHE C 144 21.78 -10.41 11.88
N ASN C 145 20.45 -10.24 11.87
CA ASN C 145 19.79 -9.19 11.09
C ASN C 145 20.17 -9.24 9.60
N GLN C 146 20.36 -10.45 9.09
CA GLN C 146 20.76 -10.67 7.70
C GLN C 146 19.58 -11.10 6.84
N TRP C 147 19.39 -10.40 5.73
CA TRP C 147 18.26 -10.67 4.85
C TRP C 147 18.68 -11.07 3.46
N VAL C 148 18.59 -12.36 3.15
CA VAL C 148 18.93 -12.86 1.82
C VAL C 148 17.82 -12.48 0.85
N GLU C 149 18.21 -11.79 -0.22
CA GLU C 149 17.29 -11.34 -1.28
C GLU C 149 17.11 -12.35 -2.43
N SER C 150 18.21 -12.94 -2.85
CA SER C 150 18.18 -13.93 -3.93
C SER C 150 19.40 -14.83 -3.90
N ILE C 151 19.26 -15.99 -4.54
CA ILE C 151 20.31 -16.99 -4.62
C ILE C 151 20.43 -17.44 -6.06
N LYS C 152 21.63 -17.26 -6.60
CA LYS C 152 21.89 -17.51 -8.02
C LYS C 152 23.01 -18.51 -8.20
N GLN C 153 22.70 -19.68 -8.76
CA GLN C 153 23.70 -20.69 -9.04
C GLN C 153 24.53 -20.30 -10.25
N ARG C 154 25.85 -20.44 -10.12
CA ARG C 154 26.76 -20.14 -11.20
C ARG C 154 27.58 -21.38 -11.41
N ASP C 155 28.56 -21.34 -12.29
CA ASP C 155 29.30 -22.54 -12.66
C ASP C 155 30.04 -23.14 -11.47
N ASN C 156 30.93 -22.33 -10.88
CA ASN C 156 31.78 -22.77 -9.78
C ASN C 156 31.43 -22.27 -8.38
N ASP C 157 30.32 -21.56 -8.24
CA ASP C 157 29.92 -21.04 -6.94
C ASP C 157 28.45 -20.64 -6.92
N VAL C 158 28.01 -20.08 -5.80
CA VAL C 158 26.66 -19.55 -5.67
C VAL C 158 26.77 -18.08 -5.31
N GLU C 159 25.99 -17.25 -5.99
CA GLU C 159 25.99 -15.81 -5.75
C GLU C 159 24.76 -15.43 -4.93
N VAL C 160 25.00 -14.93 -3.73
CA VAL C 160 23.91 -14.55 -2.83
C VAL C 160 23.84 -13.03 -2.73
N GLN C 161 22.66 -12.49 -2.98
CA GLN C 161 22.41 -11.07 -2.83
C GLN C 161 21.56 -10.83 -1.59
N PHE C 162 21.93 -9.80 -0.84
CA PHE C 162 21.27 -9.43 0.41
C PHE C 162 20.46 -8.16 0.20
N LYS C 163 19.43 -7.95 1.01
CA LYS C 163 18.50 -6.85 0.77
C LYS C 163 19.13 -5.48 0.95
N ASP C 164 20.34 -5.43 1.51
CA ASP C 164 21.08 -4.16 1.62
C ASP C 164 21.94 -3.92 0.38
N GLY C 165 21.82 -4.80 -0.61
CA GLY C 165 22.51 -4.61 -1.87
C GLY C 165 23.85 -5.31 -2.00
N ARG C 166 24.33 -5.91 -0.91
CA ARG C 166 25.57 -6.68 -0.96
C ARG C 166 25.44 -7.95 -1.79
N THR C 167 26.55 -8.36 -2.40
CA THR C 167 26.63 -9.62 -3.11
C THR C 167 27.80 -10.41 -2.56
N GLU C 168 27.59 -11.69 -2.27
CA GLU C 168 28.66 -12.52 -1.74
C GLU C 168 28.64 -13.84 -2.49
N LEU C 169 29.81 -14.47 -2.58
CA LEU C 169 29.96 -15.74 -3.27
C LEU C 169 30.34 -16.83 -2.29
N TYR C 170 29.74 -18.00 -2.44
CA TYR C 170 30.02 -19.14 -1.58
C TYR C 170 30.16 -20.39 -2.45
N ASP C 171 30.85 -21.41 -1.93
CA ASP C 171 31.01 -22.66 -2.67
C ASP C 171 29.72 -23.46 -2.64
N LEU C 172 29.04 -23.42 -1.49
CA LEU C 172 27.74 -24.05 -1.33
C LEU C 172 26.84 -23.16 -0.47
N VAL C 173 25.52 -23.32 -0.60
CA VAL C 173 24.59 -22.65 0.30
C VAL C 173 23.67 -23.71 0.91
N ILE C 174 23.50 -23.65 2.22
CA ILE C 174 22.60 -24.55 2.94
C ILE C 174 21.41 -23.80 3.51
N GLY C 175 20.19 -24.18 3.11
CA GLY C 175 19.01 -23.73 3.82
C GLY C 175 18.75 -24.54 5.07
N ALA C 176 18.94 -23.91 6.23
CA ALA C 176 18.61 -24.42 7.56
C ALA C 176 17.45 -23.62 8.19
N ASP C 177 16.63 -22.99 7.35
CA ASP C 177 15.72 -21.92 7.77
C ASP C 177 14.29 -22.38 8.14
N GLY C 178 14.09 -23.68 8.36
CA GLY C 178 12.88 -24.18 8.99
C GLY C 178 11.74 -24.44 8.02
N LEU C 179 10.56 -24.76 8.56
CA LEU C 179 9.40 -25.18 7.77
C LEU C 179 9.09 -24.25 6.60
N HIS C 180 9.16 -22.94 6.84
CA HIS C 180 8.74 -21.94 5.86
C HIS C 180 9.89 -21.45 4.98
N SER C 181 10.92 -22.28 4.87
CA SER C 181 12.23 -21.90 4.33
C SER C 181 12.23 -21.00 3.10
N THR C 182 12.83 -19.84 3.30
CA THR C 182 13.09 -18.86 2.26
C THR C 182 13.96 -19.47 1.18
N THR C 183 14.99 -20.20 1.63
CA THR C 183 15.97 -20.78 0.74
C THR C 183 15.30 -21.75 -0.22
N ARG C 184 14.41 -22.58 0.32
CA ARG C 184 13.69 -23.55 -0.50
C ARG C 184 12.89 -22.85 -1.60
N ARG C 185 12.16 -21.80 -1.23
CA ARG C 185 11.35 -21.05 -2.17
C ARG C 185 12.17 -20.38 -3.29
N MET C 186 13.34 -19.86 -2.94
CA MET C 186 14.19 -19.18 -3.91
C MET C 186 14.90 -20.13 -4.87
N VAL C 187 15.08 -21.37 -4.44
CA VAL C 187 15.98 -22.29 -5.11
C VAL C 187 15.23 -23.35 -5.89
N PHE C 188 14.28 -24.00 -5.23
CA PHE C 188 13.49 -25.06 -5.86
C PHE C 188 12.21 -24.54 -6.56
N ASP C 189 11.85 -25.20 -7.66
CA ASP C 189 10.55 -24.98 -8.29
C ASP C 189 9.44 -25.48 -7.40
N LYS C 190 8.25 -24.90 -7.56
CA LYS C 190 7.11 -25.24 -6.72
C LYS C 190 6.64 -26.67 -6.87
N ASP C 191 7.01 -27.35 -7.96
CA ASP C 191 6.65 -28.75 -8.12
C ASP C 191 7.75 -29.67 -7.57
N GLU C 192 8.79 -29.09 -6.97
CA GLU C 192 9.87 -29.87 -6.37
C GLU C 192 9.70 -30.02 -4.85
N TYR C 193 8.63 -29.46 -4.30
CA TYR C 193 8.30 -29.66 -2.91
C TYR C 193 6.80 -29.48 -2.67
N LYS C 194 6.30 -30.16 -1.65
CA LYS C 194 4.90 -30.08 -1.24
C LYS C 194 4.80 -29.99 0.27
N LEU C 195 4.04 -29.03 0.75
CA LEU C 195 3.73 -28.91 2.17
C LEU C 195 2.35 -29.46 2.45
N THR C 196 2.28 -30.43 3.36
CA THR C 196 1.00 -30.99 3.76
C THR C 196 0.63 -30.48 5.15
N ASN C 197 -0.40 -29.65 5.22
CA ASN C 197 -0.92 -29.14 6.48
C ASN C 197 -1.81 -30.20 7.12
N LEU C 198 -1.57 -30.49 8.40
CA LEU C 198 -2.31 -31.55 9.09
C LEU C 198 -3.54 -31.01 9.83
N GLY C 199 -3.75 -29.70 9.75
CA GLY C 199 -4.98 -29.11 10.22
C GLY C 199 -4.93 -28.61 11.64
N ALA C 200 -3.72 -28.54 12.20
CA ALA C 200 -3.54 -28.05 13.56
C ALA C 200 -2.48 -26.96 13.62
N TYR C 201 -2.52 -26.18 14.69
CA TYR C 201 -1.55 -25.13 14.97
C TYR C 201 -1.06 -25.25 16.38
N PHE C 202 0.12 -24.68 16.63
CA PHE C 202 0.62 -24.59 17.99
C PHE C 202 1.29 -23.26 18.25
N SER C 203 1.44 -22.96 19.53
CA SER C 203 2.10 -21.76 19.99
C SER C 203 2.89 -22.04 21.26
N ALA C 204 4.00 -21.33 21.42
CA ALA C 204 4.78 -21.34 22.64
C ALA C 204 5.21 -19.93 22.99
N PHE C 205 5.06 -19.55 24.25
CA PHE C 205 5.64 -18.32 24.78
C PHE C 205 5.73 -18.35 26.30
N SER C 206 6.62 -17.52 26.83
CA SER C 206 6.92 -17.52 28.25
C SER C 206 6.25 -16.33 28.92
N ILE C 207 5.78 -16.54 30.15
CA ILE C 207 5.17 -15.48 30.96
C ILE C 207 5.68 -15.58 32.39
N PRO C 208 5.44 -14.54 33.21
CA PRO C 208 5.80 -14.69 34.62
C PRO C 208 5.05 -15.88 35.23
N ASN C 209 5.66 -16.58 36.18
CA ASN C 209 5.00 -17.77 36.70
C ASN C 209 4.14 -17.31 37.85
N TYR C 210 2.89 -17.00 37.54
CA TYR C 210 2.08 -16.20 38.46
C TYR C 210 1.24 -17.09 39.35
N LEU C 211 1.20 -18.38 39.02
CA LEU C 211 0.52 -19.37 39.84
C LEU C 211 1.50 -20.08 40.76
N ASN C 212 2.77 -19.70 40.67
CA ASN C 212 3.82 -20.29 41.50
C ASN C 212 3.96 -21.81 41.29
N LEU C 213 3.80 -22.25 40.05
CA LEU C 213 4.05 -23.65 39.71
C LEU C 213 5.47 -24.03 40.09
N ASN C 214 5.63 -25.18 40.73
CA ASN C 214 6.95 -25.68 41.10
C ASN C 214 7.25 -27.00 40.41
N HIS C 215 8.14 -26.95 39.42
CA HIS C 215 8.47 -28.11 38.60
C HIS C 215 7.20 -28.86 38.19
N THR C 216 6.21 -28.09 37.77
CA THR C 216 4.88 -28.60 37.48
C THR C 216 4.38 -28.12 36.12
N ASP C 217 3.77 -29.04 35.38
CA ASP C 217 3.12 -28.75 34.11
C ASP C 217 1.62 -28.93 34.29
N VAL C 218 0.86 -27.88 34.01
CA VAL C 218 -0.59 -27.94 34.11
C VAL C 218 -1.19 -27.79 32.73
N GLN C 219 -2.23 -28.58 32.46
CA GLN C 219 -2.85 -28.61 31.13
C GLN C 219 -4.37 -28.64 31.20
N PHE C 220 -5.01 -27.97 30.24
CA PHE C 220 -6.46 -27.99 30.11
C PHE C 220 -6.88 -28.19 28.66
N GLU C 221 -7.65 -29.24 28.40
CA GLU C 221 -8.08 -29.60 27.06
C GLU C 221 -9.60 -29.59 26.96
N ALA C 222 -10.11 -29.22 25.79
CA ALA C 222 -11.54 -29.31 25.50
C ALA C 222 -11.80 -28.86 24.08
N ASN C 223 -12.91 -29.34 23.50
CA ASN C 223 -13.35 -28.92 22.17
C ASN C 223 -12.23 -28.81 21.14
N GLN C 224 -11.37 -29.83 21.10
CA GLN C 224 -10.25 -29.87 20.13
C GLN C 224 -9.27 -28.71 20.33
N LYS C 225 -9.08 -28.30 21.57
CA LYS C 225 -8.12 -27.25 21.92
C LYS C 225 -7.41 -27.58 23.22
N LEU C 226 -6.17 -27.10 23.35
CA LEU C 226 -5.32 -27.46 24.48
C LEU C 226 -4.53 -26.25 24.92
N ILE C 227 -4.48 -25.99 26.23
CA ILE C 227 -3.60 -24.97 26.77
C ILE C 227 -2.84 -25.57 27.93
N SER C 228 -1.57 -25.17 28.04
CA SER C 228 -0.69 -25.69 29.06
C SER C 228 0.24 -24.61 29.59
N MET C 229 0.70 -24.80 30.81
CA MET C 229 1.64 -23.90 31.44
C MET C 229 2.55 -24.70 32.33
N ALA C 230 3.85 -24.42 32.27
CA ALA C 230 4.81 -25.16 33.06
C ALA C 230 5.96 -24.29 33.53
N SER C 231 6.30 -24.44 34.81
CA SER C 231 7.50 -23.85 35.36
C SER C 231 8.41 -24.98 35.84
N ASP C 232 9.66 -24.96 35.42
CA ASP C 232 10.61 -25.98 35.82
C ASP C 232 12.00 -25.40 36.08
N LYS C 233 12.67 -25.02 35.01
CA LYS C 233 14.07 -24.57 35.07
C LYS C 233 14.21 -23.22 35.80
N ASN C 234 13.27 -22.32 35.54
CA ASN C 234 13.24 -21.00 36.19
C ASN C 234 11.96 -20.86 37.00
N PRO C 235 12.07 -20.71 38.34
CA PRO C 235 10.83 -20.64 39.14
C PRO C 235 10.02 -19.35 38.91
N LYS C 236 10.65 -18.32 38.38
CA LYS C 236 9.97 -17.04 38.15
C LYS C 236 9.24 -17.00 36.82
N ILE C 237 9.50 -17.99 35.96
CA ILE C 237 8.97 -18.01 34.61
C ILE C 237 8.28 -19.33 34.29
N ALA C 238 7.15 -19.23 33.60
CA ALA C 238 6.45 -20.40 33.08
C ALA C 238 6.38 -20.33 31.56
N ILE C 239 6.61 -21.45 30.90
CA ILE C 239 6.38 -21.52 29.46
C ILE C 239 4.97 -22.04 29.20
N THR C 240 4.29 -21.45 28.21
CA THR C 240 2.91 -21.83 27.91
C THR C 240 2.87 -22.48 26.56
N GLY C 241 1.79 -23.21 26.31
CA GLY C 241 1.58 -23.81 25.03
C GLY C 241 0.11 -23.86 24.71
N PHE C 242 -0.14 -23.81 23.40
CA PHE C 242 -1.48 -23.82 22.83
C PHE C 242 -1.43 -24.79 21.67
N CYS C 243 -2.44 -25.65 21.56
CA CYS C 243 -2.67 -26.46 20.38
C CYS C 243 -4.14 -26.43 20.04
N PHE C 244 -4.45 -26.38 18.75
CA PHE C 244 -5.83 -26.41 18.35
C PHE C 244 -5.94 -26.80 16.89
N ARG C 245 -7.13 -27.27 16.52
CA ARG C 245 -7.45 -27.48 15.12
C ARG C 245 -8.33 -26.35 14.65
N ALA C 246 -8.06 -25.92 13.43
CA ALA C 246 -8.74 -24.79 12.82
C ALA C 246 -8.24 -24.65 11.40
N GLN C 247 -8.97 -23.84 10.62
CA GLN C 247 -8.53 -23.44 9.29
C GLN C 247 -8.52 -21.92 9.32
N ASN C 248 -7.61 -21.32 8.56
CA ASN C 248 -7.54 -19.88 8.46
C ASN C 248 -7.30 -19.41 7.04
N VAL C 249 -8.04 -18.36 6.66
CA VAL C 249 -7.93 -17.71 5.34
C VAL C 249 -7.66 -16.21 5.53
N LEU C 250 -8.39 -15.58 6.44
CA LEU C 250 -8.35 -14.12 6.63
C LEU C 250 -7.02 -13.52 7.12
N ASN C 251 -6.28 -14.26 7.93
CA ASN C 251 -5.05 -13.75 8.54
C ASN C 251 -3.78 -14.12 7.80
N ASN C 252 -2.79 -13.24 7.85
CA ASN C 252 -1.46 -13.56 7.32
C ASN C 252 -0.68 -14.17 8.47
N LEU C 253 -0.54 -15.49 8.46
CA LEU C 253 -0.07 -16.21 9.65
C LEU C 253 1.45 -16.34 9.65
N ARG C 254 2.07 -15.62 8.71
CA ARG C 254 3.51 -15.42 8.73
C ARG C 254 3.88 -14.15 9.51
N ASP C 255 2.88 -13.33 9.83
CA ASP C 255 3.09 -12.12 10.63
C ASP C 255 2.78 -12.40 12.10
N GLU C 256 3.70 -12.04 13.00
CA GLU C 256 3.55 -12.34 14.43
C GLU C 256 2.29 -11.71 15.04
N ASN C 257 1.97 -10.48 14.63
CA ASN C 257 0.78 -9.83 15.17
C ASN C 257 -0.50 -10.54 14.78
N GLU C 258 -0.55 -10.99 13.53
CA GLU C 258 -1.69 -11.76 13.03
C GLU C 258 -1.77 -13.15 13.70
N GLN C 259 -0.62 -13.72 14.03
CA GLN C 259 -0.59 -15.01 14.73
C GLN C 259 -1.17 -14.84 16.13
N ARG C 260 -0.77 -13.75 16.79
CA ARG C 260 -1.26 -13.42 18.12
C ARG C 260 -2.76 -13.18 18.11
N ARG C 261 -3.21 -12.47 17.08
CA ARG C 261 -4.63 -12.17 16.95
C ARG C 261 -5.45 -13.44 16.76
N PHE C 262 -4.95 -14.32 15.91
CA PHE C 262 -5.64 -15.55 15.58
C PHE C 262 -5.74 -16.44 16.81
N LEU C 263 -4.68 -16.45 17.60
CA LEU C 263 -4.65 -17.21 18.84
C LEU C 263 -5.65 -16.63 19.85
N ARG C 264 -5.66 -15.30 19.98
CA ARG C 264 -6.59 -14.63 20.88
C ARG C 264 -8.04 -14.89 20.51
N ASP C 265 -8.35 -14.76 19.23
CA ASP C 265 -9.70 -14.96 18.73
C ASP C 265 -10.16 -16.40 18.97
N THR C 266 -9.30 -17.35 18.62
CA THR C 266 -9.60 -18.77 18.82
C THR C 266 -9.86 -19.12 20.27
N PHE C 267 -9.06 -18.57 21.18
CA PHE C 267 -9.13 -18.96 22.59
C PHE C 267 -9.95 -18.03 23.47
N GLN C 268 -10.63 -17.05 22.88
CA GLN C 268 -11.57 -16.23 23.63
C GLN C 268 -12.60 -17.14 24.30
N ASP C 269 -12.86 -16.90 25.58
CA ASP C 269 -13.83 -17.67 26.39
C ASP C 269 -13.48 -19.14 26.61
N PHE C 270 -12.21 -19.52 26.51
CA PHE C 270 -11.85 -20.93 26.57
C PHE C 270 -12.02 -21.52 27.96
N GLY C 271 -11.73 -20.72 28.98
CA GLY C 271 -11.85 -21.17 30.36
C GLY C 271 -10.51 -21.37 31.04
N TRP C 272 -10.56 -21.84 32.29
CA TRP C 272 -9.37 -21.97 33.12
C TRP C 272 -8.62 -20.63 33.11
N GLU C 273 -7.30 -20.66 32.95
CA GLU C 273 -6.47 -19.46 33.11
C GLU C 273 -6.27 -18.71 31.79
N THR C 274 -6.97 -19.14 30.74
CA THR C 274 -6.70 -18.67 29.38
C THR C 274 -6.66 -17.14 29.25
N SER C 275 -7.63 -16.44 29.86
CA SER C 275 -7.70 -14.98 29.74
C SER C 275 -6.48 -14.29 30.32
N LYS C 276 -6.05 -14.74 31.49
CA LYS C 276 -4.88 -14.16 32.13
C LYS C 276 -3.63 -14.44 31.30
N ILE C 277 -3.55 -15.65 30.76
CA ILE C 277 -2.39 -16.04 29.95
C ILE C 277 -2.30 -15.18 28.71
N LEU C 278 -3.44 -14.98 28.03
CA LEU C 278 -3.45 -14.20 26.80
C LEU C 278 -3.12 -12.75 27.07
N GLU C 279 -3.54 -12.27 28.23
CA GLU C 279 -3.21 -10.92 28.65
C GLU C 279 -1.69 -10.75 28.84
N LEU C 280 -1.07 -11.72 29.49
CA LEU C 280 0.39 -11.67 29.73
C LEU C 280 1.20 -11.87 28.45
N MET C 281 0.60 -12.54 27.49
CA MET C 281 1.23 -12.85 26.21
C MET C 281 1.71 -11.59 25.50
N SER C 282 0.98 -10.49 25.66
CA SER C 282 1.31 -9.23 25.00
C SER C 282 2.75 -8.79 25.27
N ASP C 283 3.23 -9.10 26.48
CA ASP C 283 4.57 -8.73 26.91
C ASP C 283 5.61 -9.86 26.77
N SER C 284 5.22 -10.97 26.17
CA SER C 284 6.14 -12.09 26.00
C SER C 284 7.10 -11.84 24.86
N ASN C 285 8.39 -12.05 25.10
CA ASN C 285 9.42 -11.76 24.11
C ASN C 285 9.94 -12.97 23.32
N ASP C 286 9.48 -14.17 23.68
CA ASP C 286 9.85 -15.42 23.00
C ASP C 286 8.72 -16.11 22.18
N PHE C 287 7.69 -15.36 21.80
CA PHE C 287 6.52 -15.93 21.10
C PHE C 287 6.86 -16.67 19.80
N TYR C 288 6.28 -17.86 19.65
CA TYR C 288 6.35 -18.63 18.41
C TYR C 288 5.00 -19.29 18.11
N PHE C 289 4.67 -19.33 16.83
CA PHE C 289 3.42 -19.91 16.35
C PHE C 289 3.68 -20.58 15.02
N ASP C 290 3.16 -21.77 14.82
CA ASP C 290 3.21 -22.37 13.50
C ASP C 290 2.15 -23.45 13.34
N SER C 291 2.04 -23.94 12.12
CA SER C 291 1.20 -25.08 11.77
C SER C 291 1.90 -26.41 12.01
N PHE C 292 1.09 -27.46 12.17
CA PHE C 292 1.60 -28.82 12.05
C PHE C 292 1.61 -29.15 10.55
N THR C 293 2.80 -29.33 9.99
CA THR C 293 2.95 -29.43 8.54
C THR C 293 4.12 -30.32 8.21
N GLN C 294 4.02 -31.07 7.11
CA GLN C 294 5.11 -31.92 6.67
C GLN C 294 5.64 -31.47 5.33
N VAL C 295 6.95 -31.55 5.17
CA VAL C 295 7.61 -31.14 3.93
C VAL C 295 8.06 -32.38 3.19
N LYS C 296 7.53 -32.56 1.98
CA LYS C 296 7.91 -33.71 1.13
C LYS C 296 8.60 -33.25 -0.15
N MET C 297 9.82 -33.73 -0.35
CA MET C 297 10.64 -33.40 -1.51
C MET C 297 11.30 -34.66 -2.05
N LYS C 298 11.35 -34.78 -3.37
CA LYS C 298 12.07 -35.89 -3.98
C LYS C 298 13.57 -35.77 -3.76
N SER C 299 14.06 -34.52 -3.71
CA SER C 299 15.47 -34.25 -3.41
C SER C 299 15.60 -33.01 -2.53
N TRP C 300 16.47 -33.08 -1.52
CA TRP C 300 16.68 -31.97 -0.58
C TRP C 300 17.81 -31.08 -1.11
N THR C 301 18.36 -31.45 -2.26
CA THR C 301 19.49 -30.75 -2.83
C THR C 301 19.21 -30.37 -4.28
N LYS C 302 19.70 -29.20 -4.68
CA LYS C 302 19.66 -28.81 -6.09
C LYS C 302 20.91 -28.02 -6.41
N GLY C 303 21.70 -28.52 -7.37
CA GLY C 303 22.94 -27.86 -7.72
C GLY C 303 23.87 -27.77 -6.54
N ARG C 304 24.29 -26.54 -6.21
CA ARG C 304 25.19 -26.26 -5.07
C ARG C 304 24.43 -25.89 -3.80
N VAL C 305 23.11 -26.09 -3.81
CA VAL C 305 22.28 -25.76 -2.65
C VAL C 305 21.70 -27.02 -2.00
N ALA C 306 21.74 -27.06 -0.67
CA ALA C 306 21.17 -28.17 0.11
C ALA C 306 20.29 -27.68 1.25
N LEU C 307 19.25 -28.44 1.57
CA LEU C 307 18.41 -28.13 2.72
C LEU C 307 18.68 -29.12 3.84
N VAL C 308 18.74 -28.61 5.06
CA VAL C 308 18.94 -29.45 6.23
C VAL C 308 17.89 -29.09 7.27
N GLY C 309 17.36 -30.10 7.96
CA GLY C 309 16.31 -29.88 8.93
C GLY C 309 14.92 -29.73 8.32
N ASP C 310 14.08 -28.94 9.00
CA ASP C 310 12.67 -28.80 8.65
C ASP C 310 12.50 -28.24 7.25
N ALA C 311 13.48 -27.48 6.77
CA ALA C 311 13.40 -26.87 5.45
C ALA C 311 13.18 -27.92 4.37
N GLY C 312 13.92 -29.02 4.48
CA GLY C 312 13.74 -30.14 3.58
C GLY C 312 12.70 -31.19 3.95
N TYR C 313 12.74 -31.60 5.20
CA TYR C 313 11.99 -32.77 5.70
C TYR C 313 11.10 -32.64 6.96
N CYS C 314 10.60 -31.45 7.28
CA CYS C 314 9.79 -31.28 8.47
C CYS C 314 8.75 -32.41 8.57
N ALA C 315 8.69 -33.02 9.74
CA ALA C 315 7.71 -34.08 10.03
C ALA C 315 6.53 -33.61 10.90
N SER C 316 6.52 -32.32 11.24
CA SER C 316 5.59 -31.71 12.21
C SER C 316 5.98 -32.10 13.62
N PRO C 317 5.50 -31.35 14.62
CA PRO C 317 5.80 -31.68 16.03
C PRO C 317 5.23 -33.03 16.51
N PHE C 318 4.29 -33.61 15.78
CA PHE C 318 3.57 -34.79 16.30
C PHE C 318 4.47 -35.95 16.80
N PRO C 319 5.41 -36.43 15.96
CA PRO C 319 6.37 -37.45 16.39
C PRO C 319 7.52 -36.92 17.27
N GLY C 320 7.68 -35.61 17.38
CA GLY C 320 8.71 -35.04 18.24
C GLY C 320 10.13 -35.28 17.73
N GLN C 321 10.26 -35.46 16.43
CA GLN C 321 11.51 -35.82 15.79
C GLN C 321 12.28 -34.66 15.14
N GLY C 322 11.78 -33.44 15.26
CA GLY C 322 12.41 -32.32 14.57
C GLY C 322 13.91 -32.14 14.87
N SER C 323 14.25 -32.14 16.14
CA SER C 323 15.66 -31.98 16.54
C SER C 323 16.50 -33.20 16.21
N ASN C 324 15.95 -34.40 16.39
CA ASN C 324 16.71 -35.59 16.00
C ASN C 324 17.03 -35.60 14.51
N GLN C 325 16.07 -35.22 13.67
CA GLN C 325 16.31 -35.17 12.23
C GLN C 325 17.36 -34.12 11.88
N ALA C 326 17.32 -32.99 12.59
CA ALA C 326 18.28 -31.93 12.33
C ALA C 326 19.70 -32.35 12.72
N LEU C 327 19.85 -33.04 13.86
CA LEU C 327 21.18 -33.46 14.33
C LEU C 327 21.74 -34.56 13.43
N VAL C 328 20.90 -35.52 13.07
CA VAL C 328 21.35 -36.63 12.22
C VAL C 328 21.63 -36.15 10.79
N GLY C 329 20.71 -35.38 10.23
CA GLY C 329 20.88 -34.84 8.90
C GLY C 329 22.13 -33.96 8.77
N ALA C 330 22.40 -33.17 9.80
CA ALA C 330 23.58 -32.30 9.83
C ALA C 330 24.86 -33.13 9.73
N TYR C 331 24.92 -34.20 10.51
CA TYR C 331 26.08 -35.08 10.59
C TYR C 331 26.33 -35.79 9.26
N ILE C 332 25.28 -36.40 8.71
CA ILE C 332 25.38 -37.09 7.43
C ILE C 332 25.75 -36.14 6.30
N PHE C 333 25.14 -34.96 6.28
CA PHE C 333 25.46 -34.00 5.24
C PHE C 333 26.95 -33.67 5.26
N ALA C 334 27.44 -33.29 6.44
CA ALA C 334 28.81 -32.85 6.60
C ALA C 334 29.82 -33.97 6.31
N GLY C 335 29.52 -35.16 6.80
CA GLY C 335 30.41 -36.29 6.64
C GLY C 335 30.49 -36.75 5.19
N GLU C 336 29.35 -36.82 4.52
CA GLU C 336 29.37 -37.18 3.10
C GLU C 336 30.14 -36.14 2.31
N LEU C 337 30.02 -34.87 2.71
CA LEU C 337 30.72 -33.80 1.98
C LEU C 337 32.22 -33.96 2.17
N LYS C 338 32.63 -34.22 3.41
CA LYS C 338 34.02 -34.45 3.76
C LYS C 338 34.64 -35.57 2.93
N GLN C 339 33.97 -36.72 2.92
CA GLN C 339 34.53 -37.90 2.26
C GLN C 339 34.48 -37.82 0.75
N ALA C 340 33.69 -36.89 0.23
CA ALA C 340 33.57 -36.74 -1.21
C ALA C 340 34.71 -35.90 -1.79
N GLU C 341 35.44 -35.20 -0.92
CA GLU C 341 36.59 -34.39 -1.32
C GLU C 341 36.36 -33.61 -2.62
N GLY C 342 35.41 -32.68 -2.55
CA GLY C 342 35.10 -31.80 -3.66
C GLY C 342 33.94 -32.25 -4.52
N ASN C 343 33.60 -33.54 -4.47
CA ASN C 343 32.56 -34.03 -5.36
C ASN C 343 31.22 -33.92 -4.66
N TYR C 344 30.52 -32.81 -4.89
CA TYR C 344 29.34 -32.49 -4.09
C TYR C 344 28.10 -33.16 -4.68
N HIS C 345 28.18 -33.51 -5.96
CA HIS C 345 27.09 -34.25 -6.58
C HIS C 345 26.97 -35.61 -5.90
N ARG C 346 28.11 -36.27 -5.69
CA ARG C 346 28.17 -37.54 -4.98
C ARG C 346 27.72 -37.38 -3.52
N ALA C 347 28.21 -36.36 -2.85
CA ALA C 347 27.85 -36.15 -1.44
C ALA C 347 26.35 -35.93 -1.29
N PHE C 348 25.78 -35.12 -2.17
CA PHE C 348 24.37 -34.79 -2.08
C PHE C 348 23.49 -35.99 -2.39
N ASN C 349 23.91 -36.82 -3.34
CA ASN C 349 23.16 -38.05 -3.63
C ASN C 349 23.13 -38.92 -2.40
N ARG C 350 24.28 -39.09 -1.76
CA ARG C 350 24.37 -39.98 -0.61
C ARG C 350 23.65 -39.39 0.60
N TYR C 351 23.69 -38.08 0.76
CA TYR C 351 22.91 -37.41 1.81
C TYR C 351 21.41 -37.73 1.66
N ASN C 352 20.88 -37.53 0.46
CA ASN C 352 19.49 -37.84 0.18
C ASN C 352 19.16 -39.29 0.51
N GLU C 353 19.99 -40.20 0.00
CA GLU C 353 19.69 -41.63 0.14
C GLU C 353 19.80 -42.16 1.57
N LEU C 354 20.81 -41.74 2.31
CA LEU C 354 21.03 -42.27 3.64
C LEU C 354 20.03 -41.78 4.68
N LEU C 355 19.55 -40.54 4.53
CA LEU C 355 18.60 -39.98 5.50
C LEU C 355 17.11 -40.26 5.18
N GLN C 356 16.83 -40.62 3.94
CA GLN C 356 15.44 -40.78 3.50
C GLN C 356 14.63 -41.80 4.34
N PRO C 357 15.21 -42.97 4.66
CA PRO C 357 14.45 -43.94 5.46
C PRO C 357 13.99 -43.40 6.84
N PHE C 358 14.85 -42.68 7.54
CA PHE C 358 14.51 -42.08 8.84
C PHE C 358 13.38 -41.04 8.69
N VAL C 359 13.53 -40.13 7.74
CA VAL C 359 12.51 -39.12 7.49
C VAL C 359 11.14 -39.75 7.15
N GLU C 360 11.17 -40.77 6.30
CA GLU C 360 9.93 -41.43 5.87
C GLU C 360 9.22 -42.06 7.06
N ALA C 361 9.99 -42.72 7.93
CA ALA C 361 9.43 -43.31 9.13
C ALA C 361 8.85 -42.24 10.07
N ASN C 362 9.61 -41.18 10.31
CA ASN C 362 9.14 -40.09 11.17
C ASN C 362 7.87 -39.45 10.63
N GLN C 363 7.79 -39.23 9.31
CA GLN C 363 6.63 -38.59 8.72
C GLN C 363 5.40 -39.51 8.81
N LYS C 364 5.63 -40.81 8.66
CA LYS C 364 4.55 -41.79 8.81
C LYS C 364 4.03 -41.77 10.25
N PHE C 365 4.94 -41.75 11.21
CA PHE C 365 4.53 -41.68 12.61
C PHE C 365 3.76 -40.38 12.93
N GLY C 366 4.17 -39.28 12.31
CA GLY C 366 3.49 -38.01 12.49
C GLY C 366 2.03 -38.07 12.05
N VAL C 367 1.80 -38.71 10.92
CA VAL C 367 0.46 -38.86 10.41
C VAL C 367 -0.38 -39.75 11.34
N LEU C 368 0.24 -40.80 11.88
CA LEU C 368 -0.45 -41.70 12.77
C LEU C 368 -0.85 -41.01 14.06
N VAL C 369 0.05 -40.22 14.63
CA VAL C 369 -0.28 -39.44 15.82
C VAL C 369 -1.40 -38.45 15.49
N ASN C 370 -1.35 -37.86 14.30
CA ASN C 370 -2.34 -36.86 13.89
C ASN C 370 -3.75 -37.42 13.96
N GLU C 371 -3.90 -38.69 13.59
CA GLU C 371 -5.21 -39.27 13.41
C GLU C 371 -6.02 -39.30 14.71
N SER C 372 -5.33 -39.42 15.84
CA SER C 372 -5.97 -39.38 17.16
C SER C 372 -5.78 -38.11 18.02
N PHE C 373 -5.16 -37.06 17.47
CA PHE C 373 -4.89 -35.84 18.23
C PHE C 373 -6.00 -34.79 18.10
N LEU C 374 -6.56 -34.36 19.23
CA LEU C 374 -7.64 -33.37 19.26
C LEU C 374 -8.74 -33.73 18.26
N VAL C 375 -9.25 -34.96 18.40
CA VAL C 375 -10.18 -35.55 17.47
C VAL C 375 -11.57 -35.71 18.09
N LYS C 381 -9.61 -43.84 26.50
CA LYS C 381 -8.59 -43.25 27.35
C LYS C 381 -7.49 -44.25 27.65
N GLU C 382 -7.87 -45.36 28.27
CA GLU C 382 -6.94 -46.45 28.53
C GLU C 382 -6.38 -46.93 27.19
N VAL C 383 -7.26 -47.05 26.21
CA VAL C 383 -6.88 -47.57 24.90
C VAL C 383 -6.14 -46.51 24.08
N ALA C 384 -6.46 -45.24 24.33
CA ALA C 384 -5.72 -44.16 23.70
C ALA C 384 -4.27 -44.14 24.20
N GLU C 385 -4.08 -44.54 25.47
CA GLU C 385 -2.73 -44.58 26.05
C GLU C 385 -1.91 -45.72 25.49
N GLU C 386 -2.53 -46.87 25.34
CA GLU C 386 -1.87 -48.05 24.78
C GLU C 386 -1.44 -47.79 23.33
N ARG C 387 -2.31 -47.16 22.56
CA ARG C 387 -2.00 -46.84 21.16
C ARG C 387 -0.90 -45.81 21.08
N SER C 388 -0.98 -44.80 21.94
CA SER C 388 0.04 -43.77 22.03
C SER C 388 1.37 -44.36 22.48
N ASN C 389 1.32 -45.30 23.42
CA ASN C 389 2.52 -45.90 23.95
C ASN C 389 3.21 -46.72 22.87
N LYS C 390 2.41 -47.36 22.02
CA LYS C 390 2.95 -48.16 20.94
C LYS C 390 3.68 -47.30 19.90
N ILE C 391 3.08 -46.19 19.52
CA ILE C 391 3.71 -45.30 18.54
C ILE C 391 5.00 -44.72 19.12
N MET C 392 4.98 -44.35 20.40
CA MET C 392 6.15 -43.78 21.04
C MET C 392 7.28 -44.82 21.10
N GLN C 393 6.93 -46.07 21.39
CA GLN C 393 7.94 -47.13 21.38
C GLN C 393 8.56 -47.25 19.98
N GLU C 394 7.73 -47.19 18.96
CA GLU C 394 8.22 -47.40 17.60
C GLU C 394 9.07 -46.20 17.15
N ILE C 395 8.71 -45.00 17.59
CA ILE C 395 9.53 -43.82 17.31
C ILE C 395 10.90 -43.96 17.98
N LYS C 396 10.91 -44.40 19.22
CA LYS C 396 12.17 -44.61 19.93
C LYS C 396 13.04 -45.66 19.26
N ILE C 397 12.41 -46.74 18.81
CA ILE C 397 13.15 -47.79 18.13
C ILE C 397 13.74 -47.27 16.83
N VAL C 398 12.93 -46.63 16.00
CA VAL C 398 13.47 -46.18 14.72
C VAL C 398 14.60 -45.18 14.89
N SER C 399 14.56 -44.40 15.96
CA SER C 399 15.64 -43.44 16.23
C SER C 399 16.98 -44.11 16.51
N ASN C 400 16.94 -45.41 16.80
CA ASN C 400 18.13 -46.23 17.00
C ASN C 400 18.51 -47.11 15.81
N MET C 401 17.71 -47.04 14.75
CA MET C 401 17.87 -47.88 13.56
C MET C 401 18.54 -47.17 12.39
N ILE C 402 19.18 -46.03 12.65
CA ILE C 402 19.99 -45.38 11.63
C ILE C 402 21.46 -45.72 11.84
N SER C 403 22.14 -46.18 10.79
CA SER C 403 23.59 -46.39 10.88
C SER C 403 24.32 -45.08 10.67
N LEU C 404 25.26 -44.78 11.55
CA LEU C 404 26.11 -43.59 11.41
C LEU C 404 27.45 -43.97 10.80
N PRO C 405 27.70 -43.58 9.53
CA PRO C 405 29.00 -43.90 8.94
C PRO C 405 30.13 -43.30 9.75
N ASN C 406 31.30 -43.91 9.69
CA ASN C 406 32.47 -43.33 10.32
C ASN C 406 33.12 -42.40 9.32
N TYR C 407 33.20 -41.13 9.69
CA TYR C 407 33.80 -40.15 8.80
C TYR C 407 35.16 -39.75 9.33
N MET D 22 -0.69 -7.34 -48.40
CA MET D 22 -0.46 -8.28 -47.27
C MET D 22 -1.12 -9.64 -47.55
N PRO D 23 -0.43 -10.74 -47.20
CA PRO D 23 -1.06 -12.06 -47.39
C PRO D 23 -2.38 -12.18 -46.65
N ILE D 24 -3.36 -12.87 -47.24
CA ILE D 24 -4.69 -12.92 -46.67
C ILE D 24 -4.72 -13.69 -45.36
N ILE D 25 -5.68 -13.33 -44.52
CA ILE D 25 -5.93 -14.01 -43.26
C ILE D 25 -7.28 -14.68 -43.35
N ASN D 26 -7.30 -16.00 -43.15
CA ASN D 26 -8.57 -16.74 -43.16
C ASN D 26 -8.73 -17.66 -41.96
N LYS D 27 -7.82 -18.63 -41.84
CA LYS D 27 -7.93 -19.69 -40.85
C LYS D 27 -7.42 -19.26 -39.49
N ILE D 28 -8.32 -19.22 -38.51
CA ILE D 28 -8.03 -18.69 -37.18
C ILE D 28 -8.47 -19.64 -36.10
N LEU D 29 -7.53 -20.04 -35.24
CA LEU D 29 -7.85 -20.88 -34.09
C LEU D 29 -8.30 -20.00 -32.94
N VAL D 30 -9.44 -20.35 -32.35
CA VAL D 30 -9.97 -19.67 -31.17
C VAL D 30 -9.96 -20.67 -30.01
N ILE D 31 -9.21 -20.34 -28.97
CA ILE D 31 -9.05 -21.24 -27.84
C ILE D 31 -9.94 -20.83 -26.66
N GLY D 32 -10.93 -21.69 -26.42
CA GLY D 32 -11.89 -21.67 -25.32
C GLY D 32 -13.31 -21.23 -25.65
N ALA D 33 -14.27 -22.01 -25.15
CA ALA D 33 -15.67 -21.76 -25.50
C ALA D 33 -16.42 -21.32 -24.28
N GLY D 34 -16.23 -20.05 -24.01
CA GLY D 34 -16.79 -19.32 -22.90
C GLY D 34 -17.80 -18.38 -23.50
N ILE D 35 -17.69 -17.12 -23.07
CA ILE D 35 -18.36 -16.00 -23.70
C ILE D 35 -17.54 -15.43 -24.89
N ALA D 36 -16.32 -15.02 -24.60
CA ALA D 36 -15.43 -14.39 -25.60
C ALA D 36 -15.16 -15.24 -26.86
N GLY D 37 -14.90 -16.53 -26.69
CA GLY D 37 -14.58 -17.37 -27.82
C GLY D 37 -15.71 -17.51 -28.82
N PRO D 38 -16.89 -17.96 -28.36
CA PRO D 38 -18.03 -18.06 -29.27
C PRO D 38 -18.38 -16.70 -29.88
N ALA D 39 -18.34 -15.64 -29.08
CA ALA D 39 -18.65 -14.32 -29.60
C ALA D 39 -17.68 -13.92 -30.72
N VAL D 40 -16.38 -14.11 -30.54
CA VAL D 40 -15.44 -13.68 -31.57
C VAL D 40 -15.53 -14.61 -32.79
N CYS D 41 -15.86 -15.88 -32.58
CA CYS D 41 -16.15 -16.76 -33.70
C CYS D 41 -17.33 -16.24 -34.52
N TYR D 42 -18.40 -15.80 -33.86
CA TYR D 42 -19.55 -15.24 -34.56
C TYR D 42 -19.16 -14.07 -35.47
N TRP D 43 -18.40 -13.13 -34.92
CA TRP D 43 -18.07 -11.93 -35.66
C TRP D 43 -17.06 -12.24 -36.75
N LEU D 44 -16.08 -13.09 -36.43
CA LEU D 44 -15.08 -13.45 -37.42
C LEU D 44 -15.73 -14.12 -38.62
N ARG D 45 -16.70 -14.99 -38.36
CA ARG D 45 -17.38 -15.69 -39.43
C ARG D 45 -18.23 -14.73 -40.28
N ARG D 46 -18.95 -13.85 -39.60
CA ARG D 46 -19.80 -12.86 -40.27
C ARG D 46 -19.00 -11.92 -41.18
N PHE D 47 -17.78 -11.61 -40.74
CA PHE D 47 -16.90 -10.69 -41.46
C PHE D 47 -16.00 -11.41 -42.45
N GLY D 48 -16.25 -12.70 -42.65
CA GLY D 48 -15.66 -13.42 -43.78
C GLY D 48 -14.46 -14.28 -43.49
N PHE D 49 -14.12 -14.49 -42.22
CA PHE D 49 -12.99 -15.35 -41.88
C PHE D 49 -13.49 -16.76 -41.58
N SER D 50 -12.55 -17.67 -41.29
CA SER D 50 -12.86 -19.07 -40.99
C SER D 50 -12.34 -19.45 -39.61
N PRO D 51 -13.07 -19.05 -38.57
CA PRO D 51 -12.62 -19.39 -37.22
C PRO D 51 -12.87 -20.85 -36.89
N ILE D 52 -12.01 -21.41 -36.05
CA ILE D 52 -12.16 -22.78 -35.56
C ILE D 52 -12.10 -22.72 -34.03
N LEU D 53 -13.16 -23.17 -33.37
CA LEU D 53 -13.22 -23.11 -31.92
C LEU D 53 -12.82 -24.44 -31.27
N VAL D 54 -11.87 -24.37 -30.33
CA VAL D 54 -11.47 -25.53 -29.53
C VAL D 54 -11.64 -25.27 -28.02
N GLU D 55 -11.99 -26.33 -27.32
CA GLU D 55 -12.31 -26.33 -25.89
C GLU D 55 -11.59 -27.51 -25.24
N ARG D 56 -11.04 -27.30 -24.06
CA ARG D 56 -10.27 -28.32 -23.35
C ARG D 56 -11.20 -29.33 -22.67
N CYS D 57 -12.32 -28.84 -22.16
CA CYS D 57 -13.30 -29.69 -21.50
C CYS D 57 -14.01 -30.59 -22.53
N ALA D 58 -14.57 -31.71 -22.06
CA ALA D 58 -15.27 -32.66 -22.94
C ALA D 58 -16.58 -32.13 -23.50
N ASN D 59 -17.15 -31.12 -22.87
CA ASN D 59 -18.41 -30.55 -23.31
C ASN D 59 -18.46 -29.08 -22.98
N LEU D 60 -19.51 -28.38 -23.40
CA LEU D 60 -19.66 -26.95 -23.07
C LEU D 60 -19.78 -26.82 -21.58
N ARG D 61 -19.05 -25.88 -21.01
CA ARG D 61 -19.16 -25.62 -19.57
C ARG D 61 -20.15 -24.51 -19.36
N LYS D 62 -21.33 -24.89 -18.87
CA LYS D 62 -22.46 -23.96 -18.73
C LYS D 62 -22.76 -23.53 -17.29
N GLY D 63 -21.88 -23.86 -16.34
CA GLY D 63 -22.05 -23.39 -14.98
C GLY D 63 -21.92 -21.86 -14.88
N GLY D 64 -22.15 -21.34 -13.69
CA GLY D 64 -21.98 -19.92 -13.41
C GLY D 64 -23.26 -19.17 -13.09
N HIS D 65 -23.08 -18.08 -12.36
CA HIS D 65 -24.17 -17.24 -11.92
C HIS D 65 -24.71 -16.39 -13.06
N ALA D 66 -25.79 -15.66 -12.77
CA ALA D 66 -26.35 -14.74 -13.75
C ALA D 66 -25.31 -13.67 -14.11
N VAL D 67 -25.32 -13.25 -15.37
CA VAL D 67 -24.52 -12.13 -15.85
C VAL D 67 -25.42 -11.00 -16.35
N ASP D 68 -24.92 -9.78 -16.34
CA ASP D 68 -25.70 -8.62 -16.79
C ASP D 68 -25.13 -8.09 -18.10
N ILE D 69 -25.97 -8.08 -19.13
CA ILE D 69 -25.63 -7.53 -20.43
C ILE D 69 -26.14 -6.09 -20.42
N ARG D 70 -25.21 -5.16 -20.62
CA ARG D 70 -25.47 -3.73 -20.39
C ARG D 70 -25.10 -2.87 -21.57
N GLY D 71 -25.91 -1.84 -21.80
CA GLY D 71 -25.52 -0.76 -22.68
C GLY D 71 -25.23 -1.20 -24.10
N VAL D 72 -24.05 -0.85 -24.60
CA VAL D 72 -23.70 -1.12 -25.99
C VAL D 72 -23.62 -2.63 -26.27
N ALA D 73 -23.47 -3.43 -25.22
CA ALA D 73 -23.48 -4.88 -25.40
C ALA D 73 -24.88 -5.35 -25.79
N ILE D 74 -25.91 -4.61 -25.38
CA ILE D 74 -27.28 -4.90 -25.80
C ILE D 74 -27.43 -4.62 -27.31
N ASP D 75 -26.86 -3.51 -27.77
CA ASP D 75 -26.87 -3.19 -29.20
C ASP D 75 -26.16 -4.27 -30.01
N LEU D 76 -25.08 -4.82 -29.45
CA LEU D 76 -24.36 -5.88 -30.15
C LEU D 76 -25.20 -7.17 -30.19
N ALA D 77 -25.88 -7.48 -29.10
CA ALA D 77 -26.76 -8.65 -29.07
C ALA D 77 -27.88 -8.53 -30.11
N LYS D 78 -28.39 -7.32 -30.30
CA LYS D 78 -29.38 -7.06 -31.35
C LYS D 78 -28.79 -7.28 -32.73
N SER D 79 -27.62 -6.70 -32.98
CA SER D 79 -26.95 -6.89 -34.26
C SER D 79 -26.57 -8.35 -34.51
N MET D 80 -26.37 -9.12 -33.43
CA MET D 80 -26.01 -10.53 -33.56
C MET D 80 -27.24 -11.40 -33.78
N GLY D 81 -28.43 -10.82 -33.60
CA GLY D 81 -29.67 -11.57 -33.75
C GLY D 81 -30.06 -12.40 -32.54
N ILE D 82 -29.35 -12.20 -31.43
CA ILE D 82 -29.61 -12.99 -30.20
C ILE D 82 -30.41 -12.25 -29.11
N TYR D 83 -30.82 -11.01 -29.38
CA TYR D 83 -31.41 -10.19 -28.32
C TYR D 83 -32.72 -10.79 -27.79
N LYS D 84 -33.58 -11.22 -28.69
CA LYS D 84 -34.85 -11.79 -28.28
C LYS D 84 -34.65 -13.07 -27.48
N LYS D 85 -33.70 -13.91 -27.91
CA LYS D 85 -33.43 -15.14 -27.20
C LYS D 85 -32.93 -14.86 -25.79
N ILE D 86 -32.07 -13.84 -25.65
CA ILE D 86 -31.57 -13.49 -24.33
C ILE D 86 -32.72 -12.97 -23.49
N CYS D 87 -33.58 -12.14 -24.08
CA CYS D 87 -34.76 -11.66 -23.37
C CYS D 87 -35.65 -12.82 -22.93
N ASN D 88 -35.87 -13.79 -23.81
CA ASN D 88 -36.67 -14.96 -23.47
C ASN D 88 -36.09 -15.76 -22.29
N MET D 89 -34.77 -15.73 -22.13
CA MET D 89 -34.09 -16.50 -21.09
C MET D 89 -33.76 -15.71 -19.83
N ARG D 90 -34.20 -14.45 -19.76
CA ARG D 90 -33.79 -13.60 -18.65
C ARG D 90 -34.28 -14.13 -17.31
N THR D 91 -33.54 -13.80 -16.27
CA THR D 91 -33.86 -14.23 -14.91
C THR D 91 -35.10 -13.51 -14.38
N GLN D 92 -35.91 -14.29 -13.67
CA GLN D 92 -37.17 -13.87 -13.06
C GLN D 92 -37.20 -13.81 -11.52
N VAL D 93 -36.08 -13.68 -10.83
CA VAL D 93 -36.11 -13.66 -9.36
C VAL D 93 -37.02 -12.55 -8.81
N GLU D 94 -38.01 -12.94 -8.02
CA GLU D 94 -38.97 -12.01 -7.43
C GLU D 94 -38.70 -11.59 -5.99
N LEU D 95 -37.84 -12.33 -5.32
CA LEU D 95 -37.62 -12.14 -3.89
C LEU D 95 -36.16 -12.41 -3.55
N GLY D 96 -35.50 -11.44 -2.91
CA GLY D 96 -34.31 -11.73 -2.14
C GLY D 96 -34.62 -11.85 -0.67
N ARG D 97 -33.99 -12.82 -0.02
CA ARG D 97 -34.08 -12.98 1.43
C ARG D 97 -32.69 -12.93 2.00
N TYR D 98 -32.60 -12.33 3.18
CA TYR D 98 -31.36 -12.25 3.93
C TYR D 98 -31.67 -12.85 5.28
N VAL D 99 -30.92 -13.88 5.66
CA VAL D 99 -31.23 -14.62 6.87
C VAL D 99 -30.02 -14.63 7.79
N ASP D 100 -30.26 -14.99 9.06
CA ASP D 100 -29.19 -15.14 10.02
C ASP D 100 -28.76 -16.60 10.05
N ALA D 101 -27.81 -16.92 10.92
CA ALA D 101 -27.24 -18.27 10.98
C ALA D 101 -28.28 -19.34 11.28
N GLU D 102 -29.44 -18.93 11.80
CA GLU D 102 -30.53 -19.85 12.12
C GLU D 102 -31.60 -19.92 11.05
N GLY D 103 -31.49 -19.09 10.02
CA GLY D 103 -32.49 -19.07 8.96
C GLY D 103 -33.63 -18.10 9.16
N ASN D 104 -33.64 -17.39 10.30
CA ASN D 104 -34.63 -16.33 10.49
C ASN D 104 -34.42 -15.28 9.43
N ILE D 105 -35.51 -14.78 8.87
CA ILE D 105 -35.43 -13.77 7.83
C ILE D 105 -35.18 -12.40 8.47
N LEU D 106 -34.05 -11.82 8.15
CA LEU D 106 -33.67 -10.51 8.64
C LEU D 106 -34.28 -9.40 7.80
N HIS D 107 -34.32 -9.64 6.49
CA HIS D 107 -34.80 -8.64 5.53
C HIS D 107 -35.30 -9.32 4.26
N GLU D 108 -36.25 -8.68 3.57
CA GLU D 108 -36.69 -9.12 2.25
C GLU D 108 -36.79 -7.96 1.27
N GLU D 109 -36.41 -8.20 0.02
CA GLU D 109 -36.61 -7.25 -1.05
C GLU D 109 -37.39 -7.93 -2.17
N LYS D 110 -38.33 -7.21 -2.76
CA LYS D 110 -39.23 -7.78 -3.78
C LYS D 110 -39.08 -7.10 -5.12
N ASP D 121 -31.00 -3.19 -20.14
CA ASP D 121 -30.04 -4.15 -19.64
C ASP D 121 -30.72 -5.45 -19.19
N ILE D 122 -30.05 -6.57 -19.39
CA ILE D 122 -30.66 -7.89 -19.20
C ILE D 122 -29.80 -8.82 -18.37
N GLU D 123 -30.42 -9.48 -17.40
CA GLU D 123 -29.74 -10.47 -16.59
C GLU D 123 -30.11 -11.87 -17.07
N ILE D 124 -29.09 -12.71 -17.28
CA ILE D 124 -29.26 -14.05 -17.85
C ILE D 124 -28.24 -15.02 -17.25
N LEU D 125 -28.62 -16.27 -17.01
CA LEU D 125 -27.65 -17.24 -16.51
C LEU D 125 -26.48 -17.38 -17.50
N ARG D 126 -25.26 -17.43 -16.96
CA ARG D 126 -24.06 -17.54 -17.78
C ARG D 126 -24.18 -18.64 -18.83
N GLY D 127 -24.61 -19.83 -18.41
CA GLY D 127 -24.67 -20.98 -19.30
C GLY D 127 -25.67 -20.80 -20.43
N ASP D 128 -26.77 -20.11 -20.14
CA ASP D 128 -27.77 -19.85 -21.15
C ASP D 128 -27.20 -18.91 -22.21
N LEU D 129 -26.34 -17.99 -21.78
CA LEU D 129 -25.69 -17.09 -22.72
C LEU D 129 -24.64 -17.85 -23.54
N VAL D 130 -23.89 -18.74 -22.89
CA VAL D 130 -22.89 -19.53 -23.60
C VAL D 130 -23.57 -20.29 -24.73
N GLN D 131 -24.67 -20.99 -24.40
CA GLN D 131 -25.42 -21.78 -25.37
C GLN D 131 -25.94 -20.92 -26.53
N ILE D 132 -26.49 -19.75 -26.19
CA ILE D 132 -27.00 -18.83 -27.20
C ILE D 132 -25.91 -18.36 -28.16
N LEU D 133 -24.72 -18.08 -27.65
CA LEU D 133 -23.62 -17.66 -28.50
C LEU D 133 -23.13 -18.83 -29.38
N ILE D 134 -23.04 -20.00 -28.79
CA ILE D 134 -22.65 -21.19 -29.55
C ILE D 134 -23.63 -21.43 -30.70
N ASP D 135 -24.92 -21.35 -30.41
CA ASP D 135 -25.95 -21.59 -31.42
C ASP D 135 -25.91 -20.52 -32.51
N ALA D 136 -25.56 -19.29 -32.15
CA ALA D 136 -25.55 -18.17 -33.10
C ALA D 136 -24.34 -18.21 -34.03
N MET D 137 -23.33 -18.95 -33.60
CA MET D 137 -22.07 -19.07 -34.32
C MET D 137 -22.23 -19.50 -35.77
N GLY D 138 -23.25 -20.31 -36.05
CA GLY D 138 -23.51 -20.78 -37.40
C GLY D 138 -22.49 -21.81 -37.84
N ASP D 139 -21.82 -21.57 -38.98
CA ASP D 139 -20.94 -22.61 -39.48
C ASP D 139 -19.54 -22.30 -39.00
N VAL D 140 -19.28 -22.75 -37.78
CA VAL D 140 -17.99 -22.68 -37.14
C VAL D 140 -17.72 -24.02 -36.50
N PRO D 141 -16.65 -24.72 -36.90
CA PRO D 141 -16.31 -25.98 -36.22
C PRO D 141 -16.03 -25.76 -34.73
N CYS D 142 -16.58 -26.64 -33.89
CA CYS D 142 -16.36 -26.58 -32.45
C CYS D 142 -15.86 -27.94 -31.98
N HIS D 143 -14.67 -27.95 -31.37
CA HIS D 143 -14.01 -29.19 -30.99
C HIS D 143 -13.80 -29.24 -29.48
N PHE D 144 -14.17 -30.36 -28.87
CA PHE D 144 -13.99 -30.55 -27.44
C PHE D 144 -12.85 -31.52 -27.14
N ASN D 145 -12.50 -31.64 -25.87
CA ASN D 145 -11.39 -32.50 -25.44
C ASN D 145 -10.08 -32.22 -26.19
N GLN D 146 -9.83 -30.94 -26.50
CA GLN D 146 -8.65 -30.53 -27.26
C GLN D 146 -7.62 -29.88 -26.34
N TRP D 147 -6.39 -30.41 -26.36
CA TRP D 147 -5.34 -29.93 -25.48
C TRP D 147 -4.15 -29.33 -26.22
N VAL D 148 -4.06 -28.00 -26.22
CA VAL D 148 -2.94 -27.32 -26.85
C VAL D 148 -1.70 -27.49 -25.97
N GLU D 149 -0.65 -28.04 -26.58
CA GLU D 149 0.66 -28.22 -25.95
C GLU D 149 1.63 -27.05 -26.12
N SER D 150 1.68 -26.48 -27.33
CA SER D 150 2.55 -25.35 -27.59
C SER D 150 2.09 -24.52 -28.77
N ILE D 151 2.55 -23.27 -28.79
CA ILE D 151 2.22 -22.32 -29.84
C ILE D 151 3.52 -21.67 -30.29
N LYS D 152 3.83 -21.83 -31.57
CA LYS D 152 5.08 -21.33 -32.13
C LYS D 152 4.79 -20.40 -33.27
N GLN D 153 5.22 -19.15 -33.13
CA GLN D 153 5.03 -18.18 -34.18
C GLN D 153 6.06 -18.39 -35.27
N ARG D 154 5.58 -18.39 -36.51
CA ARG D 154 6.43 -18.51 -37.67
C ARG D 154 6.14 -17.29 -38.54
N ASP D 155 7.01 -17.04 -39.52
CA ASP D 155 6.93 -15.83 -40.32
C ASP D 155 5.51 -15.57 -40.86
N ASN D 156 4.97 -16.56 -41.56
CA ASN D 156 3.66 -16.42 -42.21
C ASN D 156 2.48 -17.08 -41.52
N ASP D 157 2.70 -17.76 -40.40
CA ASP D 157 1.61 -18.45 -39.72
C ASP D 157 1.98 -18.83 -38.28
N VAL D 158 1.06 -19.51 -37.62
CA VAL D 158 1.29 -20.01 -36.28
C VAL D 158 1.13 -21.52 -36.27
N GLU D 159 2.10 -22.20 -35.68
CA GLU D 159 2.12 -23.65 -35.62
C GLU D 159 1.72 -24.09 -34.23
N VAL D 160 0.63 -24.82 -34.14
CA VAL D 160 0.09 -25.25 -32.87
C VAL D 160 0.26 -26.75 -32.74
N GLN D 161 0.84 -27.18 -31.63
CA GLN D 161 0.98 -28.60 -31.34
C GLN D 161 -0.04 -29.01 -30.28
N PHE D 162 -0.64 -30.18 -30.43
CA PHE D 162 -1.58 -30.69 -29.45
C PHE D 162 -0.93 -31.84 -28.69
N LYS D 163 -1.40 -32.07 -27.47
CA LYS D 163 -0.78 -33.05 -26.59
C LYS D 163 -0.86 -34.47 -27.16
N ASP D 164 -1.68 -34.68 -28.19
CA ASP D 164 -1.73 -36.00 -28.85
C ASP D 164 -0.71 -36.12 -29.99
N GLY D 165 0.14 -35.11 -30.16
CA GLY D 165 1.17 -35.15 -31.18
C GLY D 165 0.84 -34.39 -32.46
N ARG D 166 -0.43 -34.10 -32.68
CA ARG D 166 -0.84 -33.39 -33.89
C ARG D 166 -0.25 -32.00 -33.95
N THR D 167 0.08 -31.57 -35.17
CA THR D 167 0.48 -30.19 -35.44
C THR D 167 -0.45 -29.63 -36.49
N GLU D 168 -0.89 -28.39 -36.28
CA GLU D 168 -1.74 -27.73 -37.24
C GLU D 168 -1.29 -26.29 -37.40
N LEU D 169 -1.54 -25.72 -38.57
CA LEU D 169 -1.14 -24.36 -38.87
C LEU D 169 -2.36 -23.47 -38.96
N TYR D 170 -2.22 -22.25 -38.46
CA TYR D 170 -3.26 -21.23 -38.58
C TYR D 170 -2.64 -19.87 -38.91
N ASP D 171 -3.44 -19.00 -39.50
CA ASP D 171 -3.01 -17.64 -39.82
C ASP D 171 -2.85 -16.80 -38.55
N LEU D 172 -3.82 -16.95 -37.65
CA LEU D 172 -3.81 -16.30 -36.34
C LEU D 172 -4.31 -17.27 -35.29
N VAL D 173 -3.92 -17.05 -34.03
CA VAL D 173 -4.48 -17.75 -32.88
C VAL D 173 -5.03 -16.75 -31.84
N ILE D 174 -6.25 -17.01 -31.37
CA ILE D 174 -6.89 -16.19 -30.32
C ILE D 174 -6.97 -16.95 -29.00
N GLY D 175 -6.33 -16.43 -27.93
CA GLY D 175 -6.66 -16.90 -26.60
C GLY D 175 -7.96 -16.29 -26.08
N ALA D 176 -8.99 -17.13 -26.00
CA ALA D 176 -10.28 -16.84 -25.38
C ALA D 176 -10.49 -17.67 -24.10
N ASP D 177 -9.38 -18.12 -23.52
CA ASP D 177 -9.42 -19.17 -22.50
C ASP D 177 -9.49 -18.70 -21.04
N GLY D 178 -9.79 -17.42 -20.82
CA GLY D 178 -10.19 -16.95 -19.50
C GLY D 178 -9.05 -16.46 -18.63
N LEU D 179 -9.35 -16.18 -17.36
CA LEU D 179 -8.42 -15.52 -16.45
C LEU D 179 -7.07 -16.21 -16.39
N HIS D 180 -7.07 -17.55 -16.43
CA HIS D 180 -5.87 -18.35 -16.21
C HIS D 180 -5.21 -18.80 -17.51
N SER D 181 -5.51 -18.06 -18.57
CA SER D 181 -5.23 -18.43 -19.95
C SER D 181 -3.89 -19.12 -20.18
N THR D 182 -4.02 -20.32 -20.76
CA THR D 182 -2.87 -21.13 -21.16
C THR D 182 -2.16 -20.45 -22.31
N THR D 183 -2.96 -19.89 -23.20
CA THR D 183 -2.46 -19.20 -24.38
C THR D 183 -1.56 -18.04 -23.98
N ARG D 184 -2.00 -17.25 -23.01
CA ARG D 184 -1.22 -16.12 -22.53
C ARG D 184 0.14 -16.60 -22.02
N ARG D 185 0.12 -17.66 -21.22
CA ARG D 185 1.31 -18.17 -20.58
C ARG D 185 2.31 -18.72 -21.60
N MET D 186 1.79 -19.35 -22.65
CA MET D 186 2.62 -19.88 -23.71
C MET D 186 3.23 -18.77 -24.59
N VAL D 187 2.44 -17.74 -24.89
CA VAL D 187 2.84 -16.75 -25.88
C VAL D 187 3.52 -15.46 -25.38
N PHE D 188 3.31 -15.10 -24.11
CA PHE D 188 3.82 -13.84 -23.57
C PHE D 188 4.85 -14.12 -22.49
N ASP D 189 5.86 -13.26 -22.39
CA ASP D 189 6.83 -13.32 -21.30
C ASP D 189 6.14 -12.90 -20.02
N LYS D 190 6.69 -13.35 -18.90
CA LYS D 190 6.08 -13.11 -17.59
C LYS D 190 6.01 -11.61 -17.28
N ASP D 191 6.87 -10.82 -17.91
CA ASP D 191 6.87 -9.37 -17.66
C ASP D 191 5.92 -8.63 -18.61
N GLU D 192 5.21 -9.37 -19.47
CA GLU D 192 4.23 -8.77 -20.36
C GLU D 192 2.79 -8.86 -19.82
N TYR D 193 2.63 -9.45 -18.64
CA TYR D 193 1.33 -9.48 -17.97
C TYR D 193 1.50 -9.56 -16.46
N LYS D 194 0.54 -8.98 -15.75
CA LYS D 194 0.51 -9.01 -14.30
C LYS D 194 -0.90 -9.32 -13.82
N LEU D 195 -1.01 -10.34 -12.98
CA LEU D 195 -2.26 -10.70 -12.33
C LEU D 195 -2.27 -10.09 -10.94
N THR D 196 -3.26 -9.23 -10.68
CA THR D 196 -3.42 -8.62 -9.38
C THR D 196 -4.63 -9.23 -8.69
N ASN D 197 -4.39 -9.92 -7.60
CA ASN D 197 -5.45 -10.52 -6.81
C ASN D 197 -6.03 -9.49 -5.86
N LEU D 198 -7.35 -9.46 -5.78
CA LEU D 198 -8.03 -8.47 -4.97
C LEU D 198 -8.38 -8.98 -3.57
N GLY D 199 -7.98 -10.22 -3.26
CA GLY D 199 -8.10 -10.74 -1.91
C GLY D 199 -9.42 -11.44 -1.62
N ALA D 200 -10.04 -12.04 -2.64
CA ALA D 200 -11.27 -12.78 -2.43
C ALA D 200 -11.40 -13.93 -3.43
N TYR D 201 -12.28 -14.87 -3.11
CA TYR D 201 -12.59 -16.01 -3.95
C TYR D 201 -14.11 -16.15 -4.11
N PHE D 202 -14.56 -16.74 -5.22
CA PHE D 202 -15.96 -17.13 -5.35
C PHE D 202 -16.10 -18.54 -5.90
N SER D 203 -17.31 -19.09 -5.75
CA SER D 203 -17.64 -20.39 -6.30
C SER D 203 -19.10 -20.35 -6.77
N ALA D 204 -19.42 -21.12 -7.81
CA ALA D 204 -20.79 -21.32 -8.26
C ALA D 204 -20.98 -22.79 -8.55
N PHE D 205 -22.07 -23.37 -8.06
CA PHE D 205 -22.43 -24.73 -8.45
C PHE D 205 -23.90 -24.98 -8.17
N SER D 206 -24.45 -25.96 -8.88
CA SER D 206 -25.88 -26.27 -8.80
C SER D 206 -26.16 -27.51 -7.99
N ILE D 207 -27.25 -27.45 -7.25
CA ILE D 207 -27.71 -28.55 -6.42
C ILE D 207 -29.23 -28.67 -6.58
N PRO D 208 -29.79 -29.80 -6.12
CA PRO D 208 -31.25 -29.92 -6.13
C PRO D 208 -31.88 -28.83 -5.26
N ASN D 209 -33.04 -28.31 -5.65
CA ASN D 209 -33.60 -27.20 -4.90
C ASN D 209 -34.40 -27.80 -3.75
N TYR D 210 -33.70 -28.12 -2.67
CA TYR D 210 -34.27 -28.99 -1.64
C TYR D 210 -35.11 -28.16 -0.66
N LEU D 211 -34.86 -26.85 -0.63
CA LEU D 211 -35.66 -25.94 0.16
C LEU D 211 -36.91 -25.49 -0.59
N ASN D 212 -37.00 -25.86 -1.87
CA ASN D 212 -38.13 -25.53 -2.74
C ASN D 212 -38.33 -24.03 -2.89
N LEU D 213 -37.21 -23.31 -3.02
CA LEU D 213 -37.25 -21.89 -3.33
C LEU D 213 -38.01 -21.64 -4.60
N ASN D 214 -38.81 -20.57 -4.57
CA ASN D 214 -39.66 -20.17 -5.67
C ASN D 214 -39.25 -18.80 -6.22
N HIS D 215 -38.53 -18.78 -7.34
CA HIS D 215 -38.01 -17.54 -7.91
C HIS D 215 -37.43 -16.63 -6.81
N THR D 216 -36.64 -17.24 -5.94
CA THR D 216 -36.14 -16.61 -4.74
C THR D 216 -34.66 -16.86 -4.59
N ASP D 217 -33.94 -15.82 -4.18
CA ASP D 217 -32.54 -15.89 -3.78
C ASP D 217 -32.42 -15.69 -2.26
N VAL D 218 -31.72 -16.59 -1.58
CA VAL D 218 -31.49 -16.48 -0.15
C VAL D 218 -30.00 -16.39 0.12
N GLN D 219 -29.63 -15.54 1.06
CA GLN D 219 -28.24 -15.18 1.29
C GLN D 219 -27.98 -15.06 2.79
N PHE D 220 -26.83 -15.57 3.22
CA PHE D 220 -26.41 -15.48 4.62
C PHE D 220 -24.97 -14.96 4.63
N GLU D 221 -24.74 -13.88 5.35
CA GLU D 221 -23.41 -13.27 5.40
C GLU D 221 -22.93 -13.13 6.84
N ALA D 222 -21.71 -13.60 7.11
CA ALA D 222 -21.06 -13.38 8.40
C ALA D 222 -19.54 -13.51 8.29
N ASN D 223 -18.81 -12.73 9.08
CA ASN D 223 -17.36 -12.85 9.15
C ASN D 223 -16.66 -12.87 7.78
N GLN D 224 -17.03 -11.93 6.92
CA GLN D 224 -16.38 -11.72 5.63
C GLN D 224 -16.49 -12.97 4.75
N LYS D 225 -17.62 -13.66 4.92
CA LYS D 225 -17.99 -14.80 4.09
C LYS D 225 -19.46 -14.64 3.73
N LEU D 226 -19.84 -15.18 2.57
CA LEU D 226 -21.21 -15.12 2.10
C LEU D 226 -21.57 -16.42 1.38
N ILE D 227 -22.75 -16.95 1.65
CA ILE D 227 -23.27 -18.10 0.94
C ILE D 227 -24.65 -17.71 0.43
N SER D 228 -24.97 -18.09 -0.80
CA SER D 228 -26.27 -17.78 -1.36
C SER D 228 -26.81 -18.96 -2.14
N MET D 229 -28.13 -19.00 -2.29
CA MET D 229 -28.80 -20.06 -3.03
C MET D 229 -30.03 -19.49 -3.70
N ALA D 230 -30.22 -19.81 -4.98
CA ALA D 230 -31.35 -19.32 -5.75
C ALA D 230 -31.94 -20.37 -6.67
N SER D 231 -33.27 -20.42 -6.71
CA SER D 231 -33.99 -21.17 -7.74
C SER D 231 -34.91 -20.24 -8.50
N ASP D 232 -34.82 -20.26 -9.82
CA ASP D 232 -35.64 -19.40 -10.67
C ASP D 232 -36.04 -20.06 -11.99
N LYS D 233 -35.06 -20.27 -12.86
CA LYS D 233 -35.32 -20.77 -14.22
C LYS D 233 -35.79 -22.24 -14.19
N ASN D 234 -35.29 -23.00 -13.23
CA ASN D 234 -35.60 -24.43 -13.06
C ASN D 234 -35.96 -24.74 -11.61
N PRO D 235 -37.25 -24.91 -11.30
CA PRO D 235 -37.60 -25.11 -9.87
C PRO D 235 -37.03 -26.38 -9.25
N LYS D 236 -36.50 -27.30 -10.05
CA LYS D 236 -35.87 -28.51 -9.48
C LYS D 236 -34.44 -28.23 -9.02
N ILE D 237 -33.88 -27.11 -9.44
CA ILE D 237 -32.46 -26.85 -9.22
C ILE D 237 -32.24 -25.48 -8.60
N ALA D 238 -31.32 -25.42 -7.63
CA ALA D 238 -30.86 -24.15 -7.08
C ALA D 238 -29.39 -23.97 -7.41
N ILE D 239 -29.05 -22.76 -7.83
CA ILE D 239 -27.64 -22.43 -8.02
C ILE D 239 -27.14 -21.77 -6.74
N THR D 240 -25.97 -22.18 -6.29
CA THR D 240 -25.42 -21.68 -5.04
C THR D 240 -24.24 -20.81 -5.35
N GLY D 241 -23.89 -19.94 -4.40
CA GLY D 241 -22.68 -19.16 -4.54
C GLY D 241 -22.04 -18.97 -3.19
N PHE D 242 -20.72 -18.85 -3.22
CA PHE D 242 -19.90 -18.66 -2.04
C PHE D 242 -18.99 -17.52 -2.39
N CYS D 243 -18.81 -16.58 -1.47
CA CYS D 243 -17.79 -15.56 -1.61
C CYS D 243 -17.09 -15.42 -0.28
N PHE D 244 -15.76 -15.26 -0.31
CA PHE D 244 -15.05 -14.99 0.92
C PHE D 244 -13.75 -14.24 0.69
N ARG D 245 -13.39 -13.45 1.69
CA ARG D 245 -12.11 -12.77 1.73
C ARG D 245 -11.03 -13.72 2.19
N ALA D 246 -9.89 -13.64 1.52
CA ALA D 246 -8.75 -14.44 1.87
C ALA D 246 -7.48 -13.62 1.74
N GLN D 247 -6.71 -13.57 2.82
CA GLN D 247 -5.37 -13.02 2.77
C GLN D 247 -4.57 -13.98 1.93
N ASN D 248 -3.72 -13.46 1.06
CA ASN D 248 -2.89 -14.30 0.21
C ASN D 248 -3.69 -15.24 -0.70
N VAL D 249 -4.24 -14.67 -1.77
CA VAL D 249 -4.86 -15.46 -2.81
C VAL D 249 -3.83 -16.35 -3.53
N ASP D 255 -6.72 -27.08 -9.62
CA ASP D 255 -7.29 -28.42 -9.54
C ASP D 255 -8.67 -28.41 -8.87
N GLU D 256 -9.67 -28.97 -9.53
CA GLU D 256 -11.04 -28.87 -9.03
C GLU D 256 -11.19 -29.51 -7.64
N ASN D 257 -10.54 -30.64 -7.40
CA ASN D 257 -10.65 -31.27 -6.10
C ASN D 257 -10.04 -30.41 -4.99
N GLU D 258 -8.92 -29.76 -5.30
CA GLU D 258 -8.28 -28.88 -4.31
C GLU D 258 -9.17 -27.67 -4.02
N GLN D 259 -9.85 -27.19 -5.04
CA GLN D 259 -10.75 -26.04 -4.88
C GLN D 259 -11.92 -26.43 -4.00
N ARG D 260 -12.48 -27.60 -4.25
CA ARG D 260 -13.58 -28.11 -3.44
C ARG D 260 -13.18 -28.26 -1.98
N ARG D 261 -11.97 -28.76 -1.75
CA ARG D 261 -11.49 -29.02 -0.39
C ARG D 261 -11.30 -27.71 0.35
N PHE D 262 -10.72 -26.75 -0.35
CA PHE D 262 -10.49 -25.41 0.20
C PHE D 262 -11.83 -24.79 0.60
N LEU D 263 -12.84 -24.93 -0.25
CA LEU D 263 -14.14 -24.36 0.03
C LEU D 263 -14.77 -25.04 1.24
N ARG D 264 -14.66 -26.36 1.31
CA ARG D 264 -15.23 -27.11 2.42
C ARG D 264 -14.54 -26.73 3.73
N ASP D 265 -13.21 -26.60 3.69
CA ASP D 265 -12.45 -26.28 4.89
C ASP D 265 -12.80 -24.89 5.36
N THR D 266 -12.87 -23.96 4.42
CA THR D 266 -13.18 -22.57 4.73
C THR D 266 -14.56 -22.39 5.34
N PHE D 267 -15.55 -23.14 4.84
CA PHE D 267 -16.94 -22.96 5.27
C PHE D 267 -17.45 -23.97 6.29
N GLN D 268 -16.58 -24.83 6.79
CA GLN D 268 -16.96 -25.72 7.88
C GLN D 268 -17.45 -24.92 9.07
N ASP D 269 -18.57 -25.34 9.63
CA ASP D 269 -19.19 -24.65 10.77
C ASP D 269 -19.66 -23.23 10.47
N PHE D 270 -19.91 -22.88 9.20
CA PHE D 270 -20.29 -21.51 8.86
C PHE D 270 -21.71 -21.14 9.31
N GLY D 271 -22.63 -22.11 9.26
CA GLY D 271 -24.00 -21.86 9.68
C GLY D 271 -25.01 -21.76 8.54
N TRP D 272 -26.25 -21.44 8.90
CA TRP D 272 -27.41 -21.59 8.02
C TRP D 272 -27.33 -22.97 7.35
N GLU D 273 -27.45 -23.04 6.02
CA GLU D 273 -27.60 -24.31 5.31
C GLU D 273 -26.26 -24.86 4.81
N THR D 274 -25.17 -24.21 5.20
CA THR D 274 -23.85 -24.53 4.66
C THR D 274 -23.54 -26.04 4.67
N SER D 275 -23.84 -26.74 5.77
CA SER D 275 -23.52 -28.16 5.89
C SER D 275 -24.17 -29.02 4.81
N LYS D 276 -25.49 -28.84 4.66
CA LYS D 276 -26.26 -29.53 3.65
C LYS D 276 -25.80 -29.16 2.24
N ILE D 277 -25.54 -27.87 2.02
CA ILE D 277 -25.17 -27.42 0.68
C ILE D 277 -23.85 -28.06 0.25
N LEU D 278 -22.89 -28.12 1.18
CA LEU D 278 -21.59 -28.72 0.90
C LEU D 278 -21.70 -30.24 0.70
N GLU D 279 -22.60 -30.88 1.43
CA GLU D 279 -22.90 -32.28 1.21
C GLU D 279 -23.39 -32.50 -0.24
N LEU D 280 -24.28 -31.65 -0.72
CA LEU D 280 -24.82 -31.80 -2.07
C LEU D 280 -23.81 -31.39 -3.16
N MET D 281 -22.86 -30.53 -2.80
CA MET D 281 -21.82 -30.08 -3.73
C MET D 281 -21.05 -31.27 -4.33
N SER D 282 -20.93 -32.35 -3.58
CA SER D 282 -20.19 -33.53 -4.07
C SER D 282 -20.72 -34.06 -5.41
N ASP D 283 -22.03 -33.93 -5.62
CA ASP D 283 -22.68 -34.42 -6.82
C ASP D 283 -22.93 -33.34 -7.89
N SER D 284 -22.48 -32.12 -7.64
CA SER D 284 -22.67 -31.06 -8.62
C SER D 284 -21.78 -31.25 -9.84
N ASN D 285 -22.35 -31.13 -11.04
CA ASN D 285 -21.58 -31.30 -12.28
C ASN D 285 -21.14 -30.02 -12.99
N ASP D 286 -21.54 -28.87 -12.47
CA ASP D 286 -21.22 -27.56 -13.02
C ASP D 286 -20.29 -26.69 -12.14
N PHE D 287 -19.57 -27.29 -11.20
CA PHE D 287 -18.74 -26.55 -10.25
C PHE D 287 -17.74 -25.60 -10.89
N TYR D 288 -17.67 -24.38 -10.35
CA TYR D 288 -16.64 -23.43 -10.72
C TYR D 288 -16.15 -22.68 -9.49
N PHE D 289 -14.84 -22.42 -9.45
CA PHE D 289 -14.21 -21.69 -8.35
C PHE D 289 -13.11 -20.80 -8.94
N ASP D 290 -12.98 -19.57 -8.45
CA ASP D 290 -11.84 -18.76 -8.86
C ASP D 290 -11.64 -17.59 -7.89
N SER D 291 -10.54 -16.89 -8.10
CA SER D 291 -10.19 -15.66 -7.38
C SER D 291 -10.82 -14.43 -8.03
N PHE D 292 -10.95 -13.36 -7.26
CA PHE D 292 -11.23 -12.04 -7.81
C PHE D 292 -9.87 -11.46 -8.18
N THR D 293 -9.62 -11.32 -9.47
CA THR D 293 -8.29 -11.03 -10.00
C THR D 293 -8.42 -10.17 -11.24
N GLN D 294 -7.48 -9.24 -11.45
CA GLN D 294 -7.46 -8.44 -12.65
C GLN D 294 -6.19 -8.74 -13.44
N VAL D 295 -6.33 -8.74 -14.76
CA VAL D 295 -5.23 -8.96 -15.68
C VAL D 295 -4.84 -7.64 -16.34
N LYS D 296 -3.58 -7.28 -16.19
CA LYS D 296 -3.04 -6.03 -16.69
C LYS D 296 -1.90 -6.30 -17.67
N MET D 297 -2.11 -5.88 -18.91
CA MET D 297 -1.15 -6.08 -19.99
C MET D 297 -1.03 -4.79 -20.79
N LYS D 298 0.20 -4.43 -21.17
CA LYS D 298 0.40 -3.27 -22.03
C LYS D 298 -0.14 -3.54 -23.44
N SER D 299 -0.09 -4.81 -23.85
CA SER D 299 -0.66 -5.25 -25.13
C SER D 299 -1.34 -6.60 -24.96
N TRP D 300 -2.51 -6.75 -25.56
CA TRP D 300 -3.26 -8.00 -25.57
C TRP D 300 -2.85 -8.87 -26.76
N THR D 301 -1.93 -8.36 -27.57
CA THR D 301 -1.54 -8.99 -28.82
C THR D 301 -0.04 -9.10 -28.91
N LYS D 302 0.42 -10.22 -29.47
CA LYS D 302 1.83 -10.39 -29.78
C LYS D 302 2.00 -11.16 -31.08
N GLY D 303 2.55 -10.51 -32.11
CA GLY D 303 2.67 -11.17 -33.40
C GLY D 303 1.33 -11.56 -33.98
N ARG D 304 1.16 -12.85 -34.24
CA ARG D 304 -0.07 -13.40 -34.82
C ARG D 304 -1.04 -13.92 -33.74
N VAL D 305 -0.75 -13.62 -32.47
CA VAL D 305 -1.60 -14.03 -31.35
C VAL D 305 -2.29 -12.86 -30.65
N ALA D 306 -3.58 -13.02 -30.37
CA ALA D 306 -4.41 -12.03 -29.66
C ALA D 306 -5.19 -12.69 -28.53
N LEU D 307 -5.33 -11.96 -27.43
CA LEU D 307 -6.19 -12.36 -26.32
C LEU D 307 -7.49 -11.58 -26.38
N VAL D 308 -8.60 -12.29 -26.13
CA VAL D 308 -9.94 -11.70 -26.08
C VAL D 308 -10.61 -12.17 -24.79
N GLY D 309 -11.27 -11.25 -24.10
CA GLY D 309 -11.96 -11.55 -22.86
C GLY D 309 -11.03 -11.53 -21.65
N ASP D 310 -11.37 -12.31 -20.64
CA ASP D 310 -10.64 -12.34 -19.36
C ASP D 310 -9.15 -12.68 -19.52
N ALA D 311 -8.81 -13.42 -20.56
CA ALA D 311 -7.41 -13.78 -20.82
C ALA D 311 -6.49 -12.55 -20.88
N GLY D 312 -6.94 -11.53 -21.59
CA GLY D 312 -6.22 -10.27 -21.61
C GLY D 312 -6.52 -9.24 -20.54
N TYR D 313 -7.81 -9.02 -20.33
CA TYR D 313 -8.28 -7.90 -19.51
C TYR D 313 -9.24 -8.20 -18.33
N CYS D 314 -9.22 -9.38 -17.72
CA CYS D 314 -10.15 -9.66 -16.64
C CYS D 314 -10.25 -8.48 -15.66
N ALA D 315 -11.48 -8.08 -15.35
CA ALA D 315 -11.73 -7.01 -14.38
C ALA D 315 -12.15 -7.53 -13.01
N SER D 316 -12.24 -8.86 -12.89
CA SER D 316 -12.79 -9.56 -11.73
C SER D 316 -14.32 -9.45 -11.75
N PRO D 317 -15.00 -10.29 -10.96
CA PRO D 317 -16.47 -10.22 -10.94
C PRO D 317 -17.06 -8.96 -10.30
N PHE D 318 -16.26 -8.20 -9.57
CA PHE D 318 -16.80 -7.10 -8.76
C PHE D 318 -17.68 -6.13 -9.56
N PRO D 319 -17.19 -5.60 -10.70
CA PRO D 319 -18.04 -4.73 -11.54
C PRO D 319 -19.07 -5.47 -12.40
N GLY D 320 -18.98 -6.80 -12.54
CA GLY D 320 -19.97 -7.53 -13.31
C GLY D 320 -19.88 -7.33 -14.82
N GLN D 321 -18.69 -6.97 -15.28
CA GLN D 321 -18.46 -6.60 -16.67
C GLN D 321 -17.82 -7.65 -17.58
N GLY D 322 -17.59 -8.86 -17.06
CA GLY D 322 -16.89 -9.89 -17.82
C GLY D 322 -17.49 -10.19 -19.18
N SER D 323 -18.81 -10.37 -19.21
CA SER D 323 -19.49 -10.72 -20.45
C SER D 323 -19.53 -9.52 -21.37
N ASN D 324 -19.75 -8.34 -20.79
CA ASN D 324 -19.83 -7.14 -21.60
C ASN D 324 -18.50 -6.88 -22.29
N GLN D 325 -17.41 -7.03 -21.55
CA GLN D 325 -16.06 -6.92 -22.13
C GLN D 325 -15.81 -7.96 -23.21
N ALA D 326 -16.24 -9.19 -22.97
CA ALA D 326 -16.03 -10.24 -23.96
C ALA D 326 -16.76 -9.92 -25.26
N LEU D 327 -17.99 -9.44 -25.15
CA LEU D 327 -18.80 -9.19 -26.33
C LEU D 327 -18.29 -7.98 -27.10
N VAL D 328 -17.90 -6.93 -26.36
CA VAL D 328 -17.37 -5.73 -26.99
C VAL D 328 -16.01 -6.00 -27.60
N GLY D 329 -15.13 -6.64 -26.83
CA GLY D 329 -13.81 -6.98 -27.32
C GLY D 329 -13.88 -7.87 -28.54
N ALA D 330 -14.81 -8.81 -28.55
CA ALA D 330 -14.94 -9.73 -29.68
C ALA D 330 -15.34 -8.96 -30.94
N TYR D 331 -16.26 -8.03 -30.79
CA TYR D 331 -16.76 -7.23 -31.92
C TYR D 331 -15.65 -6.36 -32.48
N ILE D 332 -15.00 -5.59 -31.61
CA ILE D 332 -13.92 -4.70 -32.06
C ILE D 332 -12.77 -5.48 -32.69
N PHE D 333 -12.37 -6.61 -32.09
CA PHE D 333 -11.30 -7.41 -32.66
C PHE D 333 -11.58 -7.84 -34.09
N ALA D 334 -12.77 -8.39 -34.31
CA ALA D 334 -13.11 -8.94 -35.61
C ALA D 334 -13.30 -7.80 -36.63
N GLY D 335 -13.91 -6.71 -36.20
CA GLY D 335 -14.13 -5.58 -37.09
C GLY D 335 -12.84 -4.92 -37.55
N GLU D 336 -11.91 -4.71 -36.62
CA GLU D 336 -10.62 -4.14 -36.97
C GLU D 336 -9.86 -5.08 -37.90
N LEU D 337 -9.93 -6.39 -37.64
CA LEU D 337 -9.24 -7.34 -38.52
C LEU D 337 -9.84 -7.29 -39.92
N LYS D 338 -11.15 -7.21 -40.00
CA LYS D 338 -11.82 -7.06 -41.29
C LYS D 338 -11.28 -5.82 -42.02
N GLN D 339 -11.27 -4.69 -41.33
CA GLN D 339 -10.91 -3.42 -41.95
C GLN D 339 -9.45 -3.35 -42.38
N ALA D 340 -8.58 -4.09 -41.70
CA ALA D 340 -7.15 -3.99 -41.95
C ALA D 340 -6.71 -4.80 -43.17
N GLU D 341 -7.62 -5.61 -43.71
CA GLU D 341 -7.39 -6.38 -44.94
C GLU D 341 -5.98 -6.97 -45.03
N GLY D 342 -5.67 -7.88 -44.12
CA GLY D 342 -4.40 -8.58 -44.15
C GLY D 342 -3.34 -7.99 -43.25
N ASN D 343 -3.46 -6.73 -42.86
CA ASN D 343 -2.47 -6.16 -41.97
C ASN D 343 -2.94 -6.35 -40.53
N TYR D 344 -2.43 -7.40 -39.90
CA TYR D 344 -2.91 -7.78 -38.58
C TYR D 344 -2.20 -6.90 -37.56
N HIS D 345 -1.02 -6.40 -37.92
CA HIS D 345 -0.29 -5.46 -37.07
C HIS D 345 -1.14 -4.21 -36.82
N ARG D 346 -1.71 -3.66 -37.89
CA ARG D 346 -2.61 -2.52 -37.79
C ARG D 346 -3.85 -2.88 -36.98
N ALA D 347 -4.49 -3.99 -37.32
CA ALA D 347 -5.71 -4.42 -36.64
C ALA D 347 -5.48 -4.53 -35.14
N PHE D 348 -4.36 -5.15 -34.77
CA PHE D 348 -4.06 -5.42 -33.37
C PHE D 348 -3.75 -4.14 -32.60
N ASN D 349 -3.06 -3.20 -33.24
CA ASN D 349 -2.87 -1.88 -32.66
C ASN D 349 -4.20 -1.19 -32.40
N ARG D 350 -5.11 -1.24 -33.37
CA ARG D 350 -6.39 -0.60 -33.23
C ARG D 350 -7.25 -1.28 -32.17
N TYR D 351 -7.19 -2.61 -32.13
CA TYR D 351 -7.88 -3.40 -31.13
C TYR D 351 -7.52 -2.96 -29.70
N ASN D 352 -6.21 -2.90 -29.43
CA ASN D 352 -5.71 -2.40 -28.17
C ASN D 352 -6.21 -0.99 -27.87
N GLU D 353 -6.03 -0.07 -28.81
CA GLU D 353 -6.35 1.33 -28.53
C GLU D 353 -7.84 1.57 -28.32
N LEU D 354 -8.68 0.89 -29.09
CA LEU D 354 -10.11 1.16 -29.06
C LEU D 354 -10.81 0.59 -27.84
N LEU D 355 -10.29 -0.51 -27.30
CA LEU D 355 -10.91 -1.18 -26.17
C LEU D 355 -10.37 -0.73 -24.81
N GLN D 356 -9.22 -0.05 -24.79
CA GLN D 356 -8.61 0.38 -23.54
C GLN D 356 -9.54 1.21 -22.64
N PRO D 357 -10.28 2.16 -23.21
CA PRO D 357 -11.09 3.04 -22.34
C PRO D 357 -12.12 2.29 -21.49
N PHE D 358 -12.82 1.37 -22.13
CA PHE D 358 -13.84 0.56 -21.48
C PHE D 358 -13.19 -0.34 -20.41
N VAL D 359 -12.14 -1.04 -20.81
CA VAL D 359 -11.44 -1.97 -19.90
C VAL D 359 -10.88 -1.26 -18.69
N GLU D 360 -10.21 -0.15 -18.93
CA GLU D 360 -9.60 0.58 -17.83
C GLU D 360 -10.68 1.12 -16.89
N ALA D 361 -11.83 1.51 -17.44
CA ALA D 361 -12.94 1.96 -16.60
C ALA D 361 -13.46 0.79 -15.73
N ASN D 362 -13.69 -0.34 -16.38
CA ASN D 362 -14.17 -1.53 -15.69
C ASN D 362 -13.23 -1.97 -14.57
N GLN D 363 -11.94 -1.98 -14.85
CA GLN D 363 -10.97 -2.40 -13.84
C GLN D 363 -10.94 -1.42 -12.67
N LYS D 364 -11.05 -0.12 -12.96
CA LYS D 364 -11.19 0.89 -11.91
C LYS D 364 -12.43 0.62 -11.06
N PHE D 365 -13.57 0.44 -11.73
CA PHE D 365 -14.81 0.09 -11.04
C PHE D 365 -14.63 -1.11 -10.12
N GLY D 366 -13.90 -2.11 -10.60
CA GLY D 366 -13.65 -3.33 -9.83
C GLY D 366 -12.91 -3.06 -8.53
N VAL D 367 -11.88 -2.25 -8.60
CA VAL D 367 -11.10 -1.86 -7.42
C VAL D 367 -11.97 -1.06 -6.44
N LEU D 368 -12.83 -0.20 -6.99
CA LEU D 368 -13.73 0.61 -6.17
C LEU D 368 -14.76 -0.25 -5.43
N VAL D 369 -15.37 -1.19 -6.14
CA VAL D 369 -16.30 -2.14 -5.51
C VAL D 369 -15.59 -2.96 -4.44
N ASN D 370 -14.37 -3.41 -4.72
CA ASN D 370 -13.59 -4.22 -3.79
C ASN D 370 -13.50 -3.55 -2.42
N GLU D 371 -13.40 -2.23 -2.42
CA GLU D 371 -13.16 -1.47 -1.20
C GLU D 371 -14.31 -1.63 -0.20
N SER D 372 -15.51 -1.83 -0.73
CA SER D 372 -16.73 -1.97 0.07
C SER D 372 -17.23 -3.41 0.28
N PHE D 373 -16.49 -4.41 -0.22
CA PHE D 373 -17.02 -5.78 -0.28
C PHE D 373 -16.53 -6.67 0.85
N LEU D 374 -17.48 -7.28 1.56
CA LEU D 374 -17.18 -8.18 2.68
C LEU D 374 -16.20 -7.53 3.64
N VAL D 375 -16.57 -6.35 4.11
CA VAL D 375 -15.78 -5.59 5.07
C VAL D 375 -16.07 -6.03 6.50
N ARG D 376 -15.32 -5.44 7.44
CA ARG D 376 -15.41 -5.59 8.91
C ARG D 376 -14.06 -6.05 9.43
N ALA D 384 -23.44 0.71 2.66
CA ALA D 384 -23.07 0.24 1.34
C ALA D 384 -24.20 0.38 0.35
N GLU D 385 -25.45 0.43 0.83
CA GLU D 385 -26.57 0.50 -0.09
C GLU D 385 -26.42 1.75 -0.97
N GLU D 386 -26.21 2.92 -0.38
CA GLU D 386 -26.07 4.13 -1.19
C GLU D 386 -24.79 4.08 -2.06
N ARG D 387 -23.67 3.63 -1.50
CA ARG D 387 -22.43 3.64 -2.27
C ARG D 387 -22.34 2.59 -3.38
N SER D 388 -22.64 1.33 -3.05
CA SER D 388 -22.62 0.29 -4.10
C SER D 388 -23.61 0.62 -5.20
N ASN D 389 -24.77 1.14 -4.81
CA ASN D 389 -25.81 1.45 -5.78
C ASN D 389 -25.40 2.57 -6.72
N LYS D 390 -24.66 3.55 -6.20
CA LYS D 390 -24.19 4.63 -7.03
C LYS D 390 -23.14 4.09 -8.00
N ILE D 391 -22.26 3.22 -7.51
CA ILE D 391 -21.22 2.67 -8.38
C ILE D 391 -21.87 1.82 -9.47
N MET D 392 -22.86 1.01 -9.13
CA MET D 392 -23.49 0.17 -10.14
C MET D 392 -24.23 1.03 -11.18
N GLN D 393 -24.85 2.14 -10.75
CA GLN D 393 -25.46 3.08 -11.71
C GLN D 393 -24.41 3.62 -12.69
N GLU D 394 -23.25 3.96 -12.14
CA GLU D 394 -22.15 4.51 -12.95
C GLU D 394 -21.68 3.48 -13.95
N ILE D 395 -21.59 2.23 -13.52
CA ILE D 395 -21.22 1.15 -14.43
C ILE D 395 -22.21 1.05 -15.58
N LYS D 396 -23.50 1.15 -15.30
CA LYS D 396 -24.50 1.11 -16.38
C LYS D 396 -24.35 2.30 -17.31
N ILE D 397 -24.11 3.48 -16.75
CA ILE D 397 -23.99 4.68 -17.57
C ILE D 397 -22.81 4.54 -18.50
N VAL D 398 -21.67 4.13 -17.96
CA VAL D 398 -20.47 3.98 -18.76
C VAL D 398 -20.67 2.92 -19.82
N SER D 399 -21.32 1.82 -19.46
CA SER D 399 -21.50 0.73 -20.41
C SER D 399 -22.31 1.18 -21.63
N ASN D 400 -23.21 2.14 -21.40
CA ASN D 400 -24.07 2.63 -22.47
C ASN D 400 -23.49 3.79 -23.29
N MET D 401 -22.47 4.47 -22.77
CA MET D 401 -21.90 5.62 -23.50
C MET D 401 -20.69 5.29 -24.36
N ILE D 402 -20.16 4.09 -24.22
CA ILE D 402 -19.01 3.64 -24.98
C ILE D 402 -19.24 3.82 -26.47
N SER D 403 -18.31 4.47 -27.15
CA SER D 403 -18.40 4.62 -28.60
C SER D 403 -17.85 3.37 -29.25
N LEU D 404 -18.58 2.83 -30.21
CA LEU D 404 -18.14 1.64 -30.95
C LEU D 404 -18.05 1.95 -32.43
N PRO D 405 -16.99 1.47 -33.10
CA PRO D 405 -16.92 1.68 -34.54
C PRO D 405 -18.04 0.96 -35.28
N ASN D 406 -18.35 1.43 -36.49
CA ASN D 406 -19.21 0.69 -37.40
C ASN D 406 -18.34 -0.02 -38.44
N TYR D 407 -18.74 -1.24 -38.78
CA TYR D 407 -18.00 -2.02 -39.77
C TYR D 407 -18.93 -2.44 -40.90
C1 GOL E . -20.03 33.02 -31.00
O1 GOL E . -21.08 32.28 -30.41
C2 GOL E . -20.41 34.50 -31.01
O2 GOL E . -21.44 34.75 -31.96
C3 GOL E . -20.85 34.86 -29.60
O3 GOL E . -20.88 36.26 -29.47
H11 GOL E . -19.85 32.67 -32.01
H12 GOL E . -19.12 32.87 -30.42
HO1 GOL E . -20.88 31.33 -30.46
H2 GOL E . -19.52 35.08 -31.26
HO2 GOL E . -22.23 34.23 -31.73
H31 GOL E . -20.14 34.44 -28.88
H32 GOL E . -21.83 34.44 -29.40
HO3 GOL E . -21.13 36.66 -30.32
PA FAD F . -12.44 31.47 -13.15
O1A FAD F . -13.46 31.18 -14.18
O2A FAD F . -11.05 31.83 -13.56
O5B FAD F . -13.07 32.70 -12.34
C5B FAD F . -12.31 33.42 -11.40
C4B FAD F . -13.16 34.59 -10.96
O4B FAD F . -12.59 35.16 -9.78
C3B FAD F . -13.11 35.65 -12.05
O3B FAD F . -14.43 36.19 -12.21
C2B FAD F . -12.09 36.62 -11.50
O2B FAD F . -12.20 37.94 -11.99
C1B FAD F . -12.36 36.54 -10.01
N9A FAD F . -11.23 37.01 -9.17
C8A FAD F . -9.91 36.82 -9.40
N7A FAD F . -9.19 37.37 -8.39
C5A FAD F . -10.06 37.90 -7.52
C6A FAD F . -9.97 38.62 -6.26
N6A FAD F . -8.75 38.87 -5.75
N1A FAD F . -11.11 39.01 -5.64
C2A FAD F . -12.32 38.73 -6.18
N3A FAD F . -12.48 38.09 -7.35
C4A FAD F . -11.40 37.66 -8.04
N1 FAD F . -10.71 28.89 -19.69
C2 FAD F . -10.64 28.33 -20.92
O2 FAD F . -10.26 27.15 -21.00
N3 FAD F . -10.96 28.99 -22.04
C4 FAD F . -11.37 30.27 -22.04
O4 FAD F . -11.68 30.87 -23.09
C4X FAD F . -11.50 30.95 -20.74
N5 FAD F . -11.91 32.23 -20.64
C5X FAD F . -12.00 32.82 -19.43
C6 FAD F . -12.44 34.15 -19.36
C7 FAD F . -12.55 34.81 -18.15
C7M FAD F . -13.01 36.24 -18.17
C8 FAD F . -12.17 34.10 -16.90
C8M FAD F . -12.30 34.78 -15.55
C9 FAD F . -11.75 32.76 -16.94
C9A FAD F . -11.65 32.10 -18.17
N10 FAD F . -11.21 30.74 -18.28
C10 FAD F . -11.14 30.16 -19.56
C1' FAD F . -10.87 29.89 -17.14
C2' FAD F . -12.08 28.96 -16.87
O2' FAD F . -13.27 29.71 -16.57
C3' FAD F . -11.74 28.03 -15.70
O3' FAD F . -10.76 27.15 -16.25
C4' FAD F . -12.91 27.20 -15.14
O4' FAD F . -13.81 26.84 -16.18
C5' FAD F . -13.78 27.86 -14.07
O5' FAD F . -12.89 28.15 -13.04
P FAD F . -13.20 29.03 -11.74
O1P FAD F . -14.63 29.47 -11.65
O2P FAD F . -12.55 28.37 -10.55
O3P FAD F . -12.30 30.33 -12.02
H51A FAD F . -11.38 33.77 -11.86
H52A FAD F . -12.06 32.78 -10.55
H4B FAD F . -14.19 34.27 -10.80
H3B FAD F . -12.74 35.20 -12.98
HO3A FAD F . -14.39 36.90 -12.87
H2B FAD F . -11.08 36.22 -11.70
HO2A FAD F . -11.99 37.96 -12.93
H1B FAD F . -13.27 37.11 -9.79
H8A FAD F . -9.49 36.32 -10.26
H61A FAD F . -7.93 38.56 -6.25
H62A FAD F . -8.66 39.36 -4.87
H2A FAD F . -13.20 39.07 -5.66
HN3 FAD F . -10.87 28.50 -22.95
H6 FAD F . -12.68 34.67 -20.28
HM71 FAD F . -14.07 36.27 -18.07
HM72 FAD F . -12.74 36.69 -19.08
HM73 FAD F . -12.56 36.76 -17.37
HM81 FAD F . -11.37 35.23 -15.30
HM82 FAD F . -12.54 34.05 -14.82
HM83 FAD F . -13.06 35.50 -15.59
H9 FAD F . -11.52 32.24 -16.03
H1'1 FAD F . -10.66 30.50 -16.26
H1'2 FAD F . -9.99 29.29 -17.36
H2' FAD F . -12.25 28.35 -17.76
HO2' FAD F . -13.14 30.24 -15.77
H3' FAD F . -11.30 28.62 -14.89
HO3' FAD F . -11.16 26.61 -16.95
H4' FAD F . -12.49 26.28 -14.71
HO4' FAD F . -14.24 27.64 -16.51
H5'1 FAD F . -14.55 27.18 -13.73
H5'2 FAD F . -14.24 28.77 -14.45
C1 GOL G . 32.65 4.34 21.54
O1 GOL G . 33.26 3.90 22.75
C2 GOL G . 31.23 4.85 21.69
O2 GOL G . 30.46 4.01 22.53
C3 GOL G . 31.34 6.30 22.12
O3 GOL G . 31.77 7.13 21.06
H11 GOL G . 32.66 3.51 20.82
H12 GOL G . 33.26 5.13 21.12
HO1 GOL G . 34.15 3.53 22.55
H2 GOL G . 30.78 4.83 20.69
HO2 GOL G . 30.86 4.01 23.43
H31 GOL G . 32.04 6.38 22.94
H32 GOL G . 30.37 6.64 22.48
HO3 GOL G . 31.88 8.04 21.39
PA FAD H . 12.98 9.66 18.75
O1A FAD H . 14.15 9.80 19.65
O2A FAD H . 13.05 9.55 17.24
O5B FAD H . 12.19 8.42 19.37
C5B FAD H . 11.12 7.81 18.70
C4B FAD H . 10.82 6.57 19.50
O4B FAD H . 9.51 6.15 19.20
C3B FAD H . 11.77 5.47 19.10
O3B FAD H . 12.20 4.75 20.25
C2B FAD H . 10.95 4.65 18.17
O2B FAD H . 11.34 3.29 18.01
C1B FAD H . 9.56 4.79 18.77
N9A FAD H . 8.46 4.57 17.80
C8A FAD H . 8.41 4.97 16.51
N7A FAD H . 7.24 4.60 15.95
C5A FAD H . 6.52 3.95 16.89
C6A FAD H . 5.19 3.32 16.96
N6A FAD H . 4.44 3.30 15.87
N1A FAD H . 4.80 2.76 18.12
C2A FAD H . 5.61 2.81 19.20
N3A FAD H . 6.83 3.36 19.21
C4A FAD H . 7.32 3.94 18.10
N1 FAD H . 19.09 12.28 15.98
C2 FAD H . 20.30 12.82 15.70
O2 FAD H . 20.38 14.06 15.49
N3 FAD H . 21.42 12.08 15.63
C4 FAD H . 21.43 10.76 15.85
O4 FAD H . 22.49 10.09 15.78
C4X FAD H . 20.14 10.10 16.17
N5 FAD H . 20.06 8.77 16.41
C5X FAD H . 18.87 8.20 16.70
C6 FAD H . 18.81 6.85 16.93
C7 FAD H . 17.60 6.22 17.23
C7M FAD H . 17.57 4.73 17.47
C8 FAD H . 16.36 7.04 17.29
C8M FAD H . 15.03 6.40 17.62
C9 FAD H . 16.42 8.40 17.07
C9A FAD H . 17.62 9.03 16.77
N10 FAD H . 17.71 10.43 16.53
C10 FAD H . 18.96 10.97 16.23
C1' FAD H . 16.55 11.34 16.60
C2' FAD H . 16.65 12.09 17.94
O2' FAD H . 16.63 11.17 19.04
C3' FAD H . 15.52 13.13 18.04
O3' FAD H . 15.83 14.12 17.07
C4' FAD H . 15.33 13.79 19.44
O4' FAD H . 16.55 13.89 20.17
C5' FAD H . 14.36 13.07 20.38
O5' FAD H . 13.17 12.87 19.68
P FAD H . 11.94 12.00 20.18
O1P FAD H . 12.18 11.43 21.55
O2P FAD H . 10.72 12.85 19.92
O3P FAD H . 11.91 10.82 19.09
H51A FAD H . 11.39 7.55 17.68
H52A FAD H . 10.25 8.48 18.69
H4B FAD H . 10.93 6.79 20.58
H3B FAD H . 12.62 5.90 18.56
HO3A FAD H . 12.77 4.01 19.98
H2B FAD H . 10.95 5.14 17.18
HO2A FAD H . 12.20 3.26 17.57
H1B FAD H . 9.47 4.11 19.62
H8A FAD H . 9.20 5.50 16.00
H61A FAD H . 4.77 3.73 15.02
H62A FAD H . 3.52 2.86 15.90
H2A FAD H . 5.25 2.34 20.11
HN3 FAD H . 22.32 12.56 15.41
H6 FAD H . 19.71 6.25 16.87
HM71 FAD H . 17.70 4.52 18.51
HM72 FAD H . 18.35 4.26 16.91
HM73 FAD H . 16.64 4.33 17.16
HM81 FAD H . 14.56 6.09 16.73
HM82 FAD H . 14.42 7.09 18.14
HM83 FAD H . 15.20 5.55 18.24
H9 FAD H . 15.51 8.98 17.13
H1'1 FAD H . 15.62 10.78 16.55
H1'2 FAD H . 16.58 12.06 15.77
H2' FAD H . 17.60 12.63 17.94
HO2' FAD H . 15.79 10.70 19.06
H3' FAD H . 14.59 12.64 17.77
HO3' FAD H . 16.65 14.58 17.32
H4' FAD H . 14.94 14.80 19.26
HO4' FAD H . 16.87 12.99 20.39
H5'1 FAD H . 14.17 13.68 21.27
H5'2 FAD H . 14.77 12.11 20.70
C1 GOL I . 10.80 -21.70 31.69
O1 GOL I . 11.85 -20.78 31.76
C2 GOL I . 10.97 -22.79 32.74
O2 GOL I . 10.55 -22.41 34.03
C3 GOL I . 10.19 -24.02 32.29
O3 GOL I . 11.14 -25.06 32.22
H11 GOL I . 10.76 -22.15 30.70
H12 GOL I . 9.85 -21.18 31.87
HO1 GOL I . 11.75 -20.12 31.04
H2 GOL I . 12.03 -23.05 32.77
HO2 GOL I . 9.59 -22.21 34.01
H31 GOL I . 9.73 -23.85 31.32
H32 GOL I . 9.42 -24.27 33.02
HO3 GOL I . 11.05 -25.51 31.36
PA FAD J . 13.88 -24.06 13.05
O1A FAD J . 14.18 -24.52 14.43
O2A FAD J . 12.51 -23.64 12.60
O5B FAD J . 14.96 -22.89 12.79
C5B FAD J . 14.88 -22.04 11.68
C4B FAD J . 15.83 -20.89 11.93
O4B FAD J . 16.11 -20.21 10.71
C3B FAD J . 15.18 -19.88 12.86
O3B FAD J . 16.17 -19.48 13.82
C2B FAD J . 14.73 -18.80 11.94
O2B FAD J . 14.65 -17.46 12.46
C1B FAD J . 15.81 -18.83 10.88
N9A FAD J . 15.36 -18.28 9.59
C8A FAD J . 14.15 -18.43 9.01
N7A FAD J . 14.13 -17.79 7.82
C5A FAD J . 15.33 -17.25 7.63
C6A FAD J . 15.96 -16.44 6.58
N6A FAD J . 15.25 -16.11 5.50
N1A FAD J . 17.24 -16.06 6.76
C2A FAD J . 17.92 -16.40 7.87
N3A FAD J . 17.41 -17.13 8.86
C4A FAD J . 16.14 -17.56 8.80
N1 FAD J . 8.84 -26.87 17.26
C2 FAD J . 8.07 -27.50 18.17
O2 FAD J . 7.70 -28.66 17.92
N3 FAD J . 7.69 -26.94 19.32
C4 FAD J . 8.06 -25.69 19.65
O4 FAD J . 7.71 -25.18 20.72
C4X FAD J . 8.91 -24.92 18.72
N5 FAD J . 9.32 -23.67 18.99
C5X FAD J . 10.09 -23.02 18.10
C6 FAD J . 10.51 -21.73 18.37
C7 FAD J . 11.29 -21.01 17.49
C7M FAD J . 11.72 -19.61 17.85
C8 FAD J . 11.70 -21.65 16.20
C8M FAD J . 12.56 -20.94 15.20
C9 FAD J . 11.30 -22.93 15.91
C9A FAD J . 10.50 -23.66 16.81
N10 FAD J . 10.06 -24.97 16.52
C10 FAD J . 9.27 -25.61 17.48
C1' FAD J . 10.43 -25.75 15.33
C2' FAD J . 11.52 -26.76 15.72
O2' FAD J . 12.70 -26.14 16.26
C3' FAD J . 11.86 -27.62 14.52
O3' FAD J . 10.70 -28.43 14.31
C4' FAD J . 13.11 -28.52 14.68
O4' FAD J . 13.25 -28.96 16.02
C5' FAD J . 14.46 -27.90 14.26
O5' FAD J . 14.31 -27.47 12.93
P FAD J . 15.26 -26.47 12.13
O1P FAD J . 16.53 -26.17 12.89
O2P FAD J . 15.43 -27.02 10.74
O3P FAD J . 14.40 -25.14 11.95
H51A FAD J . 13.86 -21.68 11.55
H52A FAD J . 15.18 -22.58 10.77
H4B FAD J . 16.74 -21.26 12.40
H3B FAD J . 14.31 -20.34 13.36
HO3A FAD J . 15.80 -18.78 14.38
H2B FAD J . 13.77 -19.08 11.47
HO2A FAD J . 13.94 -17.43 13.13
H1B FAD J . 16.69 -18.29 11.25
H8A FAD J . 13.31 -18.97 9.45
H61A FAD J . 14.29 -16.42 5.41
H62A FAD J . 15.67 -15.56 4.77
H2A FAD J . 18.95 -16.07 7.95
HN3 FAD J . 7.10 -27.48 19.98
H6 FAD J . 10.20 -21.26 19.30
HM71 FAD J . 12.63 -19.64 18.38
HM72 FAD J . 10.97 -19.17 18.46
HM73 FAD J . 11.83 -19.03 16.97
HM81 FAD J . 11.94 -20.42 14.51
HM82 FAD J . 13.15 -21.64 14.68
HM83 FAD J . 13.19 -20.25 15.70
H9 FAD J . 11.61 -23.39 14.98
H1'1 FAD J . 10.81 -25.07 14.55
H1'2 FAD J . 9.55 -26.27 14.94
H2' FAD J . 11.10 -27.43 16.49
HO2' FAD J . 13.10 -25.58 15.59
H3' FAD J . 12.02 -26.96 13.65
HO3' FAD J . 10.58 -29.02 15.06
H4' FAD J . 12.96 -29.41 14.03
HO4' FAD J . 13.46 -28.21 16.58
H5'1 FAD J . 15.26 -28.64 14.33
H5'2 FAD J . 14.71 -27.05 14.91
C1 GOL K . -30.82 -22.82 -11.81
O1 GOL K . -31.11 -23.98 -12.52
C2 GOL K . -32.07 -22.01 -11.65
O2 GOL K . -33.09 -22.53 -10.82
C3 GOL K . -31.66 -20.65 -11.11
O3 GOL K . -32.19 -19.84 -12.10
H11 GOL K . -30.07 -22.25 -12.34
H12 GOL K . -30.42 -23.08 -10.82
HO1 GOL K . -30.28 -24.48 -12.68
H2 GOL K . -32.48 -21.85 -12.64
HO2 GOL K . -32.77 -22.61 -9.91
H31 GOL K . -30.58 -20.56 -11.05
H32 GOL K . -32.12 -20.45 -10.14
HO3 GOL K . -31.62 -19.05 -12.20
PA FAD L . -14.35 -17.78 -19.45
O1A FAD L . -15.81 -17.50 -19.45
O2A FAD L . -13.55 -18.04 -18.21
O5B FAD L . -14.19 -19.06 -20.41
C5B FAD L . -12.93 -19.66 -20.61
C4B FAD L . -13.17 -20.86 -21.51
O4B FAD L . -11.94 -21.32 -22.05
C3B FAD L . -13.75 -21.97 -20.67
O3B FAD L . -14.82 -22.62 -21.34
C2B FAD L . -12.59 -22.89 -20.43
O2B FAD L . -12.95 -24.26 -20.23
C1B FAD L . -11.80 -22.71 -21.70
N9A FAD L . -10.37 -23.02 -21.59
C8A FAD L . -9.54 -22.70 -20.57
N7A FAD L . -8.28 -23.13 -20.85
C5A FAD L . -8.31 -23.72 -22.06
C6A FAD L . -7.33 -24.38 -22.93
N6A FAD L . -6.06 -24.49 -22.52
N1A FAD L . -7.76 -24.87 -24.10
C2A FAD L . -9.04 -24.76 -24.48
N3A FAD L . -10.00 -24.18 -23.74
C4A FAD L . -9.68 -23.65 -22.54
N1 FAD L . -17.61 -15.36 -13.49
C2 FAD L . -18.41 -14.85 -12.51
O2 FAD L . -18.26 -13.64 -12.25
N3 FAD L . -19.32 -15.57 -11.85
C4 FAD L . -19.52 -16.88 -12.11
O4 FAD L . -20.37 -17.55 -11.50
C4X FAD L . -18.70 -17.54 -13.15
N5 FAD L . -18.84 -18.85 -13.45
C5X FAD L . -18.06 -19.39 -14.42
C6 FAD L . -18.21 -20.75 -14.73
C7 FAD L . -17.44 -21.34 -15.72
C7M FAD L . -17.63 -22.82 -16.02
C8 FAD L . -16.41 -20.54 -16.42
C8M FAD L . -15.55 -21.16 -17.49
C9 FAD L . -16.26 -19.19 -16.13
C9A FAD L . -17.03 -18.58 -15.14
N10 FAD L . -16.89 -17.20 -14.82
C10 FAD L . -17.72 -16.67 -13.83
C1' FAD L . -15.95 -16.27 -15.47
C2' FAD L . -16.76 -15.39 -16.44
O2' FAD L . -17.37 -16.17 -17.47
C3' FAD L . -15.84 -14.34 -17.07
O3' FAD L . -15.57 -13.45 -15.98
C4' FAD L . -16.43 -13.61 -18.31
O4' FAD L . -17.83 -13.41 -18.16
C5' FAD L . -16.25 -14.28 -19.68
O5' FAD L . -14.88 -14.54 -19.85
P FAD L . -14.20 -15.37 -21.04
O1P FAD L . -15.19 -15.82 -22.06
O2P FAD L . -13.00 -14.60 -21.52
O3P FAD L . -13.56 -16.64 -20.26
H51A FAD L . -12.51 -19.99 -19.65
H52A FAD L . -12.24 -18.97 -21.08
H4B FAD L . -13.87 -20.59 -22.31
H3B FAD L . -14.09 -21.56 -19.71
HO3A FAD L . -15.13 -23.37 -20.79
H2B FAD L . -12.00 -22.52 -19.58
HO2A FAD L . -13.43 -24.35 -19.40
H1B FAD L . -12.25 -23.33 -22.48
H8A FAD L . -9.83 -22.18 -19.67
H61A FAD L . -5.78 -24.11 -21.63
H62A FAD L . -5.37 -24.94 -23.12
H2A FAD L . -9.33 -25.17 -25.45
HN3 FAD L . -19.90 -15.11 -11.12
H6 FAD L . -18.95 -21.34 -14.20
HM71 FAD L . -18.34 -22.94 -16.80
HM72 FAD L . -17.98 -23.32 -15.15
HM73 FAD L . -16.70 -23.25 -16.31
HM81 FAD L . -14.66 -21.53 -17.06
HM82 FAD L . -15.31 -20.43 -18.22
HM83 FAD L . -16.07 -21.96 -17.95
H9 FAD L . -15.52 -18.61 -16.66
H1'1 FAD L . -15.19 -16.82 -16.01
H1'2 FAD L . -15.47 -15.63 -14.72
H2' FAD L . -17.54 -14.86 -15.87
HO2' FAD L . -16.68 -16.62 -17.98
H3' FAD L . -14.90 -14.84 -17.37
HO3' FAD L . -16.40 -13.03 -15.70
H4' FAD L . -15.94 -12.63 -18.36
HO4' FAD L . -18.29 -14.26 -18.20
H5'1 FAD L . -16.61 -13.61 -20.47
H5'2 FAD L . -16.83 -15.21 -19.72
#